data_7DK2
#
_entry.id   7DK2
#
_cell.length_a   113.730
_cell.length_b   102.810
_cell.length_c   163.420
_cell.angle_alpha   90.000
_cell.angle_beta   107.160
_cell.angle_gamma   90.000
#
_symmetry.space_group_name_H-M   'P 1 21 1'
#
loop_
_entity.id
_entity.type
_entity.pdbx_description
1 polymer 'MW07 heavy chain'
2 polymer 'MW07 light chain'
3 polymer 'Spike protein S1'
4 non-polymer 2-acetamido-2-deoxy-beta-D-glucopyranose
5 water water
#
loop_
_entity_poly.entity_id
_entity_poly.type
_entity_poly.pdbx_seq_one_letter_code
_entity_poly.pdbx_strand_id
1 'polypeptide(L)'
;EVQLVESGGGLVQPGGSLRLSCAASGFTFSSYWMSWVRQAPGKGLEWVANIKQDASEKYYLDSLKGRFTISRDNAKNSLY
LQMNSLRAEDTAVYYCARDLGILWFGDYPWGQGTLVTVSSASTKGPSVFPLAPSSKSTSGGTAALGCLVKDYFPEPVTVS
WNSGALTSGVHTFPAVLQSSGLYSLSSVVTVPSSSLGTQTYICNVNHKPSNTKVDKKVEPKSC
;
A,D,G,J
2 'polypeptide(L)'
;DIQMTQSPSSLSASVGDRVTITCRASQGISNSLAWYQQKPGKAPKLLLYAASTLESGVPSRFSGSGSGTDFTLTISSLQP
EDFATYYCQQFYSTPRTFGQGTKVEIKRTVAAPSVFIFPPSDEQLKSGTASVVCLLNNFYPREAKVQWKVDNALQSGNSQ
ESVTEQDSKDSTYSLSSTLTLSKADYEKHKVYACEVTHQGLSSPVTKSFNRGEC
;
B,E,H,K
3 'polypeptide(L)'
;RVQPTESIVRFPNITNLCPFGEVFNATRFASVYAWNRKRISNCVADYSVLYNSASFSTFKCYGVSPTKLNDLCFTNVYAD
SFVIRGDEVRQIAPGQTGKIADYNYKLPDDFTGCVIAWNSNNLDSKVGGNYNYLYRLFRKSNLKPFERDISTEIYQAGST
PCNGVEGFNCYFPLQSYGFQPTNGVGYQPYRVVVLSFELLHAPATVCGPKKSTNLVKNKCVNF
;
C,F,I,L
#
loop_
_chem_comp.id
_chem_comp.type
_chem_comp.name
_chem_comp.formula
NAG D-saccharide, beta linking 2-acetamido-2-deoxy-beta-D-glucopyranose 'C8 H15 N O6'
#
# COMPACT_ATOMS: atom_id res chain seq x y z
N GLU A 1 -41.15 -15.00 -4.27
CA GLU A 1 -40.56 -13.80 -4.88
C GLU A 1 -39.99 -12.93 -3.77
N VAL A 2 -38.83 -12.32 -4.00
CA VAL A 2 -38.20 -11.49 -2.98
C VAL A 2 -38.83 -10.11 -3.04
N GLN A 3 -39.62 -9.76 -2.02
CA GLN A 3 -40.32 -8.49 -1.93
C GLN A 3 -39.67 -7.67 -0.82
N LEU A 4 -39.12 -6.51 -1.19
CA LEU A 4 -38.50 -5.60 -0.25
C LEU A 4 -39.12 -4.21 -0.45
N VAL A 5 -39.71 -3.67 0.61
CA VAL A 5 -40.48 -2.43 0.55
C VAL A 5 -39.83 -1.40 1.46
N GLU A 6 -39.33 -0.32 0.87
CA GLU A 6 -38.72 0.77 1.63
C GLU A 6 -39.76 1.81 2.02
N SER A 7 -39.55 2.43 3.18
CA SER A 7 -40.44 3.48 3.65
C SER A 7 -39.67 4.42 4.57
N GLY A 8 -40.16 5.65 4.66
CA GLY A 8 -39.64 6.63 5.62
C GLY A 8 -38.93 7.82 5.02
N GLY A 9 -38.61 7.82 3.74
CA GLY A 9 -37.96 8.97 3.15
C GLY A 9 -38.85 10.20 3.18
N GLY A 10 -38.22 11.37 3.18
CA GLY A 10 -38.98 12.60 3.17
C GLY A 10 -38.07 13.80 3.18
N LEU A 11 -38.62 14.93 3.59
CA LEU A 11 -37.87 16.17 3.67
C LEU A 11 -37.42 16.36 5.11
N VAL A 12 -36.11 16.37 5.33
CA VAL A 12 -35.53 16.70 6.62
C VAL A 12 -34.57 17.86 6.43
N GLN A 13 -34.52 18.73 7.42
CA GLN A 13 -33.56 19.82 7.41
C GLN A 13 -32.18 19.30 7.77
N PRO A 14 -31.12 20.01 7.39
CA PRO A 14 -29.77 19.57 7.75
C PRO A 14 -29.63 19.47 9.26
N GLY A 15 -28.91 18.44 9.71
CA GLY A 15 -28.78 18.17 11.12
C GLY A 15 -29.86 17.27 11.70
N GLY A 16 -31.02 17.20 11.07
CA GLY A 16 -32.07 16.33 11.55
C GLY A 16 -31.75 14.87 11.31
N SER A 17 -32.62 14.02 11.83
CA SER A 17 -32.49 12.58 11.66
C SER A 17 -33.70 12.05 10.91
N LEU A 18 -33.67 10.74 10.66
CA LEU A 18 -34.73 10.02 9.98
C LEU A 18 -34.47 8.54 10.24
N ARG A 19 -35.51 7.73 10.10
CA ARG A 19 -35.37 6.29 10.28
C ARG A 19 -36.10 5.60 9.14
N LEU A 20 -35.36 4.84 8.35
CA LEU A 20 -35.94 4.15 7.21
C LEU A 20 -36.21 2.72 7.57
N SER A 21 -37.28 2.17 6.99
CA SER A 21 -37.66 0.80 7.22
C SER A 21 -37.74 0.06 5.91
N CYS A 22 -37.54 -1.25 5.99
CA CYS A 22 -37.56 -2.16 4.85
C CYS A 22 -38.31 -3.39 5.31
N ALA A 23 -39.51 -3.59 4.76
CA ALA A 23 -40.30 -4.78 5.04
C ALA A 23 -39.97 -5.83 4.01
N ALA A 24 -39.67 -7.04 4.48
CA ALA A 24 -39.18 -8.12 3.64
C ALA A 24 -40.16 -9.30 3.67
N SER A 25 -40.27 -9.98 2.53
CA SER A 25 -41.07 -11.20 2.47
C SER A 25 -40.68 -11.97 1.21
N GLY A 26 -41.06 -13.26 1.19
CA GLY A 26 -40.76 -14.14 0.08
C GLY A 26 -39.53 -15.00 0.23
N PHE A 27 -38.77 -14.85 1.32
CA PHE A 27 -37.58 -15.65 1.55
C PHE A 27 -37.37 -15.73 3.05
N THR A 28 -36.40 -16.55 3.46
CA THR A 28 -36.09 -16.69 4.88
C THR A 28 -35.17 -15.55 5.28
N PHE A 29 -35.76 -14.55 5.94
CA PHE A 29 -35.03 -13.33 6.34
C PHE A 29 -33.82 -13.64 7.21
N SER A 30 -33.86 -14.76 7.94
CA SER A 30 -32.80 -15.09 8.90
C SER A 30 -31.55 -15.64 8.24
N SER A 31 -31.63 -16.08 6.98
CA SER A 31 -30.50 -16.73 6.31
C SER A 31 -29.60 -15.75 5.59
N TYR A 32 -29.97 -14.48 5.51
CA TYR A 32 -29.25 -13.51 4.70
C TYR A 32 -28.79 -12.33 5.54
N TRP A 33 -27.66 -11.75 5.14
CA TRP A 33 -27.34 -10.40 5.58
C TRP A 33 -28.33 -9.43 4.95
N MET A 34 -28.26 -8.17 5.38
CA MET A 34 -29.05 -7.13 4.73
C MET A 34 -28.20 -5.89 4.51
N SER A 35 -28.35 -5.26 3.34
CA SER A 35 -27.57 -4.09 2.98
C SER A 35 -28.49 -2.92 2.64
N TRP A 36 -28.03 -1.72 2.98
CA TRP A 36 -28.63 -0.47 2.51
C TRP A 36 -27.71 0.13 1.47
N VAL A 37 -28.29 0.45 0.30
CA VAL A 37 -27.60 1.05 -0.83
C VAL A 37 -28.36 2.31 -1.22
N ARG A 38 -27.69 3.45 -1.27
CA ARG A 38 -28.34 4.66 -1.71
C ARG A 38 -27.88 5.05 -3.11
N GLN A 39 -28.69 5.88 -3.76
CA GLN A 39 -28.33 6.43 -5.07
C GLN A 39 -28.74 7.90 -5.11
N ALA A 40 -27.75 8.78 -5.22
CA ALA A 40 -28.00 10.21 -5.28
C ALA A 40 -28.73 10.56 -6.57
N PRO A 41 -29.26 11.79 -6.69
CA PRO A 41 -29.89 12.20 -7.95
C PRO A 41 -29.00 12.01 -9.17
N GLY A 42 -29.35 11.02 -9.99
CA GLY A 42 -28.59 10.69 -11.19
C GLY A 42 -27.11 10.51 -10.93
N LYS A 43 -26.74 9.60 -10.02
CA LYS A 43 -25.33 9.45 -9.69
C LYS A 43 -24.89 8.03 -9.30
N GLY A 44 -25.69 7.00 -9.52
CA GLY A 44 -25.21 5.64 -9.37
C GLY A 44 -25.12 5.17 -7.92
N LEU A 45 -24.92 3.86 -7.79
CA LEU A 45 -25.10 3.16 -6.53
C LEU A 45 -23.90 3.36 -5.59
N GLU A 46 -24.21 3.56 -4.31
CA GLU A 46 -23.20 3.74 -3.27
C GLU A 46 -23.63 2.90 -2.07
N TRP A 47 -22.92 1.81 -1.82
CA TRP A 47 -23.26 0.96 -0.69
C TRP A 47 -22.95 1.67 0.61
N VAL A 48 -23.89 1.62 1.57
CA VAL A 48 -23.75 2.42 2.79
C VAL A 48 -23.77 1.56 4.05
N ALA A 49 -24.49 0.44 4.05
CA ALA A 49 -24.54 -0.27 5.31
C ALA A 49 -24.82 -1.76 5.13
N ASN A 50 -24.39 -2.54 6.12
CA ASN A 50 -24.41 -4.00 6.08
C ASN A 50 -24.67 -4.50 7.48
N ILE A 51 -25.58 -5.46 7.61
CA ILE A 51 -25.89 -6.04 8.91
C ILE A 51 -25.98 -7.55 8.78
N LYS A 52 -25.46 -8.24 9.79
CA LYS A 52 -25.34 -9.69 9.82
C LYS A 52 -26.72 -10.32 10.05
N GLN A 53 -26.75 -11.65 10.06
CA GLN A 53 -27.99 -12.38 10.29
C GLN A 53 -28.51 -12.12 11.70
N ASP A 54 -27.70 -12.43 12.71
CA ASP A 54 -28.06 -12.18 14.10
C ASP A 54 -27.72 -10.77 14.56
N ALA A 55 -27.38 -9.88 13.63
CA ALA A 55 -27.07 -8.49 13.92
C ALA A 55 -25.91 -8.33 14.89
N SER A 56 -25.03 -9.32 14.97
CA SER A 56 -23.85 -9.22 15.82
C SER A 56 -22.68 -8.54 15.14
N GLU A 57 -22.80 -8.21 13.85
CA GLU A 57 -21.78 -7.48 13.11
C GLU A 57 -22.45 -6.46 12.20
N LYS A 58 -21.93 -5.23 12.21
CA LYS A 58 -22.46 -4.14 11.41
C LYS A 58 -21.30 -3.41 10.72
N TYR A 59 -21.47 -3.12 9.44
CA TYR A 59 -20.44 -2.46 8.65
C TYR A 59 -21.01 -1.27 7.89
N TYR A 60 -20.17 -0.24 7.73
CA TYR A 60 -20.60 1.03 7.18
C TYR A 60 -19.53 1.57 6.24
N LEU A 61 -19.90 2.63 5.52
CA LEU A 61 -18.94 3.44 4.79
C LEU A 61 -18.35 4.49 5.73
N ASP A 62 -17.01 4.55 5.80
CA ASP A 62 -16.37 5.49 6.70
C ASP A 62 -16.67 6.93 6.34
N SER A 63 -17.04 7.21 5.09
CA SER A 63 -17.44 8.56 4.71
C SER A 63 -18.55 9.08 5.61
N LEU A 64 -19.43 8.18 6.08
CA LEU A 64 -20.57 8.57 6.89
C LEU A 64 -20.18 9.00 8.29
N LYS A 65 -18.98 8.65 8.77
CA LYS A 65 -18.45 9.13 10.06
C LYS A 65 -19.39 8.81 11.23
N GLY A 66 -19.91 7.59 11.26
CA GLY A 66 -20.76 7.16 12.35
C GLY A 66 -22.11 7.83 12.44
N ARG A 67 -22.55 8.51 11.38
CA ARG A 67 -23.86 9.16 11.38
C ARG A 67 -25.00 8.17 11.17
N PHE A 68 -24.71 6.99 10.61
CA PHE A 68 -25.73 6.02 10.25
C PHE A 68 -25.59 4.78 11.13
N THR A 69 -26.72 4.20 11.53
CA THR A 69 -26.75 2.98 12.35
C THR A 69 -27.74 2.00 11.75
N ILE A 70 -27.28 0.80 11.44
CA ILE A 70 -28.14 -0.22 10.85
C ILE A 70 -28.71 -1.11 11.96
N SER A 71 -29.94 -1.56 11.74
CA SER A 71 -30.63 -2.42 12.70
C SER A 71 -31.52 -3.41 11.95
N ARG A 72 -31.93 -4.47 12.63
CA ARG A 72 -32.85 -5.39 12.01
C ARG A 72 -33.62 -6.16 13.08
N ASP A 73 -34.93 -6.30 12.86
CA ASP A 73 -35.81 -7.09 13.71
C ASP A 73 -36.26 -8.29 12.88
N ASN A 74 -35.86 -9.50 13.30
CA ASN A 74 -36.15 -10.69 12.51
C ASN A 74 -37.57 -11.17 12.69
N ALA A 75 -38.13 -11.01 13.90
CA ALA A 75 -39.52 -11.40 14.13
C ALA A 75 -40.44 -10.71 13.13
N LYS A 76 -40.15 -9.45 12.81
CA LYS A 76 -40.99 -8.67 11.91
C LYS A 76 -40.49 -8.69 10.47
N ASN A 77 -39.47 -9.49 10.16
CA ASN A 77 -38.89 -9.51 8.82
C ASN A 77 -38.59 -8.09 8.36
N SER A 78 -37.84 -7.36 9.17
CA SER A 78 -37.70 -5.93 8.94
C SER A 78 -36.27 -5.49 9.13
N LEU A 79 -35.84 -4.57 8.27
CA LEU A 79 -34.54 -3.92 8.35
C LEU A 79 -34.75 -2.43 8.58
N TYR A 80 -33.85 -1.80 9.32
CA TYR A 80 -33.99 -0.40 9.68
C TYR A 80 -32.65 0.30 9.51
N LEU A 81 -32.70 1.58 9.19
CA LEU A 81 -31.49 2.39 9.10
C LEU A 81 -31.78 3.74 9.75
N GLN A 82 -31.08 4.03 10.83
CA GLN A 82 -31.22 5.31 11.51
C GLN A 82 -30.17 6.27 10.98
N MET A 83 -30.63 7.33 10.31
CA MET A 83 -29.76 8.33 9.72
C MET A 83 -29.77 9.55 10.62
N ASN A 84 -28.66 9.80 11.30
CA ASN A 84 -28.51 10.94 12.20
C ASN A 84 -27.62 12.01 11.59
N SER A 85 -27.81 13.24 12.07
CA SER A 85 -27.01 14.41 11.68
C SER A 85 -26.90 14.51 10.17
N LEU A 86 -28.06 14.60 9.52
CA LEU A 86 -28.13 14.45 8.08
C LEU A 86 -27.56 15.66 7.37
N ARG A 87 -26.80 15.41 6.31
CA ARG A 87 -26.20 16.44 5.50
C ARG A 87 -26.92 16.51 4.16
N ALA A 88 -26.76 17.67 3.48
CA ALA A 88 -27.43 17.86 2.20
C ALA A 88 -27.01 16.79 1.19
N GLU A 89 -25.74 16.38 1.22
CA GLU A 89 -25.22 15.33 0.34
C GLU A 89 -25.89 13.98 0.56
N ASP A 90 -26.71 13.82 1.60
CA ASP A 90 -27.38 12.56 1.83
C ASP A 90 -28.66 12.40 1.02
N THR A 91 -29.03 13.41 0.23
CA THR A 91 -30.22 13.35 -0.62
C THR A 91 -30.08 12.25 -1.65
N ALA A 92 -30.97 11.25 -1.59
CA ALA A 92 -30.82 10.06 -2.40
C ALA A 92 -32.05 9.18 -2.29
N VAL A 93 -32.23 8.31 -3.27
CA VAL A 93 -33.18 7.20 -3.17
C VAL A 93 -32.48 6.05 -2.49
N TYR A 94 -33.01 5.60 -1.36
CA TYR A 94 -32.41 4.52 -0.57
C TYR A 94 -33.15 3.21 -0.86
N TYR A 95 -32.38 2.16 -1.17
CA TYR A 95 -32.88 0.81 -1.40
C TYR A 95 -32.34 -0.12 -0.34
N CYS A 96 -33.14 -1.11 0.03
CA CYS A 96 -32.64 -2.23 0.82
C CYS A 96 -32.47 -3.46 -0.07
N ALA A 97 -31.47 -4.26 0.26
CA ALA A 97 -31.17 -5.44 -0.54
C ALA A 97 -30.84 -6.62 0.36
N ARG A 98 -31.38 -7.77 -0.02
CA ARG A 98 -30.94 -9.03 0.58
C ARG A 98 -29.48 -9.24 0.24
N ASP A 99 -28.69 -9.69 1.21
CA ASP A 99 -27.24 -9.68 1.07
C ASP A 99 -26.66 -11.05 1.34
N LEU A 100 -25.83 -11.53 0.43
CA LEU A 100 -24.90 -12.62 0.69
C LEU A 100 -23.60 -12.27 -0.03
N GLY A 101 -23.11 -11.06 0.23
CA GLY A 101 -22.11 -10.45 -0.61
C GLY A 101 -22.77 -9.93 -1.87
N ILE A 102 -23.38 -10.85 -2.62
CA ILE A 102 -24.25 -10.48 -3.72
C ILE A 102 -25.46 -9.74 -3.16
N LEU A 103 -25.94 -8.75 -3.91
CA LEU A 103 -27.13 -8.00 -3.53
C LEU A 103 -28.30 -8.43 -4.42
N TRP A 104 -29.38 -8.87 -3.79
CA TRP A 104 -30.66 -9.06 -4.45
C TRP A 104 -31.57 -7.92 -4.02
N PHE A 105 -31.96 -7.08 -4.97
CA PHE A 105 -32.92 -6.03 -4.66
C PHE A 105 -34.35 -6.58 -4.78
N GLY A 106 -35.32 -5.75 -4.39
CA GLY A 106 -36.70 -6.19 -4.40
C GLY A 106 -37.22 -6.44 -5.81
N ASP A 107 -37.97 -7.52 -5.96
CA ASP A 107 -38.58 -7.85 -7.25
C ASP A 107 -39.65 -6.84 -7.61
N TYR A 108 -39.90 -6.70 -8.90
CA TYR A 108 -40.96 -5.81 -9.38
C TYR A 108 -42.34 -6.39 -9.02
N PRO A 109 -43.29 -5.54 -8.60
CA PRO A 109 -43.17 -4.08 -8.46
C PRO A 109 -42.82 -3.62 -7.05
N TRP A 110 -42.58 -4.58 -6.15
CA TRP A 110 -42.49 -4.26 -4.72
C TRP A 110 -41.29 -3.36 -4.42
N GLY A 111 -40.10 -3.77 -4.83
CA GLY A 111 -38.89 -3.01 -4.51
C GLY A 111 -38.70 -1.75 -5.33
N GLN A 112 -38.76 -0.57 -4.67
CA GLN A 112 -38.50 0.67 -5.39
C GLN A 112 -37.95 1.80 -4.53
N GLY A 113 -37.45 1.53 -3.33
CA GLY A 113 -36.75 2.54 -2.55
C GLY A 113 -37.60 3.62 -1.91
N THR A 114 -36.97 4.45 -1.07
CA THR A 114 -37.62 5.63 -0.49
C THR A 114 -36.71 6.84 -0.62
N LEU A 115 -37.29 8.00 -0.93
CA LEU A 115 -36.53 9.17 -1.35
C LEU A 115 -36.30 10.11 -0.16
N VAL A 116 -35.05 10.26 0.24
CA VAL A 116 -34.66 11.20 1.29
C VAL A 116 -34.19 12.49 0.63
N THR A 117 -34.83 13.60 0.99
CA THR A 117 -34.49 14.91 0.46
C THR A 117 -34.12 15.83 1.62
N VAL A 118 -32.83 16.11 1.77
CA VAL A 118 -32.31 16.91 2.87
C VAL A 118 -32.05 18.32 2.36
N SER A 119 -32.79 19.30 2.90
CA SER A 119 -32.67 20.67 2.43
C SER A 119 -33.14 21.63 3.51
N SER A 120 -32.54 22.81 3.52
CA SER A 120 -32.88 23.86 4.48
C SER A 120 -34.02 24.75 3.99
N ALA A 121 -34.50 24.56 2.77
CA ALA A 121 -35.58 25.36 2.22
C ALA A 121 -36.95 24.82 2.62
N SER A 122 -37.88 25.72 2.88
CA SER A 122 -39.27 25.32 3.03
C SER A 122 -39.91 25.26 1.64
N THR A 123 -41.04 24.57 1.57
CA THR A 123 -41.66 24.31 0.27
C THR A 123 -42.23 25.59 -0.32
N LYS A 124 -41.80 25.93 -1.52
CA LYS A 124 -42.27 27.10 -2.24
C LYS A 124 -42.79 26.68 -3.60
N GLY A 125 -43.90 27.30 -4.04
CA GLY A 125 -44.40 27.12 -5.37
C GLY A 125 -43.55 27.86 -6.40
N PRO A 126 -43.62 27.42 -7.66
CA PRO A 126 -42.75 27.98 -8.68
C PRO A 126 -43.26 29.29 -9.25
N SER A 127 -42.33 30.02 -9.87
CA SER A 127 -42.64 31.17 -10.70
C SER A 127 -42.44 30.78 -12.16
N VAL A 128 -43.48 30.98 -12.97
CA VAL A 128 -43.44 30.65 -14.38
C VAL A 128 -43.22 31.91 -15.19
N PHE A 129 -42.20 31.88 -16.05
CA PHE A 129 -41.89 33.00 -16.92
C PHE A 129 -41.90 32.56 -18.37
N PRO A 130 -42.42 33.37 -19.29
CA PRO A 130 -42.51 32.92 -20.69
C PRO A 130 -41.17 33.05 -21.40
N LEU A 131 -40.76 31.97 -22.06
CA LEU A 131 -39.66 32.00 -23.02
C LEU A 131 -40.29 32.25 -24.38
N ALA A 132 -40.35 33.52 -24.76
CA ALA A 132 -41.12 33.98 -25.90
C ALA A 132 -40.34 33.74 -27.19
N PRO A 133 -41.02 33.30 -28.24
CA PRO A 133 -40.36 33.17 -29.55
C PRO A 133 -40.21 34.51 -30.23
N SER A 134 -39.11 34.64 -30.97
CA SER A 134 -38.85 35.83 -31.77
C SER A 134 -38.86 35.48 -33.25
N SER A 135 -39.22 36.46 -34.07
CA SER A 135 -39.14 36.29 -35.51
C SER A 135 -37.72 36.43 -36.04
N LYS A 136 -36.76 36.80 -35.19
CA LYS A 136 -35.36 36.95 -35.60
C LYS A 136 -34.59 35.65 -35.43
N SER A 137 -34.75 35.00 -34.28
CA SER A 137 -34.04 33.76 -33.95
C SER A 137 -34.92 32.55 -34.24
N THR A 138 -35.36 32.48 -35.49
CA THR A 138 -36.21 31.41 -35.96
C THR A 138 -35.37 30.34 -36.67
N SER A 139 -36.05 29.32 -37.21
CA SER A 139 -35.33 28.24 -37.88
C SER A 139 -36.28 27.63 -38.90
N GLY A 140 -36.13 28.04 -40.17
CA GLY A 140 -36.79 27.42 -41.31
C GLY A 140 -38.25 27.06 -41.16
N GLY A 141 -39.10 28.04 -40.87
CA GLY A 141 -40.52 27.78 -40.79
C GLY A 141 -40.99 27.21 -39.47
N THR A 142 -40.07 26.92 -38.54
CA THR A 142 -40.39 26.39 -37.23
C THR A 142 -39.90 27.36 -36.17
N ALA A 143 -40.72 27.59 -35.14
CA ALA A 143 -40.38 28.49 -34.05
C ALA A 143 -40.60 27.78 -32.73
N ALA A 144 -39.71 28.03 -31.76
CA ALA A 144 -39.76 27.42 -30.46
C ALA A 144 -40.18 28.44 -29.40
N LEU A 145 -41.01 27.99 -28.45
CA LEU A 145 -41.41 28.79 -27.32
C LEU A 145 -41.36 27.92 -26.07
N GLY A 146 -41.55 28.51 -24.90
CA GLY A 146 -41.49 27.70 -23.70
C GLY A 146 -41.86 28.44 -22.44
N CYS A 147 -41.69 27.75 -21.32
CA CYS A 147 -41.93 28.26 -19.97
C CYS A 147 -40.74 27.91 -19.09
N LEU A 148 -40.30 28.90 -18.29
CA LEU A 148 -39.24 28.72 -17.31
C LEU A 148 -39.87 28.65 -15.93
N VAL A 149 -39.85 27.46 -15.32
CA VAL A 149 -40.44 27.19 -14.02
C VAL A 149 -39.31 27.28 -13.01
N LYS A 150 -39.19 28.42 -12.33
CA LYS A 150 -38.03 28.73 -11.52
C LYS A 150 -38.41 28.85 -10.04
N ASP A 151 -37.45 28.47 -9.17
CA ASP A 151 -37.53 28.74 -7.73
C ASP A 151 -38.72 28.01 -7.09
N TYR A 152 -38.58 26.70 -6.98
CA TYR A 152 -39.57 25.87 -6.31
C TYR A 152 -38.89 24.76 -5.51
N PHE A 153 -39.64 24.19 -4.58
CA PHE A 153 -39.20 23.13 -3.69
C PHE A 153 -40.41 22.42 -3.11
N PRO A 154 -40.42 21.09 -3.03
CA PRO A 154 -39.41 20.20 -3.59
C PRO A 154 -39.77 19.75 -5.00
N GLU A 155 -39.29 18.59 -5.40
CA GLU A 155 -39.71 18.01 -6.66
C GLU A 155 -41.01 17.24 -6.46
N PRO A 156 -41.85 17.12 -7.51
CA PRO A 156 -41.64 17.69 -8.85
C PRO A 156 -42.70 18.70 -9.24
N VAL A 157 -42.51 19.30 -10.41
CA VAL A 157 -43.56 19.99 -11.12
C VAL A 157 -43.93 19.12 -12.31
N THR A 158 -45.16 19.27 -12.77
CA THR A 158 -45.61 18.69 -14.03
C THR A 158 -46.00 19.82 -14.96
N VAL A 159 -45.62 19.72 -16.22
CA VAL A 159 -45.94 20.74 -17.20
C VAL A 159 -46.60 20.09 -18.41
N SER A 160 -47.76 20.64 -18.79
CA SER A 160 -48.42 20.31 -20.04
C SER A 160 -48.57 21.57 -20.87
N TRP A 161 -48.99 21.40 -22.13
CA TRP A 161 -49.22 22.52 -23.02
C TRP A 161 -50.65 22.47 -23.55
N ASN A 162 -51.34 23.60 -23.47
CA ASN A 162 -52.74 23.71 -23.88
C ASN A 162 -53.57 22.59 -23.25
N SER A 163 -53.34 22.36 -21.95
CA SER A 163 -54.11 21.40 -21.19
C SER A 163 -54.14 20.03 -21.85
N GLY A 164 -53.04 19.66 -22.52
CA GLY A 164 -52.89 18.37 -23.15
C GLY A 164 -53.03 18.34 -24.65
N ALA A 165 -53.48 19.42 -25.27
CA ALA A 165 -53.73 19.39 -26.71
C ALA A 165 -52.42 19.39 -27.51
N LEU A 166 -51.38 20.03 -26.98
CA LEU A 166 -50.10 20.18 -27.69
C LEU A 166 -49.07 19.22 -27.09
N THR A 167 -48.82 18.12 -27.79
CA THR A 167 -47.88 17.09 -27.36
C THR A 167 -46.68 16.94 -28.28
N SER A 168 -46.89 17.03 -29.59
CA SER A 168 -45.80 16.82 -30.53
C SER A 168 -44.74 17.92 -30.37
N GLY A 169 -43.52 17.51 -30.09
CA GLY A 169 -42.42 18.45 -29.97
C GLY A 169 -42.24 19.09 -28.62
N VAL A 170 -42.74 18.48 -27.55
CA VAL A 170 -42.60 19.03 -26.20
C VAL A 170 -41.40 18.38 -25.54
N HIS A 171 -40.54 19.21 -24.96
CA HIS A 171 -39.38 18.76 -24.19
C HIS A 171 -39.46 19.42 -22.82
N THR A 172 -39.70 18.61 -21.78
CA THR A 172 -39.63 19.08 -20.41
C THR A 172 -38.30 18.62 -19.82
N PHE A 173 -37.44 19.57 -19.46
CA PHE A 173 -36.09 19.21 -19.08
C PHE A 173 -36.04 18.80 -17.61
N PRO A 174 -35.09 17.94 -17.24
CA PRO A 174 -34.94 17.59 -15.83
C PRO A 174 -34.60 18.81 -14.99
N ALA A 175 -35.13 18.85 -13.77
CA ALA A 175 -34.90 19.99 -12.91
C ALA A 175 -33.45 20.06 -12.45
N VAL A 176 -32.96 21.28 -12.31
CA VAL A 176 -31.62 21.54 -11.83
C VAL A 176 -31.73 22.26 -10.49
N LEU A 177 -30.85 21.90 -9.56
CA LEU A 177 -30.88 22.46 -8.22
C LEU A 177 -30.01 23.71 -8.22
N GLN A 178 -30.64 24.86 -8.04
CA GLN A 178 -29.93 26.11 -8.06
C GLN A 178 -29.15 26.30 -6.76
N SER A 179 -28.25 27.29 -6.78
CA SER A 179 -27.47 27.58 -5.58
C SER A 179 -28.35 28.01 -4.42
N SER A 180 -29.50 28.62 -4.71
CA SER A 180 -30.40 29.10 -3.68
C SER A 180 -31.10 27.98 -2.92
N GLY A 181 -30.83 26.71 -3.27
CA GLY A 181 -31.55 25.60 -2.70
C GLY A 181 -32.86 25.27 -3.38
N LEU A 182 -33.26 26.07 -4.36
CA LEU A 182 -34.51 25.90 -5.11
C LEU A 182 -34.25 25.24 -6.46
N TYR A 183 -35.25 24.53 -6.95
CA TYR A 183 -35.18 23.88 -8.25
C TYR A 183 -35.70 24.80 -9.34
N SER A 184 -35.25 24.56 -10.56
CA SER A 184 -35.86 25.21 -11.70
C SER A 184 -35.65 24.36 -12.93
N LEU A 185 -36.68 24.28 -13.76
CA LEU A 185 -36.63 23.63 -15.05
C LEU A 185 -37.26 24.53 -16.11
N SER A 186 -37.34 24.02 -17.32
CA SER A 186 -38.00 24.73 -18.42
C SER A 186 -38.62 23.69 -19.33
N SER A 187 -39.76 24.03 -19.90
CA SER A 187 -40.44 23.19 -20.88
C SER A 187 -40.55 23.96 -22.19
N VAL A 188 -40.06 23.34 -23.27
CA VAL A 188 -40.04 23.98 -24.58
C VAL A 188 -40.93 23.18 -25.52
N VAL A 189 -41.41 23.86 -26.55
CA VAL A 189 -42.18 23.23 -27.62
C VAL A 189 -41.95 23.99 -28.91
N THR A 190 -41.76 23.24 -29.99
CA THR A 190 -41.58 23.79 -31.33
C THR A 190 -42.86 23.63 -32.14
N VAL A 191 -43.26 24.70 -32.82
CA VAL A 191 -44.50 24.73 -33.60
C VAL A 191 -44.26 25.49 -34.89
N PRO A 192 -45.09 25.23 -35.91
CA PRO A 192 -44.98 26.00 -37.16
C PRO A 192 -45.08 27.49 -36.91
N SER A 193 -44.05 28.23 -37.31
CA SER A 193 -44.04 29.68 -37.13
C SER A 193 -45.08 30.38 -37.97
N SER A 194 -45.61 29.72 -39.01
CA SER A 194 -46.68 30.31 -39.80
C SER A 194 -47.93 30.51 -38.94
N SER A 195 -48.21 29.59 -38.03
CA SER A 195 -49.40 29.64 -37.17
C SER A 195 -49.04 30.13 -35.77
N LEU A 196 -48.47 31.33 -35.68
CA LEU A 196 -48.21 31.96 -34.38
C LEU A 196 -49.37 32.84 -33.95
N GLY A 197 -49.72 33.84 -34.75
CA GLY A 197 -50.80 34.75 -34.40
C GLY A 197 -52.16 34.09 -34.33
N THR A 198 -52.31 32.91 -34.92
CA THR A 198 -53.59 32.22 -34.92
C THR A 198 -53.75 31.30 -33.70
N GLN A 199 -52.72 30.51 -33.39
CA GLN A 199 -52.79 29.48 -32.35
C GLN A 199 -52.39 29.99 -30.97
N THR A 200 -53.11 29.53 -29.95
CA THR A 200 -52.89 29.91 -28.56
C THR A 200 -52.06 28.85 -27.85
N TYR A 201 -51.06 29.31 -27.09
CA TYR A 201 -50.10 28.41 -26.42
C TYR A 201 -50.08 28.73 -24.93
N ILE A 202 -50.74 27.88 -24.14
CA ILE A 202 -50.77 27.99 -22.68
C ILE A 202 -49.96 26.84 -22.10
N CYS A 203 -49.10 27.15 -21.14
CA CYS A 203 -48.38 26.11 -20.40
C CYS A 203 -48.99 25.97 -19.01
N ASN A 204 -49.29 24.73 -18.63
CA ASN A 204 -49.89 24.41 -17.34
C ASN A 204 -48.82 23.81 -16.46
N VAL A 205 -48.43 24.53 -15.41
CA VAL A 205 -47.42 24.12 -14.45
C VAL A 205 -48.14 23.75 -13.15
N ASN A 206 -48.06 22.49 -12.78
CA ASN A 206 -48.70 21.95 -11.59
C ASN A 206 -47.61 21.58 -10.60
N HIS A 207 -47.58 22.27 -9.46
CA HIS A 207 -46.73 21.95 -8.33
C HIS A 207 -47.65 21.46 -7.21
N LYS A 208 -47.86 20.15 -7.16
CA LYS A 208 -48.66 19.57 -6.08
C LYS A 208 -48.07 19.74 -4.68
N PRO A 209 -46.75 19.76 -4.47
CA PRO A 209 -46.24 19.96 -3.09
C PRO A 209 -46.73 21.24 -2.44
N SER A 210 -46.70 22.36 -3.16
CA SER A 210 -47.12 23.64 -2.59
C SER A 210 -48.60 23.95 -2.81
N ASN A 211 -49.35 23.03 -3.42
CA ASN A 211 -50.72 23.27 -3.88
C ASN A 211 -50.77 24.52 -4.75
N THR A 212 -50.12 24.40 -5.91
CA THR A 212 -50.03 25.52 -6.84
C THR A 212 -50.26 24.99 -8.25
N LYS A 213 -51.11 25.70 -9.00
CA LYS A 213 -51.25 25.51 -10.44
C LYS A 213 -51.11 26.88 -11.09
N VAL A 214 -50.42 26.92 -12.22
CA VAL A 214 -50.20 28.15 -12.96
C VAL A 214 -50.48 27.88 -14.43
N ASP A 215 -51.35 28.69 -15.03
CA ASP A 215 -51.56 28.67 -16.47
C ASP A 215 -50.94 29.94 -17.03
N LYS A 216 -49.93 29.79 -17.90
CA LYS A 216 -49.22 30.95 -18.42
C LYS A 216 -49.32 30.97 -19.94
N LYS A 217 -49.77 32.11 -20.48
CA LYS A 217 -49.91 32.28 -21.92
C LYS A 217 -48.61 32.85 -22.48
N VAL A 218 -48.04 32.16 -23.45
CA VAL A 218 -46.81 32.59 -24.10
C VAL A 218 -47.18 33.19 -25.44
N GLU A 219 -47.12 34.52 -25.53
CA GLU A 219 -47.39 35.34 -26.71
C GLU A 219 -46.09 35.63 -27.45
N PRO A 220 -46.11 35.69 -28.77
CA PRO A 220 -44.90 36.03 -29.52
C PRO A 220 -44.43 37.44 -29.17
N LYS A 221 -43.15 37.54 -28.85
CA LYS A 221 -42.56 38.78 -28.34
C LYS A 221 -42.61 39.91 -29.36
N SER A 222 -43.55 40.84 -29.16
CA SER A 222 -43.71 42.02 -29.98
C SER A 222 -43.23 43.23 -29.19
N CYS A 223 -42.07 43.78 -29.58
CA CYS A 223 -41.50 44.94 -28.91
C CYS A 223 -42.37 46.18 -29.11
N ASP B 1 -12.03 1.65 -0.21
CA ASP B 1 -10.94 0.67 -0.34
C ASP B 1 -10.76 0.22 -1.79
N ILE B 2 -11.36 -0.92 -2.14
CA ILE B 2 -11.24 -1.46 -3.48
C ILE B 2 -11.95 -0.56 -4.47
N GLN B 3 -11.22 -0.16 -5.52
CA GLN B 3 -11.76 0.74 -6.53
C GLN B 3 -12.24 -0.08 -7.72
N MET B 4 -13.35 0.34 -8.32
CA MET B 4 -13.86 -0.28 -9.53
C MET B 4 -13.91 0.75 -10.66
N THR B 5 -13.45 0.37 -11.85
CA THR B 5 -13.45 1.25 -13.00
C THR B 5 -14.08 0.55 -14.19
N GLN B 6 -15.10 1.18 -14.77
CA GLN B 6 -15.86 0.64 -15.89
C GLN B 6 -15.54 1.35 -17.20
N SER B 7 -15.69 0.61 -18.30
CA SER B 7 -15.39 1.08 -19.63
C SER B 7 -16.46 0.56 -20.58
N PRO B 8 -16.94 1.41 -21.50
CA PRO B 8 -16.51 2.80 -21.67
C PRO B 8 -17.31 3.92 -20.97
N SER B 9 -18.08 3.64 -19.91
CA SER B 9 -18.84 4.64 -19.14
C SER B 9 -20.11 5.07 -19.87
N SER B 10 -20.02 5.24 -21.18
CA SER B 10 -21.17 5.49 -22.03
C SER B 10 -20.94 4.78 -23.35
N LEU B 11 -21.87 3.91 -23.73
CA LEU B 11 -21.71 3.11 -24.94
C LEU B 11 -22.94 3.21 -25.81
N SER B 12 -22.76 3.55 -27.08
CA SER B 12 -23.85 3.61 -28.04
C SER B 12 -23.81 2.39 -28.95
N ALA B 13 -24.98 1.82 -29.23
CA ALA B 13 -25.06 0.58 -29.98
C ALA B 13 -26.47 0.47 -30.58
N SER B 14 -26.69 -0.59 -31.36
CA SER B 14 -27.95 -0.79 -32.07
C SER B 14 -28.56 -2.12 -31.69
N VAL B 15 -29.82 -2.31 -32.10
CA VAL B 15 -30.53 -3.55 -31.80
C VAL B 15 -29.93 -4.68 -32.63
N GLY B 16 -29.72 -5.83 -32.00
CA GLY B 16 -29.08 -6.94 -32.63
C GLY B 16 -27.57 -6.91 -32.56
N ASP B 17 -26.97 -5.79 -32.18
CA ASP B 17 -25.53 -5.70 -32.01
C ASP B 17 -25.07 -6.55 -30.82
N ARG B 18 -23.79 -6.90 -30.85
CA ARG B 18 -23.10 -7.55 -29.75
C ARG B 18 -22.39 -6.50 -28.91
N VAL B 19 -22.60 -6.54 -27.59
CA VAL B 19 -22.15 -5.49 -26.68
C VAL B 19 -21.25 -6.09 -25.60
N THR B 20 -20.15 -5.41 -25.30
CA THR B 20 -19.24 -5.81 -24.22
C THR B 20 -18.92 -4.60 -23.36
N ILE B 21 -19.00 -4.80 -22.04
CA ILE B 21 -18.68 -3.81 -21.02
C ILE B 21 -17.52 -4.37 -20.22
N THR B 22 -16.56 -3.51 -19.85
CA THR B 22 -15.39 -3.96 -19.12
C THR B 22 -15.37 -3.35 -17.72
N CYS B 23 -14.90 -4.12 -16.74
CA CYS B 23 -14.85 -3.67 -15.35
C CYS B 23 -13.56 -4.20 -14.73
N ARG B 24 -12.73 -3.28 -14.21
CA ARG B 24 -11.45 -3.63 -13.61
C ARG B 24 -11.39 -3.16 -12.16
N ALA B 25 -10.72 -3.94 -11.33
CA ALA B 25 -10.60 -3.68 -9.90
C ALA B 25 -9.18 -3.27 -9.56
N SER B 26 -9.05 -2.36 -8.59
CA SER B 26 -7.73 -1.88 -8.19
C SER B 26 -6.89 -2.95 -7.51
N GLN B 27 -7.47 -4.09 -7.16
CA GLN B 27 -6.73 -5.24 -6.67
C GLN B 27 -7.51 -6.49 -7.00
N GLY B 28 -6.84 -7.64 -6.92
CA GLY B 28 -7.51 -8.90 -7.23
C GLY B 28 -8.64 -9.22 -6.28
N ILE B 29 -9.67 -9.89 -6.81
CA ILE B 29 -10.86 -10.24 -6.05
C ILE B 29 -11.37 -11.63 -6.42
N SER B 30 -10.50 -12.47 -6.97
CA SER B 30 -10.85 -13.79 -7.55
C SER B 30 -12.07 -13.60 -8.46
N ASN B 31 -13.13 -14.40 -8.32
CA ASN B 31 -14.32 -14.28 -9.16
C ASN B 31 -15.52 -13.74 -8.40
N SER B 32 -15.26 -13.02 -7.30
CA SER B 32 -16.33 -12.49 -6.45
C SER B 32 -16.77 -11.13 -6.99
N LEU B 33 -17.41 -11.18 -8.14
CA LEU B 33 -17.91 -9.99 -8.81
C LEU B 33 -19.30 -10.28 -9.35
N ALA B 34 -20.13 -9.24 -9.38
CA ALA B 34 -21.50 -9.35 -9.86
C ALA B 34 -21.83 -8.18 -10.77
N TRP B 35 -22.79 -8.40 -11.65
CA TRP B 35 -23.23 -7.43 -12.64
C TRP B 35 -24.73 -7.17 -12.48
N TYR B 36 -25.09 -5.89 -12.45
CA TYR B 36 -26.45 -5.39 -12.25
C TYR B 36 -26.86 -4.48 -13.40
N GLN B 37 -28.17 -4.47 -13.67
CA GLN B 37 -28.80 -3.61 -14.66
C GLN B 37 -29.80 -2.69 -13.98
N GLN B 38 -29.76 -1.41 -14.31
CA GLN B 38 -30.69 -0.42 -13.79
C GLN B 38 -31.26 0.40 -14.94
N LYS B 39 -32.57 0.34 -15.11
CA LYS B 39 -33.28 1.20 -16.04
C LYS B 39 -33.59 2.53 -15.35
N PRO B 40 -33.82 3.60 -16.12
CA PRO B 40 -33.99 4.92 -15.50
C PRO B 40 -35.12 4.94 -14.49
N GLY B 41 -34.80 5.38 -13.27
CA GLY B 41 -35.79 5.53 -12.23
C GLY B 41 -36.14 4.30 -11.42
N LYS B 42 -35.94 3.11 -11.99
CA LYS B 42 -36.29 1.86 -11.33
C LYS B 42 -35.14 1.37 -10.44
N ALA B 43 -35.38 0.23 -9.72
CA ALA B 43 -34.35 -0.31 -8.83
C ALA B 43 -33.45 -1.30 -9.58
N PRO B 44 -32.16 -1.34 -9.20
CA PRO B 44 -31.23 -2.25 -9.90
C PRO B 44 -31.64 -3.71 -9.80
N LYS B 45 -31.24 -4.49 -10.81
CA LYS B 45 -31.57 -5.91 -10.87
C LYS B 45 -30.32 -6.73 -11.13
N LEU B 46 -30.15 -7.82 -10.37
CA LEU B 46 -28.96 -8.66 -10.46
C LEU B 46 -29.02 -9.53 -11.71
N LEU B 47 -28.06 -9.33 -12.61
CA LEU B 47 -27.91 -10.11 -13.83
C LEU B 47 -26.99 -11.31 -13.66
N LEU B 48 -25.79 -11.09 -13.11
CA LEU B 48 -24.78 -12.15 -13.04
C LEU B 48 -24.05 -12.09 -11.71
N TYR B 49 -23.59 -13.25 -11.23
CA TYR B 49 -22.73 -13.30 -10.06
C TYR B 49 -21.67 -14.36 -10.29
N ALA B 50 -20.64 -14.34 -9.44
CA ALA B 50 -19.48 -15.23 -9.56
C ALA B 50 -18.82 -15.08 -10.93
N ALA B 51 -18.79 -13.84 -11.42
CA ALA B 51 -18.20 -13.46 -12.70
C ALA B 51 -18.86 -14.09 -13.92
N SER B 52 -19.47 -15.26 -13.80
CA SER B 52 -19.87 -16.00 -14.98
C SER B 52 -21.27 -16.59 -14.96
N THR B 53 -21.88 -16.84 -13.80
CA THR B 53 -23.14 -17.59 -13.75
C THR B 53 -24.34 -16.66 -13.78
N LEU B 54 -25.30 -16.99 -14.65
CA LEU B 54 -26.52 -16.20 -14.80
C LEU B 54 -27.49 -16.47 -13.65
N GLU B 55 -27.92 -15.40 -13.00
CA GLU B 55 -28.99 -15.51 -12.02
C GLU B 55 -30.27 -15.93 -12.74
N SER B 56 -31.03 -16.80 -12.12
CA SER B 56 -32.21 -17.36 -12.76
C SER B 56 -33.23 -16.26 -13.07
N GLY B 57 -33.89 -16.39 -14.23
CA GLY B 57 -34.78 -15.37 -14.74
C GLY B 57 -34.15 -14.40 -15.71
N VAL B 58 -32.82 -14.32 -15.76
CA VAL B 58 -32.12 -13.40 -16.65
C VAL B 58 -32.08 -14.03 -18.04
N PRO B 59 -32.35 -13.27 -19.10
CA PRO B 59 -32.24 -13.83 -20.46
C PRO B 59 -30.82 -14.30 -20.72
N SER B 60 -30.72 -15.46 -21.39
CA SER B 60 -29.41 -16.09 -21.58
C SER B 60 -28.47 -15.27 -22.46
N ARG B 61 -28.97 -14.20 -23.09
CA ARG B 61 -28.11 -13.32 -23.88
C ARG B 61 -27.03 -12.67 -23.03
N PHE B 62 -27.25 -12.59 -21.71
CA PHE B 62 -26.26 -12.01 -20.81
C PHE B 62 -25.27 -13.05 -20.33
N SER B 63 -23.99 -12.69 -20.36
CA SER B 63 -22.95 -13.62 -19.97
C SER B 63 -21.77 -12.83 -19.42
N GLY B 64 -20.98 -13.49 -18.58
CA GLY B 64 -19.86 -12.80 -17.97
C GLY B 64 -18.61 -13.66 -17.94
N SER B 65 -17.46 -13.02 -18.15
CA SER B 65 -16.18 -13.70 -18.09
C SER B 65 -15.21 -12.85 -17.28
N GLY B 66 -14.14 -13.48 -16.82
CA GLY B 66 -13.09 -12.75 -16.13
C GLY B 66 -12.74 -13.37 -14.79
N SER B 67 -11.69 -12.81 -14.19
CA SER B 67 -11.17 -13.24 -12.90
C SER B 67 -10.08 -12.26 -12.51
N GLY B 68 -9.56 -12.44 -11.31
CA GLY B 68 -8.46 -11.59 -10.85
C GLY B 68 -8.87 -10.14 -10.78
N THR B 69 -8.38 -9.33 -11.73
CA THR B 69 -8.70 -7.92 -11.81
C THR B 69 -9.54 -7.53 -13.02
N ASP B 70 -9.82 -8.45 -13.94
CA ASP B 70 -10.42 -8.10 -15.22
C ASP B 70 -11.73 -8.85 -15.43
N PHE B 71 -12.78 -8.13 -15.80
CA PHE B 71 -14.09 -8.74 -16.03
C PHE B 71 -14.77 -8.10 -17.21
N THR B 72 -15.54 -8.91 -17.93
CA THR B 72 -16.26 -8.49 -19.13
C THR B 72 -17.68 -9.02 -19.07
N LEU B 73 -18.64 -8.13 -19.30
CA LEU B 73 -20.04 -8.47 -19.46
C LEU B 73 -20.40 -8.40 -20.94
N THR B 74 -21.09 -9.42 -21.44
CA THR B 74 -21.37 -9.53 -22.87
C THR B 74 -22.85 -9.84 -23.10
N ILE B 75 -23.49 -9.02 -23.92
CA ILE B 75 -24.83 -9.27 -24.43
C ILE B 75 -24.70 -9.64 -25.90
N SER B 76 -25.23 -10.82 -26.26
CA SER B 76 -24.92 -11.39 -27.58
C SER B 76 -25.61 -10.62 -28.70
N SER B 77 -26.93 -10.49 -28.64
CA SER B 77 -27.69 -9.70 -29.62
C SER B 77 -28.57 -8.73 -28.85
N LEU B 78 -28.19 -7.46 -28.88
CA LEU B 78 -28.89 -6.44 -28.11
C LEU B 78 -30.34 -6.34 -28.56
N GLN B 79 -31.25 -6.30 -27.60
CA GLN B 79 -32.68 -6.14 -27.81
C GLN B 79 -33.14 -4.80 -27.24
N PRO B 80 -34.30 -4.30 -27.67
CA PRO B 80 -34.67 -2.93 -27.26
C PRO B 80 -34.78 -2.75 -25.75
N GLU B 81 -35.14 -3.80 -25.02
CA GLU B 81 -35.26 -3.71 -23.57
C GLU B 81 -33.91 -3.72 -22.84
N ASP B 82 -32.80 -3.88 -23.56
CA ASP B 82 -31.49 -3.95 -22.91
C ASP B 82 -30.82 -2.60 -22.76
N PHE B 83 -31.37 -1.53 -23.33
CA PHE B 83 -30.77 -0.20 -23.19
C PHE B 83 -31.04 0.31 -21.79
N ALA B 84 -29.98 0.47 -21.02
CA ALA B 84 -30.07 0.86 -19.62
C ALA B 84 -28.67 1.22 -19.16
N THR B 85 -28.53 1.51 -17.87
CA THR B 85 -27.21 1.64 -17.28
C THR B 85 -26.85 0.35 -16.56
N TYR B 86 -25.58 -0.03 -16.62
CA TYR B 86 -25.09 -1.26 -16.02
C TYR B 86 -24.00 -0.95 -15.01
N TYR B 87 -24.05 -1.63 -13.87
CA TYR B 87 -23.09 -1.46 -12.80
C TYR B 87 -22.44 -2.80 -12.45
N CYS B 88 -21.19 -2.76 -12.01
CA CYS B 88 -20.50 -3.93 -11.50
C CYS B 88 -20.18 -3.71 -10.04
N GLN B 89 -20.25 -4.77 -9.25
CA GLN B 89 -19.87 -4.70 -7.84
C GLN B 89 -18.99 -5.88 -7.50
N GLN B 90 -18.26 -5.74 -6.39
CA GLN B 90 -17.43 -6.79 -5.84
C GLN B 90 -17.98 -7.19 -4.48
N PHE B 91 -17.96 -8.49 -4.19
CA PHE B 91 -18.29 -8.91 -2.84
C PHE B 91 -17.13 -9.68 -2.23
N TYR B 92 -15.96 -9.05 -2.27
CA TYR B 92 -14.75 -9.60 -1.69
C TYR B 92 -14.42 -8.99 -0.33
N SER B 93 -14.80 -7.73 -0.11
CA SER B 93 -14.52 -7.02 1.13
C SER B 93 -15.50 -5.86 1.28
N THR B 94 -15.37 -5.12 2.39
CA THR B 94 -16.11 -3.90 2.68
C THR B 94 -15.15 -2.71 2.68
N PRO B 95 -15.62 -1.51 2.30
CA PRO B 95 -16.98 -1.20 1.88
C PRO B 95 -17.31 -1.83 0.53
N ARG B 96 -18.54 -2.30 0.34
CA ARG B 96 -18.92 -2.80 -0.97
C ARG B 96 -18.89 -1.63 -1.94
N THR B 97 -18.27 -1.85 -3.09
CA THR B 97 -17.94 -0.77 -4.01
C THR B 97 -18.45 -1.13 -5.39
N PHE B 98 -19.05 -0.15 -6.05
CA PHE B 98 -19.63 -0.31 -7.38
C PHE B 98 -18.74 0.35 -8.42
N GLY B 99 -18.91 -0.08 -9.66
CA GLY B 99 -18.36 0.67 -10.76
C GLY B 99 -19.19 1.91 -11.02
N GLN B 100 -18.59 2.88 -11.72
CA GLN B 100 -19.34 4.11 -11.95
C GLN B 100 -20.51 3.91 -12.89
N GLY B 101 -20.54 2.80 -13.61
CA GLY B 101 -21.64 2.49 -14.49
C GLY B 101 -21.33 2.89 -15.91
N THR B 102 -21.90 2.15 -16.86
CA THR B 102 -21.79 2.48 -18.26
C THR B 102 -23.19 2.50 -18.86
N LYS B 103 -23.56 3.63 -19.44
CA LYS B 103 -24.87 3.81 -20.03
C LYS B 103 -24.85 3.27 -21.46
N VAL B 104 -25.78 2.36 -21.77
CA VAL B 104 -25.93 1.83 -23.11
C VAL B 104 -27.03 2.62 -23.81
N GLU B 105 -26.65 3.34 -24.88
CA GLU B 105 -27.53 4.22 -25.62
C GLU B 105 -27.93 3.56 -26.94
N ILE B 106 -28.82 4.23 -27.66
CA ILE B 106 -29.25 3.78 -28.98
C ILE B 106 -28.40 4.48 -30.04
N LYS B 107 -27.88 3.71 -30.99
CA LYS B 107 -27.04 4.24 -32.05
C LYS B 107 -27.91 4.78 -33.19
N ARG B 108 -27.71 6.06 -33.53
CA ARG B 108 -28.29 6.62 -34.74
C ARG B 108 -27.24 7.51 -35.39
N THR B 109 -27.51 7.94 -36.62
CA THR B 109 -26.57 8.80 -37.32
C THR B 109 -26.55 10.21 -36.71
N VAL B 110 -25.44 10.91 -36.95
CA VAL B 110 -25.24 12.24 -36.40
C VAL B 110 -26.37 13.18 -36.83
N ALA B 111 -26.72 14.10 -35.95
CA ALA B 111 -27.76 15.08 -36.22
C ALA B 111 -27.40 16.40 -35.53
N ALA B 112 -27.48 17.50 -36.27
CA ALA B 112 -27.13 18.78 -35.69
C ALA B 112 -28.28 19.33 -34.85
N PRO B 113 -27.98 20.03 -33.77
CA PRO B 113 -29.04 20.60 -32.93
C PRO B 113 -29.63 21.87 -33.54
N SER B 114 -30.93 22.05 -33.32
CA SER B 114 -31.58 23.32 -33.61
C SER B 114 -31.33 24.26 -32.44
N VAL B 115 -30.72 25.41 -32.68
CA VAL B 115 -30.27 26.29 -31.61
C VAL B 115 -31.21 27.49 -31.48
N PHE B 116 -31.60 27.81 -30.25
CA PHE B 116 -32.41 28.98 -29.97
C PHE B 116 -31.88 29.71 -28.73
N ILE B 117 -32.13 31.01 -28.67
CA ILE B 117 -31.78 31.83 -27.51
C ILE B 117 -33.02 32.61 -27.08
N PHE B 118 -33.18 32.76 -25.77
CA PHE B 118 -34.32 33.42 -25.16
C PHE B 118 -33.84 34.47 -24.17
N PRO B 119 -34.22 35.73 -24.32
CA PRO B 119 -33.90 36.73 -23.32
C PRO B 119 -34.80 36.59 -22.10
N PRO B 120 -34.43 37.18 -20.97
CA PRO B 120 -35.34 37.18 -19.81
C PRO B 120 -36.60 37.98 -20.08
N SER B 121 -37.72 37.47 -19.58
CA SER B 121 -38.97 38.19 -19.67
C SER B 121 -38.91 39.48 -18.86
N ASP B 122 -39.80 40.41 -19.18
CA ASP B 122 -39.89 41.65 -18.42
C ASP B 122 -40.32 41.39 -16.97
N GLU B 123 -41.15 40.37 -16.74
CA GLU B 123 -41.58 40.07 -15.38
C GLU B 123 -40.41 39.54 -14.54
N GLN B 124 -39.57 38.69 -15.11
CA GLN B 124 -38.43 38.19 -14.34
C GLN B 124 -37.43 39.30 -14.04
N LEU B 125 -37.20 40.21 -15.00
CA LEU B 125 -36.36 41.37 -14.73
C LEU B 125 -36.96 42.24 -13.63
N LYS B 126 -38.28 42.39 -13.63
CA LYS B 126 -38.95 43.06 -12.52
C LYS B 126 -38.67 42.36 -11.19
N SER B 127 -38.64 41.02 -11.20
CA SER B 127 -38.39 40.27 -9.97
C SER B 127 -36.98 40.49 -9.41
N GLY B 128 -36.02 40.89 -10.25
CA GLY B 128 -34.67 41.17 -9.80
C GLY B 128 -33.61 40.23 -10.30
N THR B 129 -33.98 39.18 -11.05
CA THR B 129 -33.02 38.26 -11.64
C THR B 129 -33.28 38.14 -13.13
N ALA B 130 -32.25 37.79 -13.88
CA ALA B 130 -32.35 37.61 -15.32
C ALA B 130 -31.85 36.22 -15.67
N SER B 131 -32.69 35.43 -16.32
CA SER B 131 -32.31 34.09 -16.78
C SER B 131 -32.37 34.08 -18.31
N VAL B 132 -31.20 34.02 -18.92
CA VAL B 132 -31.10 33.86 -20.36
C VAL B 132 -31.03 32.38 -20.66
N VAL B 133 -31.79 31.92 -21.66
CA VAL B 133 -31.92 30.49 -21.93
C VAL B 133 -31.37 30.21 -23.32
N CYS B 134 -30.72 29.05 -23.46
CA CYS B 134 -30.25 28.57 -24.74
C CYS B 134 -30.69 27.11 -24.91
N LEU B 135 -31.27 26.80 -26.06
CA LEU B 135 -31.89 25.51 -26.32
C LEU B 135 -31.21 24.82 -27.50
N LEU B 136 -30.81 23.57 -27.29
CA LEU B 136 -30.31 22.67 -28.34
C LEU B 136 -31.36 21.59 -28.54
N ASN B 137 -32.04 21.61 -29.69
CA ASN B 137 -33.19 20.76 -29.94
C ASN B 137 -32.81 19.59 -30.85
N ASN B 138 -33.17 18.37 -30.42
CA ASN B 138 -33.12 17.14 -31.21
C ASN B 138 -31.79 16.92 -31.92
N PHE B 139 -30.77 16.49 -31.19
CA PHE B 139 -29.47 16.22 -31.79
C PHE B 139 -28.98 14.84 -31.36
N TYR B 140 -27.81 14.45 -31.88
CA TYR B 140 -27.12 13.21 -31.56
C TYR B 140 -25.68 13.37 -32.01
N PRO B 141 -24.69 12.88 -31.25
CA PRO B 141 -24.85 12.18 -29.97
C PRO B 141 -25.06 13.12 -28.78
N ARG B 142 -25.08 12.57 -27.56
CA ARG B 142 -25.38 13.38 -26.38
C ARG B 142 -24.34 14.47 -26.15
N GLU B 143 -23.09 14.23 -26.55
CA GLU B 143 -21.99 15.11 -26.21
C GLU B 143 -22.07 16.41 -27.01
N ALA B 144 -22.21 17.53 -26.30
CA ALA B 144 -22.22 18.86 -26.92
C ALA B 144 -21.49 19.83 -25.99
N LYS B 145 -21.33 21.08 -26.45
CA LYS B 145 -20.66 22.12 -25.68
C LYS B 145 -21.37 23.45 -25.87
N VAL B 146 -21.65 24.14 -24.76
CA VAL B 146 -22.30 25.44 -24.78
C VAL B 146 -21.40 26.44 -24.06
N GLN B 147 -21.23 27.62 -24.65
CA GLN B 147 -20.50 28.71 -24.02
C GLN B 147 -21.31 29.99 -24.15
N TRP B 148 -21.22 30.83 -23.12
CA TRP B 148 -21.96 32.08 -23.07
C TRP B 148 -21.01 33.26 -23.27
N LYS B 149 -21.45 34.22 -24.10
CA LYS B 149 -20.69 35.42 -24.39
C LYS B 149 -21.56 36.64 -24.14
N VAL B 150 -21.16 37.46 -23.18
CA VAL B 150 -21.87 38.68 -22.83
C VAL B 150 -21.05 39.84 -23.39
N ASP B 151 -21.50 40.39 -24.53
CA ASP B 151 -20.72 41.36 -25.31
C ASP B 151 -19.38 40.76 -25.70
N ASN B 152 -19.42 39.52 -26.18
CA ASN B 152 -18.22 38.75 -26.54
C ASN B 152 -17.26 38.64 -25.35
N ALA B 153 -17.82 38.40 -24.17
CA ALA B 153 -17.05 38.10 -22.95
C ALA B 153 -17.46 36.73 -22.46
N LEU B 154 -16.54 35.77 -22.52
CA LEU B 154 -16.83 34.40 -22.14
C LEU B 154 -17.14 34.29 -20.65
N GLN B 155 -18.26 33.67 -20.32
CA GLN B 155 -18.69 33.49 -18.94
C GLN B 155 -18.27 32.11 -18.43
N SER B 156 -18.25 31.99 -17.11
CA SER B 156 -17.93 30.72 -16.46
C SER B 156 -18.34 30.74 -14.99
N GLY B 157 -19.05 29.70 -14.55
CA GLY B 157 -19.48 29.60 -13.17
C GLY B 157 -20.90 30.04 -12.90
N ASN B 158 -21.57 30.67 -13.86
CA ASN B 158 -22.92 31.18 -13.66
C ASN B 158 -23.92 30.53 -14.63
N SER B 159 -23.61 29.35 -15.15
CA SER B 159 -24.47 28.65 -16.09
C SER B 159 -24.73 27.23 -15.59
N GLN B 160 -25.95 26.75 -15.82
CA GLN B 160 -26.34 25.39 -15.47
C GLN B 160 -27.09 24.77 -16.62
N GLU B 161 -26.78 23.51 -16.94
CA GLU B 161 -27.40 22.84 -18.06
C GLU B 161 -28.01 21.51 -17.62
N SER B 162 -29.07 21.11 -18.32
CA SER B 162 -29.64 19.78 -18.15
C SER B 162 -30.06 19.24 -19.51
N VAL B 163 -30.00 17.92 -19.64
CA VAL B 163 -30.26 17.25 -20.90
C VAL B 163 -31.39 16.24 -20.70
N THR B 164 -32.14 16.00 -21.77
CA THR B 164 -33.23 15.04 -21.72
C THR B 164 -32.69 13.63 -21.89
N GLU B 165 -33.60 12.66 -21.80
CA GLU B 165 -33.27 11.29 -22.16
C GLU B 165 -33.43 11.10 -23.65
N GLN B 166 -32.82 10.03 -24.16
CA GLN B 166 -32.92 9.72 -25.58
C GLN B 166 -34.37 9.47 -25.95
N ASP B 167 -34.83 10.09 -27.03
CA ASP B 167 -36.24 10.08 -27.36
C ASP B 167 -36.72 8.70 -27.80
N SER B 168 -37.96 8.40 -27.45
CA SER B 168 -38.55 7.10 -27.73
C SER B 168 -38.79 6.87 -29.22
N LYS B 169 -38.78 7.92 -30.02
CA LYS B 169 -39.23 7.84 -31.40
C LYS B 169 -38.14 8.09 -32.42
N ASP B 170 -37.28 9.09 -32.20
CA ASP B 170 -36.20 9.38 -33.14
C ASP B 170 -34.81 9.35 -32.51
N SER B 171 -34.71 9.02 -31.22
CA SER B 171 -33.42 8.73 -30.57
C SER B 171 -32.50 9.95 -30.54
N THR B 172 -33.07 11.13 -30.37
CA THR B 172 -32.29 12.36 -30.25
C THR B 172 -32.31 12.83 -28.80
N TYR B 173 -31.43 13.80 -28.51
CA TYR B 173 -31.35 14.44 -27.22
C TYR B 173 -31.66 15.93 -27.39
N SER B 174 -32.07 16.56 -26.29
CA SER B 174 -32.23 18.01 -26.26
C SER B 174 -31.70 18.54 -24.95
N LEU B 175 -31.02 19.67 -25.01
CA LEU B 175 -30.28 20.21 -23.89
C LEU B 175 -30.68 21.66 -23.66
N SER B 176 -30.74 22.06 -22.39
CA SER B 176 -31.08 23.41 -21.98
C SER B 176 -29.93 23.96 -21.16
N SER B 177 -29.48 25.17 -21.51
CA SER B 177 -28.44 25.87 -20.77
C SER B 177 -29.01 27.19 -20.29
N THR B 178 -28.90 27.45 -18.99
CA THR B 178 -29.46 28.63 -18.37
C THR B 178 -28.35 29.46 -17.74
N LEU B 179 -28.28 30.72 -18.13
CA LEU B 179 -27.34 31.70 -17.59
C LEU B 179 -28.11 32.60 -16.64
N THR B 180 -27.66 32.67 -15.39
CA THR B 180 -28.33 33.43 -14.35
C THR B 180 -27.48 34.64 -13.97
N LEU B 181 -28.09 35.82 -14.04
CA LEU B 181 -27.40 37.06 -13.67
C LEU B 181 -28.34 37.93 -12.86
N SER B 182 -27.77 38.89 -12.14
CA SER B 182 -28.56 39.89 -11.48
C SER B 182 -29.16 40.84 -12.51
N LYS B 183 -30.26 41.50 -12.12
CA LYS B 183 -30.84 42.51 -13.01
C LYS B 183 -29.80 43.57 -13.36
N ALA B 184 -28.90 43.88 -12.42
CA ALA B 184 -27.83 44.83 -12.68
C ALA B 184 -26.90 44.33 -13.78
N ASP B 185 -26.29 43.15 -13.57
CA ASP B 185 -25.34 42.63 -14.55
C ASP B 185 -25.99 42.44 -15.91
N TYR B 186 -27.29 42.13 -15.95
CA TYR B 186 -27.96 42.00 -17.24
C TYR B 186 -28.14 43.37 -17.89
N GLU B 187 -28.57 44.36 -17.12
CA GLU B 187 -28.78 45.69 -17.67
C GLU B 187 -27.49 46.47 -17.91
N LYS B 188 -26.33 45.89 -17.59
CA LYS B 188 -25.05 46.52 -17.88
C LYS B 188 -24.51 46.18 -19.27
N HIS B 189 -25.16 45.27 -20.00
CA HIS B 189 -24.60 44.77 -21.24
C HIS B 189 -25.68 44.69 -22.30
N LYS B 190 -25.26 44.49 -23.56
CA LYS B 190 -26.17 44.50 -24.69
C LYS B 190 -26.23 43.15 -25.39
N VAL B 191 -25.10 42.63 -25.86
CA VAL B 191 -25.10 41.46 -26.73
C VAL B 191 -24.94 40.20 -25.88
N TYR B 192 -25.96 39.34 -25.92
CA TYR B 192 -25.93 38.05 -25.25
C TYR B 192 -25.95 36.96 -26.32
N ALA B 193 -24.92 36.12 -26.33
CA ALA B 193 -24.71 35.12 -27.36
C ALA B 193 -24.47 33.76 -26.74
N CYS B 194 -24.97 32.73 -27.43
CA CYS B 194 -24.82 31.35 -27.04
C CYS B 194 -24.10 30.61 -28.16
N GLU B 195 -22.94 30.05 -27.86
CA GLU B 195 -22.08 29.38 -28.82
C GLU B 195 -22.17 27.87 -28.58
N VAL B 196 -22.55 27.13 -29.63
CA VAL B 196 -22.82 25.70 -29.56
C VAL B 196 -21.79 24.98 -30.42
N THR B 197 -21.04 24.08 -29.80
CA THR B 197 -20.09 23.19 -30.46
C THR B 197 -20.63 21.77 -30.42
N HIS B 198 -20.88 21.19 -31.59
CA HIS B 198 -21.43 19.85 -31.69
C HIS B 198 -20.77 19.12 -32.85
N GLN B 199 -20.75 17.79 -32.76
CA GLN B 199 -20.16 16.98 -33.81
C GLN B 199 -20.83 17.25 -35.15
N GLY B 200 -22.16 17.30 -35.15
CA GLY B 200 -22.93 17.54 -36.37
C GLY B 200 -22.88 18.96 -36.89
N LEU B 201 -21.98 19.77 -36.33
CA LEU B 201 -21.75 21.13 -36.82
C LEU B 201 -20.33 21.21 -37.36
N SER B 202 -20.20 21.72 -38.59
CA SER B 202 -18.87 21.94 -39.16
C SER B 202 -18.11 23.00 -38.37
N SER B 203 -18.81 24.01 -37.86
CA SER B 203 -18.24 25.09 -37.09
C SER B 203 -19.19 25.46 -35.97
N PRO B 204 -18.69 26.03 -34.88
CA PRO B 204 -19.57 26.40 -33.76
C PRO B 204 -20.61 27.44 -34.18
N VAL B 205 -21.87 27.17 -33.87
CA VAL B 205 -22.96 28.06 -34.22
C VAL B 205 -23.23 29.00 -33.06
N THR B 206 -23.23 30.30 -33.33
CA THR B 206 -23.52 31.30 -32.31
C THR B 206 -24.86 31.96 -32.64
N LYS B 207 -25.76 31.97 -31.66
CA LYS B 207 -27.02 32.68 -31.77
C LYS B 207 -27.06 33.75 -30.69
N SER B 208 -27.33 34.98 -31.09
CA SER B 208 -27.20 36.11 -30.18
C SER B 208 -28.39 37.04 -30.33
N PHE B 209 -28.55 37.88 -29.32
CA PHE B 209 -29.53 38.96 -29.33
C PHE B 209 -28.93 40.15 -28.59
N ASN B 210 -29.61 41.29 -28.69
CA ASN B 210 -29.19 42.51 -28.01
C ASN B 210 -30.27 42.95 -27.04
N ARG B 211 -29.82 43.55 -25.94
CA ARG B 211 -30.70 43.82 -24.81
C ARG B 211 -31.81 44.80 -25.18
N GLY B 212 -33.05 44.41 -24.87
CA GLY B 212 -34.19 45.27 -25.11
C GLY B 212 -34.60 45.47 -26.54
N GLU B 213 -34.00 44.76 -27.49
CA GLU B 213 -34.33 45.01 -28.90
C GLU B 213 -35.75 44.58 -29.22
N CYS B 214 -35.98 43.27 -29.32
CA CYS B 214 -37.32 42.77 -29.63
C CYS B 214 -37.44 41.30 -29.22
N CYS C 18 -43.09 -51.05 -17.07
CA CYS C 18 -42.13 -50.21 -16.34
C CYS C 18 -42.86 -49.29 -15.37
N PRO C 19 -42.25 -49.06 -14.20
CA PRO C 19 -42.90 -48.26 -13.14
C PRO C 19 -42.62 -46.76 -13.24
N PHE C 20 -43.19 -46.12 -14.27
CA PHE C 20 -43.05 -44.68 -14.40
C PHE C 20 -43.89 -43.94 -13.38
N GLY C 21 -45.01 -44.53 -12.96
CA GLY C 21 -45.87 -43.91 -11.95
C GLY C 21 -45.18 -43.67 -10.63
N GLU C 22 -44.08 -44.40 -10.34
CA GLU C 22 -43.32 -44.17 -9.12
C GLU C 22 -42.41 -42.96 -9.23
N VAL C 23 -42.19 -42.44 -10.43
CA VAL C 23 -41.32 -41.28 -10.64
C VAL C 23 -42.14 -40.01 -10.87
N PHE C 24 -43.25 -40.13 -11.59
CA PHE C 24 -43.99 -38.94 -12.01
C PHE C 24 -45.11 -38.63 -11.01
N ASN C 25 -46.03 -39.56 -10.83
CA ASN C 25 -47.09 -39.43 -9.84
C ASN C 25 -46.59 -39.65 -8.41
N ALA C 26 -45.27 -39.54 -8.19
CA ALA C 26 -44.69 -39.79 -6.88
C ALA C 26 -45.11 -38.73 -5.88
N THR C 27 -44.98 -39.06 -4.60
CA THR C 27 -45.45 -38.19 -3.54
C THR C 27 -44.45 -37.06 -3.26
N ARG C 28 -43.22 -37.41 -2.90
CA ARG C 28 -42.19 -36.44 -2.53
C ARG C 28 -41.11 -36.37 -3.59
N PHE C 29 -40.59 -35.17 -3.82
CA PHE C 29 -39.52 -34.92 -4.79
C PHE C 29 -38.34 -34.28 -4.07
N ALA C 30 -37.14 -34.66 -4.48
CA ALA C 30 -35.93 -34.11 -3.90
C ALA C 30 -35.61 -32.75 -4.53
N SER C 31 -35.01 -31.86 -3.74
CA SER C 31 -34.62 -30.57 -4.27
C SER C 31 -33.42 -30.74 -5.20
N VAL C 32 -33.19 -29.71 -6.03
CA VAL C 32 -32.32 -29.86 -7.19
C VAL C 32 -30.86 -30.12 -6.78
N TYR C 33 -30.43 -29.60 -5.63
CA TYR C 33 -29.05 -29.82 -5.22
C TYR C 33 -28.79 -31.29 -4.95
N ALA C 34 -29.78 -32.02 -4.45
CA ALA C 34 -29.66 -33.44 -4.18
C ALA C 34 -30.70 -34.22 -4.99
N TRP C 35 -30.66 -34.06 -6.31
CA TRP C 35 -31.66 -34.66 -7.19
C TRP C 35 -31.67 -36.17 -7.08
N ASN C 36 -32.74 -36.78 -7.58
CA ASN C 36 -33.03 -38.20 -7.35
C ASN C 36 -32.89 -38.99 -8.64
N ARG C 37 -31.93 -39.90 -8.68
CA ARG C 37 -31.75 -40.78 -9.84
C ARG C 37 -32.34 -42.15 -9.54
N LYS C 38 -33.14 -42.66 -10.48
CA LYS C 38 -33.74 -43.99 -10.37
C LYS C 38 -33.37 -44.81 -11.60
N ARG C 39 -32.88 -46.02 -11.36
CA ARG C 39 -32.48 -46.95 -12.41
C ARG C 39 -33.69 -47.77 -12.86
N ILE C 40 -33.77 -48.02 -14.17
CA ILE C 40 -34.88 -48.73 -14.77
C ILE C 40 -34.31 -49.76 -15.74
N SER C 41 -34.72 -51.02 -15.54
CA SER C 41 -34.23 -52.15 -16.33
C SER C 41 -35.22 -53.29 -16.22
N ASN C 42 -35.22 -54.15 -17.25
CA ASN C 42 -35.99 -55.39 -17.29
C ASN C 42 -37.50 -55.10 -17.22
N CYS C 43 -37.99 -54.38 -18.22
CA CYS C 43 -39.42 -54.10 -18.34
C CYS C 43 -39.69 -53.53 -19.72
N VAL C 44 -40.98 -53.51 -20.08
CA VAL C 44 -41.44 -52.98 -21.36
C VAL C 44 -42.05 -51.61 -21.11
N ALA C 45 -41.58 -50.61 -21.85
CA ALA C 45 -42.03 -49.23 -21.69
C ALA C 45 -42.69 -48.71 -22.96
N ASP C 46 -43.77 -47.98 -22.80
CA ASP C 46 -44.45 -47.30 -23.90
C ASP C 46 -44.33 -45.79 -23.66
N TYR C 47 -43.59 -45.12 -24.53
CA TYR C 47 -43.37 -43.69 -24.37
C TYR C 47 -44.57 -42.88 -24.86
N SER C 48 -45.21 -43.32 -25.94
CA SER C 48 -46.30 -42.55 -26.54
C SER C 48 -47.50 -42.39 -25.63
N VAL C 49 -47.52 -43.03 -24.46
CA VAL C 49 -48.59 -42.81 -23.49
C VAL C 49 -48.44 -41.44 -22.84
N LEU C 50 -47.20 -40.96 -22.68
CA LEU C 50 -46.96 -39.71 -21.96
C LEU C 50 -46.91 -38.50 -22.89
N TYR C 51 -46.18 -38.60 -24.01
CA TYR C 51 -46.06 -37.46 -24.92
C TYR C 51 -47.41 -37.08 -25.50
N ASN C 52 -48.27 -38.07 -25.78
CA ASN C 52 -49.62 -37.81 -26.25
C ASN C 52 -50.62 -37.62 -25.11
N SER C 53 -50.16 -37.73 -23.86
CA SER C 53 -51.05 -37.48 -22.72
C SER C 53 -51.43 -36.01 -22.62
N ALA C 54 -50.58 -35.12 -23.17
CA ALA C 54 -50.82 -33.67 -23.14
C ALA C 54 -51.03 -33.18 -21.71
N SER C 55 -50.21 -33.67 -20.79
CA SER C 55 -50.34 -33.33 -19.38
C SER C 55 -49.18 -32.51 -18.84
N PHE C 56 -48.12 -32.31 -19.62
CA PHE C 56 -46.93 -31.59 -19.16
C PHE C 56 -46.82 -30.25 -19.88
N SER C 57 -46.23 -29.28 -19.17
CA SER C 57 -45.98 -27.97 -19.75
C SER C 57 -44.70 -27.94 -20.58
N THR C 58 -43.76 -28.85 -20.32
CA THR C 58 -42.50 -28.90 -21.04
C THR C 58 -42.14 -30.35 -21.31
N PHE C 59 -41.88 -30.67 -22.58
CA PHE C 59 -41.53 -32.04 -23.00
C PHE C 59 -40.63 -31.92 -24.22
N LYS C 60 -39.32 -31.90 -23.98
CA LYS C 60 -38.34 -31.72 -25.05
C LYS C 60 -37.39 -32.92 -25.07
N CYS C 61 -37.24 -33.53 -26.23
CA CYS C 61 -36.38 -34.70 -26.39
C CYS C 61 -35.24 -34.39 -27.35
N TYR C 62 -34.02 -34.65 -26.89
CA TYR C 62 -32.80 -34.35 -27.64
C TYR C 62 -32.11 -35.65 -28.04
N GLY C 63 -31.74 -35.75 -29.31
CA GLY C 63 -31.10 -36.94 -29.83
C GLY C 63 -32.06 -37.82 -30.60
N VAL C 64 -32.88 -38.57 -29.88
CA VAL C 64 -33.85 -39.47 -30.48
C VAL C 64 -35.13 -38.69 -30.77
N SER C 65 -35.82 -39.08 -31.83
CA SER C 65 -37.10 -38.44 -32.17
C SER C 65 -38.16 -38.89 -31.17
N PRO C 66 -38.94 -37.97 -30.60
CA PRO C 66 -40.01 -38.39 -29.69
C PRO C 66 -41.13 -39.12 -30.38
N THR C 67 -41.36 -38.84 -31.66
CA THR C 67 -42.51 -39.38 -32.38
C THR C 67 -42.36 -40.88 -32.65
N LYS C 68 -42.79 -41.69 -31.70
CA LYS C 68 -42.94 -43.14 -31.88
C LYS C 68 -41.61 -43.80 -32.26
N LEU C 69 -40.56 -43.47 -31.52
CA LEU C 69 -39.27 -44.10 -31.72
C LEU C 69 -38.85 -44.93 -30.51
N ASN C 70 -39.83 -45.56 -29.85
CA ASN C 70 -39.55 -46.60 -28.86
C ASN C 70 -39.25 -47.95 -29.51
N ASP C 71 -38.88 -47.94 -30.79
CA ASP C 71 -38.40 -49.12 -31.50
C ASP C 71 -36.93 -49.40 -31.22
N LEU C 72 -36.42 -48.97 -30.07
CA LEU C 72 -35.03 -49.17 -29.70
C LEU C 72 -34.92 -49.90 -28.36
N CYS C 73 -33.73 -50.42 -28.08
CA CYS C 73 -33.46 -51.13 -26.84
C CYS C 73 -32.17 -50.59 -26.23
N PHE C 74 -32.25 -50.09 -25.01
CA PHE C 74 -31.08 -49.57 -24.31
C PHE C 74 -30.74 -50.46 -23.12
N THR C 75 -29.50 -50.34 -22.65
CA THR C 75 -29.04 -51.16 -21.53
C THR C 75 -29.75 -50.75 -20.24
N ASN C 76 -29.74 -49.46 -19.92
CA ASN C 76 -30.39 -48.96 -18.71
C ASN C 76 -31.13 -47.67 -19.03
N VAL C 77 -32.11 -47.32 -18.19
CA VAL C 77 -32.82 -46.05 -18.33
C VAL C 77 -32.81 -45.36 -16.97
N TYR C 78 -32.25 -44.14 -16.92
CA TYR C 78 -32.17 -43.38 -15.69
C TYR C 78 -33.21 -42.27 -15.70
N ALA C 79 -33.88 -42.09 -14.56
CA ALA C 79 -34.85 -41.01 -14.38
C ALA C 79 -34.41 -40.14 -13.22
N ASP C 80 -34.09 -38.88 -13.51
CA ASP C 80 -33.61 -37.92 -12.52
C ASP C 80 -34.71 -36.91 -12.25
N SER C 81 -35.20 -36.89 -11.01
CA SER C 81 -36.29 -36.03 -10.60
C SER C 81 -35.82 -34.96 -9.63
N PHE C 82 -36.36 -33.75 -9.81
CA PHE C 82 -36.09 -32.65 -8.88
C PHE C 82 -37.12 -31.55 -9.09
N VAL C 83 -36.98 -30.48 -8.33
CA VAL C 83 -37.91 -29.34 -8.33
C VAL C 83 -37.11 -28.06 -8.51
N ILE C 84 -37.56 -27.21 -9.45
CA ILE C 84 -36.97 -25.89 -9.65
C ILE C 84 -38.08 -24.86 -9.82
N ARG C 85 -37.76 -23.71 -10.39
CA ARG C 85 -38.78 -22.72 -10.74
C ARG C 85 -38.81 -22.53 -12.25
N GLY C 86 -39.90 -21.91 -12.72
CA GLY C 86 -40.10 -21.76 -14.16
C GLY C 86 -38.96 -21.03 -14.84
N ASP C 87 -38.48 -19.94 -14.23
CA ASP C 87 -37.35 -19.19 -14.77
C ASP C 87 -36.17 -20.09 -15.12
N GLU C 88 -36.06 -21.23 -14.43
CA GLU C 88 -34.90 -22.10 -14.57
C GLU C 88 -35.15 -23.30 -15.48
N VAL C 89 -36.38 -23.50 -15.94
CA VAL C 89 -36.69 -24.66 -16.78
C VAL C 89 -35.86 -24.63 -18.06
N ARG C 90 -35.63 -23.43 -18.61
CA ARG C 90 -34.81 -23.29 -19.81
C ARG C 90 -33.36 -23.73 -19.60
N GLN C 91 -32.94 -23.95 -18.36
CA GLN C 91 -31.58 -24.38 -18.04
C GLN C 91 -31.39 -25.89 -18.06
N ILE C 92 -32.47 -26.67 -18.08
CA ILE C 92 -32.35 -28.11 -18.19
C ILE C 92 -32.39 -28.49 -19.67
N ALA C 93 -31.32 -28.17 -20.38
CA ALA C 93 -31.26 -28.33 -21.83
C ALA C 93 -29.81 -28.40 -22.25
N PRO C 94 -29.51 -28.98 -23.41
CA PRO C 94 -28.12 -29.08 -23.86
C PRO C 94 -27.41 -27.73 -23.90
N GLY C 95 -26.21 -27.70 -23.33
CA GLY C 95 -25.33 -26.55 -23.42
C GLY C 95 -25.92 -25.24 -22.92
N GLN C 96 -26.52 -25.25 -21.73
CA GLN C 96 -27.07 -24.06 -21.10
C GLN C 96 -26.23 -23.67 -19.89
N THR C 97 -26.20 -22.37 -19.61
CA THR C 97 -25.34 -21.82 -18.56
C THR C 97 -26.15 -20.95 -17.61
N GLY C 98 -25.80 -21.01 -16.33
CA GLY C 98 -26.52 -20.29 -15.31
C GLY C 98 -26.41 -21.00 -13.98
N LYS C 99 -27.12 -20.45 -12.98
CA LYS C 99 -27.03 -20.95 -11.61
C LYS C 99 -27.26 -22.46 -11.54
N ILE C 100 -28.42 -22.92 -12.01
CA ILE C 100 -28.77 -24.33 -11.87
C ILE C 100 -27.81 -25.21 -12.65
N ALA C 101 -27.54 -24.85 -13.91
CA ALA C 101 -26.65 -25.67 -14.74
C ALA C 101 -25.23 -25.68 -14.19
N ASP C 102 -24.71 -24.52 -13.79
CA ASP C 102 -23.32 -24.45 -13.33
C ASP C 102 -23.14 -25.06 -11.95
N TYR C 103 -24.18 -25.04 -11.11
CA TYR C 103 -24.01 -25.36 -9.70
C TYR C 103 -24.91 -26.48 -9.18
N ASN C 104 -25.88 -26.93 -9.96
CA ASN C 104 -26.88 -27.85 -9.41
C ASN C 104 -27.08 -29.11 -10.24
N TYR C 105 -27.41 -28.96 -11.52
CA TYR C 105 -27.66 -30.11 -12.39
C TYR C 105 -27.27 -29.73 -13.81
N LYS C 106 -26.31 -30.46 -14.38
CA LYS C 106 -25.78 -30.15 -15.70
C LYS C 106 -26.00 -31.31 -16.65
N LEU C 107 -26.40 -31.00 -17.89
CA LEU C 107 -26.54 -32.01 -18.92
C LEU C 107 -25.48 -31.81 -20.01
N PRO C 108 -24.97 -32.90 -20.57
CA PRO C 108 -23.91 -32.79 -21.58
C PRO C 108 -24.48 -32.43 -22.95
N ASP C 109 -23.59 -31.92 -23.80
CA ASP C 109 -23.99 -31.51 -25.14
C ASP C 109 -24.44 -32.71 -25.97
N ASP C 110 -23.82 -33.87 -25.76
CA ASP C 110 -24.20 -35.09 -26.48
C ASP C 110 -25.30 -35.84 -25.73
N PHE C 111 -26.40 -35.12 -25.50
CA PHE C 111 -27.48 -35.64 -24.68
C PHE C 111 -28.43 -36.47 -25.53
N THR C 112 -28.46 -37.78 -25.27
CA THR C 112 -29.40 -38.69 -25.92
C THR C 112 -30.48 -39.03 -24.90
N GLY C 113 -31.44 -38.12 -24.77
CA GLY C 113 -32.45 -38.30 -23.74
C GLY C 113 -33.60 -37.33 -23.88
N CYS C 114 -34.35 -37.18 -22.79
CA CYS C 114 -35.53 -36.32 -22.77
C CYS C 114 -35.61 -35.57 -21.44
N VAL C 115 -36.25 -34.40 -21.48
CA VAL C 115 -36.56 -33.62 -20.29
C VAL C 115 -38.04 -33.35 -20.27
N ILE C 116 -38.68 -33.65 -19.14
CA ILE C 116 -40.09 -33.37 -18.93
C ILE C 116 -40.20 -32.49 -17.70
N ALA C 117 -41.21 -31.62 -17.70
CA ALA C 117 -41.39 -30.71 -16.58
C ALA C 117 -42.83 -30.22 -16.59
N TRP C 118 -43.41 -30.09 -15.40
CA TRP C 118 -44.77 -29.58 -15.27
C TRP C 118 -44.90 -28.71 -14.03
N ASN C 119 -45.84 -27.78 -14.10
CA ASN C 119 -46.07 -26.83 -13.01
C ASN C 119 -46.68 -27.54 -11.81
N SER C 120 -45.99 -27.47 -10.67
CA SER C 120 -46.44 -28.08 -9.42
C SER C 120 -46.80 -27.03 -8.37
N ASN C 121 -47.32 -25.88 -8.82
CA ASN C 121 -47.61 -24.79 -7.89
C ASN C 121 -48.64 -25.20 -6.85
N ASN C 122 -49.56 -26.09 -7.21
CA ASN C 122 -50.61 -26.52 -6.31
C ASN C 122 -50.12 -27.51 -5.24
N LEU C 123 -48.94 -28.10 -5.43
CA LEU C 123 -48.45 -29.12 -4.51
C LEU C 123 -47.19 -28.72 -3.75
N ASP C 124 -46.42 -27.75 -4.23
CA ASP C 124 -45.16 -27.38 -3.59
C ASP C 124 -45.14 -25.95 -3.04
N SER C 125 -46.18 -25.15 -3.30
CA SER C 125 -46.30 -23.85 -2.67
C SER C 125 -46.98 -24.00 -1.31
N LYS C 126 -47.03 -22.89 -0.57
CA LYS C 126 -47.62 -22.89 0.76
C LYS C 126 -47.77 -21.44 1.20
N VAL C 127 -48.85 -21.14 1.92
CA VAL C 127 -49.08 -19.77 2.35
C VAL C 127 -48.00 -19.36 3.34
N GLY C 128 -47.49 -18.15 3.18
CA GLY C 128 -46.31 -17.72 3.90
C GLY C 128 -45.01 -18.26 3.36
N GLY C 129 -45.04 -18.93 2.22
CA GLY C 129 -43.86 -19.51 1.61
C GLY C 129 -43.62 -20.94 2.05
N ASN C 130 -43.17 -21.76 1.10
CA ASN C 130 -42.61 -23.08 1.39
C ASN C 130 -41.12 -22.99 1.12
N TYR C 131 -40.31 -23.12 2.17
CA TYR C 131 -38.87 -23.01 2.06
C TYR C 131 -38.21 -24.38 2.24
N ASN C 132 -38.82 -25.42 1.69
CA ASN C 132 -38.30 -26.78 1.82
C ASN C 132 -37.36 -27.16 0.68
N TYR C 133 -37.47 -26.52 -0.48
CA TYR C 133 -36.61 -26.83 -1.61
C TYR C 133 -35.41 -25.88 -1.60
N LEU C 134 -34.21 -26.47 -1.67
CA LEU C 134 -32.96 -25.73 -1.64
C LEU C 134 -32.31 -25.76 -3.02
N TYR C 135 -31.49 -24.73 -3.26
CA TYR C 135 -30.68 -24.64 -4.46
C TYR C 135 -29.29 -24.19 -4.05
N ARG C 136 -28.27 -24.74 -4.71
CA ARG C 136 -26.90 -24.31 -4.45
C ARG C 136 -26.64 -23.00 -5.18
N LEU C 137 -26.21 -22.00 -4.43
CA LEU C 137 -25.94 -20.68 -4.95
C LEU C 137 -24.45 -20.38 -5.08
N PHE C 138 -23.59 -21.18 -4.45
CA PHE C 138 -22.16 -20.93 -4.46
C PHE C 138 -21.41 -22.22 -4.76
N ARG C 139 -20.36 -22.12 -5.59
CA ARG C 139 -19.47 -23.24 -5.83
C ARG C 139 -18.18 -22.72 -6.45
N LYS C 140 -17.05 -23.36 -6.10
CA LYS C 140 -15.76 -22.94 -6.61
C LYS C 140 -15.62 -23.17 -8.12
N SER C 141 -16.23 -24.23 -8.63
CA SER C 141 -16.17 -24.60 -10.04
C SER C 141 -17.57 -24.92 -10.53
N ASN C 142 -17.68 -25.33 -11.79
CA ASN C 142 -18.96 -25.73 -12.36
C ASN C 142 -19.07 -27.26 -12.38
N LEU C 143 -20.30 -27.73 -12.52
CA LEU C 143 -20.58 -29.16 -12.42
C LEU C 143 -20.35 -29.85 -13.75
N LYS C 144 -19.62 -30.97 -13.72
CA LYS C 144 -19.49 -31.83 -14.88
C LYS C 144 -20.83 -32.49 -15.17
N PRO C 145 -21.05 -32.94 -16.41
CA PRO C 145 -22.34 -33.54 -16.77
C PRO C 145 -22.71 -34.69 -15.83
N PHE C 146 -23.91 -34.60 -15.26
CA PHE C 146 -24.47 -35.57 -14.31
C PHE C 146 -23.70 -35.61 -13.00
N GLU C 147 -23.00 -34.54 -12.64
CA GLU C 147 -22.41 -34.46 -11.31
C GLU C 147 -23.47 -34.14 -10.26
N ARG C 148 -23.12 -34.35 -9.00
CA ARG C 148 -24.06 -34.17 -7.89
C ARG C 148 -23.26 -33.75 -6.66
N ASP C 149 -23.60 -32.59 -6.10
CA ASP C 149 -22.80 -31.96 -5.05
C ASP C 149 -23.69 -31.72 -3.83
N ILE C 150 -23.39 -32.42 -2.73
CA ILE C 150 -24.05 -32.20 -1.45
C ILE C 150 -23.15 -31.43 -0.48
N SER C 151 -21.99 -30.98 -0.94
CA SER C 151 -21.03 -30.30 -0.08
C SER C 151 -21.62 -29.03 0.52
N THR C 152 -21.97 -29.08 1.81
CA THR C 152 -22.39 -27.89 2.55
C THR C 152 -21.20 -27.10 3.13
N GLU C 153 -20.05 -27.12 2.44
CA GLU C 153 -18.90 -26.36 2.90
C GLU C 153 -19.16 -24.86 2.78
N ILE C 154 -18.65 -24.10 3.75
CA ILE C 154 -18.79 -22.65 3.75
C ILE C 154 -18.05 -22.06 2.56
N TYR C 155 -18.79 -21.52 1.59
CA TYR C 155 -18.17 -20.92 0.42
C TYR C 155 -17.37 -19.68 0.80
N GLN C 156 -16.16 -19.58 0.29
CA GLN C 156 -15.26 -18.47 0.58
C GLN C 156 -15.36 -17.44 -0.54
N ALA C 157 -15.83 -16.24 -0.21
CA ALA C 157 -15.90 -15.14 -1.16
C ALA C 157 -14.88 -14.04 -0.88
N GLY C 158 -14.16 -14.10 0.23
CA GLY C 158 -13.14 -13.12 0.52
C GLY C 158 -11.77 -13.74 0.69
N SER C 159 -10.80 -12.94 1.14
CA SER C 159 -9.45 -13.48 1.33
C SER C 159 -9.38 -14.37 2.55
N THR C 160 -10.22 -14.12 3.55
CA THR C 160 -10.15 -14.89 4.79
C THR C 160 -10.62 -16.33 4.56
N PRO C 161 -9.88 -17.34 5.02
CA PRO C 161 -10.41 -18.70 5.02
C PRO C 161 -11.57 -18.81 5.99
N CYS C 162 -12.58 -19.61 5.62
CA CYS C 162 -13.83 -19.58 6.34
C CYS C 162 -13.82 -20.43 7.60
N ASN C 163 -12.98 -21.47 7.64
CA ASN C 163 -12.85 -22.32 8.83
C ASN C 163 -14.21 -22.88 9.28
N GLY C 164 -15.03 -23.28 8.31
CA GLY C 164 -16.26 -23.99 8.57
C GLY C 164 -17.37 -23.21 9.23
N VAL C 165 -17.13 -21.96 9.63
CA VAL C 165 -18.12 -21.16 10.32
C VAL C 165 -18.61 -20.08 9.37
N GLU C 166 -19.90 -19.75 9.46
CA GLU C 166 -20.46 -18.66 8.68
C GLU C 166 -20.09 -17.33 9.30
N GLY C 167 -19.93 -16.33 8.45
CA GLY C 167 -19.60 -14.99 8.93
C GLY C 167 -19.36 -14.03 7.80
N PHE C 168 -18.60 -12.98 8.11
CA PHE C 168 -18.26 -11.95 7.14
C PHE C 168 -17.55 -12.55 5.94
N ASN C 169 -18.22 -12.57 4.79
CA ASN C 169 -17.67 -13.08 3.53
C ASN C 169 -17.50 -14.59 3.56
N CYS C 170 -18.44 -15.29 4.22
CA CYS C 170 -18.36 -16.74 4.39
C CYS C 170 -19.78 -17.28 4.46
N TYR C 171 -20.34 -17.59 3.30
CA TYR C 171 -21.77 -17.85 3.16
C TYR C 171 -22.03 -19.34 3.02
N PHE C 172 -23.17 -19.76 3.54
CA PHE C 172 -23.62 -21.13 3.36
C PHE C 172 -24.03 -21.35 1.91
N PRO C 173 -23.69 -22.49 1.31
CA PRO C 173 -23.89 -22.68 -0.13
C PRO C 173 -25.32 -22.95 -0.56
N LEU C 174 -26.09 -23.66 0.26
CA LEU C 174 -27.47 -23.98 -0.06
C LEU C 174 -28.40 -22.89 0.47
N GLN C 175 -29.40 -22.52 -0.34
CA GLN C 175 -30.35 -21.51 0.06
C GLN C 175 -31.76 -21.94 -0.36
N SER C 176 -32.76 -21.44 0.36
CA SER C 176 -34.12 -21.92 0.20
C SER C 176 -34.80 -21.32 -1.04
N TYR C 177 -35.83 -22.03 -1.51
CA TYR C 177 -36.78 -21.48 -2.46
C TYR C 177 -37.92 -20.84 -1.71
N GLY C 178 -38.41 -19.72 -2.22
CA GLY C 178 -39.51 -19.04 -1.56
C GLY C 178 -40.84 -19.22 -2.26
N PHE C 179 -41.45 -20.40 -2.11
CA PHE C 179 -42.61 -20.79 -2.91
C PHE C 179 -43.90 -20.37 -2.23
N GLN C 180 -44.22 -19.08 -2.35
CA GLN C 180 -45.56 -18.63 -2.03
C GLN C 180 -46.49 -18.97 -3.21
N PRO C 181 -47.76 -19.28 -2.94
CA PRO C 181 -48.66 -19.68 -4.03
C PRO C 181 -49.08 -18.53 -4.92
N THR C 182 -49.10 -17.31 -4.41
CA THR C 182 -49.53 -16.15 -5.18
C THR C 182 -48.37 -15.55 -5.96
N ASN C 183 -47.47 -16.40 -6.44
CA ASN C 183 -46.33 -15.96 -7.23
C ASN C 183 -46.72 -15.84 -8.69
N GLY C 184 -45.92 -15.08 -9.44
CA GLY C 184 -45.95 -15.18 -10.87
C GLY C 184 -45.47 -16.55 -11.34
N VAL C 185 -45.87 -16.90 -12.57
CA VAL C 185 -45.60 -18.24 -13.07
C VAL C 185 -44.09 -18.49 -13.14
N GLY C 186 -43.32 -17.47 -13.50
CA GLY C 186 -41.87 -17.61 -13.55
C GLY C 186 -41.24 -17.97 -12.23
N TYR C 187 -41.92 -17.67 -11.12
CA TYR C 187 -41.42 -17.95 -9.78
C TYR C 187 -42.10 -19.15 -9.15
N GLN C 188 -42.92 -19.88 -9.90
CA GLN C 188 -43.66 -20.97 -9.27
C GLN C 188 -42.90 -22.28 -9.38
N PRO C 189 -43.16 -23.23 -8.48
CA PRO C 189 -42.44 -24.50 -8.52
C PRO C 189 -42.82 -25.35 -9.72
N TYR C 190 -41.80 -26.00 -10.29
CA TYR C 190 -41.95 -26.93 -11.40
C TYR C 190 -41.21 -28.22 -11.07
N ARG C 191 -41.84 -29.35 -11.38
CA ARG C 191 -41.23 -30.66 -11.19
C ARG C 191 -40.64 -31.12 -12.51
N VAL C 192 -39.40 -31.63 -12.45
CA VAL C 192 -38.61 -31.98 -13.64
C VAL C 192 -38.14 -33.42 -13.52
N VAL C 193 -38.29 -34.17 -14.62
CA VAL C 193 -37.81 -35.54 -14.73
C VAL C 193 -37.01 -35.66 -16.02
N VAL C 194 -35.74 -36.04 -15.90
CA VAL C 194 -34.82 -36.16 -17.02
C VAL C 194 -34.54 -37.64 -17.25
N LEU C 195 -34.84 -38.12 -18.46
CA LEU C 195 -34.68 -39.52 -18.83
C LEU C 195 -33.44 -39.67 -19.70
N SER C 196 -32.52 -40.53 -19.26
CA SER C 196 -31.30 -40.85 -19.98
C SER C 196 -31.33 -42.31 -20.40
N PHE C 197 -30.85 -42.60 -21.62
CA PHE C 197 -30.88 -43.94 -22.20
C PHE C 197 -29.45 -44.42 -22.42
N GLU C 198 -29.01 -45.37 -21.60
CA GLU C 198 -27.64 -45.87 -21.63
C GLU C 198 -27.61 -47.16 -22.44
N LEU C 199 -26.76 -47.19 -23.48
CA LEU C 199 -26.52 -48.34 -24.33
C LEU C 199 -25.02 -48.63 -24.31
N LEU C 200 -24.59 -49.43 -23.35
CA LEU C 200 -23.18 -49.81 -23.22
C LEU C 200 -22.95 -51.16 -23.92
N HIS C 201 -21.81 -51.78 -23.63
CA HIS C 201 -21.48 -53.09 -24.19
C HIS C 201 -21.99 -54.20 -23.26
N ALA C 202 -23.30 -54.21 -23.09
CA ALA C 202 -23.96 -55.07 -22.11
C ALA C 202 -25.28 -55.56 -22.70
N PRO C 203 -25.86 -56.64 -22.13
CA PRO C 203 -27.15 -57.14 -22.62
C PRO C 203 -28.29 -56.15 -22.46
N ALA C 204 -28.84 -55.68 -23.57
CA ALA C 204 -29.93 -54.72 -23.53
C ALA C 204 -31.23 -55.40 -23.11
N THR C 205 -31.95 -54.79 -22.17
CA THR C 205 -33.17 -55.37 -21.62
C THR C 205 -34.39 -54.45 -21.63
N VAL C 206 -34.23 -53.17 -21.93
CA VAL C 206 -35.33 -52.22 -21.88
C VAL C 206 -35.77 -51.97 -23.33
N CYS C 207 -36.83 -52.66 -23.74
CA CYS C 207 -37.44 -52.46 -25.05
C CYS C 207 -38.90 -52.09 -24.88
N GLY C 208 -39.55 -51.79 -25.99
CA GLY C 208 -40.94 -51.36 -25.98
C GLY C 208 -41.91 -52.38 -26.57
N GLU D 1 43.90 13.79 8.98
CA GLU D 1 43.07 12.61 9.16
C GLU D 1 43.78 11.51 9.93
N VAL D 2 42.98 10.73 10.66
CA VAL D 2 43.50 9.64 11.47
C VAL D 2 43.78 8.47 10.53
N GLN D 3 45.06 8.13 10.40
CA GLN D 3 45.53 7.07 9.51
C GLN D 3 45.89 5.90 10.40
N LEU D 4 45.12 4.81 10.29
CA LEU D 4 45.35 3.59 11.06
C LEU D 4 45.35 2.41 10.11
N VAL D 5 46.44 1.64 10.11
CA VAL D 5 46.65 0.55 9.17
C VAL D 5 46.80 -0.74 9.96
N GLU D 6 45.85 -1.67 9.79
CA GLU D 6 45.90 -2.97 10.43
C GLU D 6 46.66 -3.97 9.54
N SER D 7 47.38 -4.88 10.19
CA SER D 7 48.18 -5.87 9.49
C SER D 7 48.34 -7.10 10.37
N GLY D 8 48.63 -8.24 9.72
CA GLY D 8 48.96 -9.46 10.43
C GLY D 8 47.94 -10.57 10.31
N GLY D 9 46.74 -10.29 9.80
CA GLY D 9 45.75 -11.33 9.67
C GLY D 9 46.15 -12.38 8.66
N GLY D 10 45.61 -13.58 8.84
CA GLY D 10 45.86 -14.66 7.93
C GLY D 10 45.11 -15.90 8.35
N LEU D 11 45.56 -17.05 7.84
CA LEU D 11 44.96 -18.33 8.19
C LEU D 11 45.82 -19.00 9.25
N VAL D 12 45.25 -19.22 10.43
CA VAL D 12 45.90 -20.01 11.48
C VAL D 12 44.96 -21.10 11.93
N GLN D 13 45.51 -22.26 12.25
CA GLN D 13 44.72 -23.34 12.80
C GLN D 13 44.38 -23.09 14.26
N PRO D 14 43.33 -23.74 14.78
CA PRO D 14 42.99 -23.58 16.19
C PRO D 14 44.14 -23.99 17.10
N GLY D 15 44.29 -23.27 18.19
CA GLY D 15 45.37 -23.51 19.12
C GLY D 15 46.64 -22.74 18.82
N GLY D 16 46.83 -22.32 17.58
CA GLY D 16 47.97 -21.50 17.23
C GLY D 16 47.84 -20.09 17.78
N SER D 17 48.89 -19.31 17.57
CA SER D 17 48.91 -17.92 17.99
C SER D 17 49.05 -17.02 16.77
N LEU D 18 49.02 -15.72 17.01
CA LEU D 18 49.13 -14.70 15.97
C LEU D 18 49.36 -13.37 16.65
N ARG D 19 49.91 -12.43 15.89
CA ARG D 19 50.17 -11.09 16.41
C ARG D 19 49.73 -10.07 15.36
N LEU D 20 48.80 -9.22 15.74
CA LEU D 20 48.28 -8.19 14.85
C LEU D 20 48.95 -6.86 15.18
N SER D 21 49.18 -6.05 14.14
CA SER D 21 49.79 -4.75 14.30
C SER D 21 48.90 -3.66 13.72
N CYS D 22 49.06 -2.45 14.25
CA CYS D 22 48.29 -1.27 13.86
C CYS D 22 49.27 -0.10 13.80
N ALA D 23 49.51 0.41 12.60
CA ALA D 23 50.37 1.56 12.40
C ALA D 23 49.52 2.83 12.43
N ALA D 24 49.96 3.82 13.20
CA ALA D 24 49.18 5.03 13.41
C ALA D 24 49.94 6.25 12.91
N SER D 25 49.19 7.21 12.38
CA SER D 25 49.74 8.50 11.96
C SER D 25 48.60 9.50 11.81
N GLY D 26 48.97 10.78 11.75
CA GLY D 26 48.00 11.86 11.61
C GLY D 26 47.59 12.53 12.90
N PHE D 27 48.07 12.04 14.04
CA PHE D 27 47.74 12.60 15.34
C PHE D 27 48.89 12.31 16.30
N THR D 28 48.81 12.88 17.50
CA THR D 28 49.81 12.61 18.52
C THR D 28 49.43 11.30 19.22
N PHE D 29 50.13 10.21 18.85
CA PHE D 29 49.85 8.89 19.38
C PHE D 29 49.90 8.84 20.90
N SER D 30 50.67 9.74 21.52
CA SER D 30 50.92 9.69 22.95
C SER D 30 49.74 10.19 23.78
N SER D 31 48.77 10.88 23.17
CA SER D 31 47.67 11.47 23.93
C SER D 31 46.45 10.56 24.08
N TYR D 32 46.42 9.42 23.41
CA TYR D 32 45.20 8.62 23.37
C TYR D 32 45.42 7.21 23.90
N TRP D 33 44.36 6.63 24.44
CA TRP D 33 44.28 5.19 24.60
C TRP D 33 44.18 4.55 23.22
N MET D 34 44.29 3.22 23.18
CA MET D 34 44.09 2.50 21.93
C MET D 34 43.26 1.25 22.18
N SER D 35 42.31 0.98 21.27
CA SER D 35 41.40 -0.14 21.44
C SER D 35 41.50 -1.08 20.24
N TRP D 36 41.37 -2.37 20.52
CA TRP D 36 41.20 -3.40 19.50
C TRP D 36 39.76 -3.88 19.54
N VAL D 37 39.09 -3.82 18.37
CA VAL D 37 37.69 -4.19 18.19
C VAL D 37 37.60 -5.20 17.05
N ARG D 38 37.01 -6.35 17.29
CA ARG D 38 36.83 -7.30 16.20
C ARG D 38 35.38 -7.34 15.77
N GLN D 39 35.17 -7.83 14.54
CA GLN D 39 33.83 -8.04 14.00
C GLN D 39 33.81 -9.38 13.28
N ALA D 40 33.00 -10.31 13.78
CA ALA D 40 32.89 -11.64 13.21
C ALA D 40 32.26 -11.55 11.82
N PRO D 41 32.30 -12.64 11.04
CA PRO D 41 31.59 -12.65 9.76
C PRO D 41 30.11 -12.31 9.90
N GLY D 42 29.74 -11.11 9.45
CA GLY D 42 28.37 -10.63 9.55
C GLY D 42 27.76 -10.74 10.93
N LYS D 43 28.40 -10.12 11.93
CA LYS D 43 27.89 -10.23 13.29
C LYS D 43 28.15 -9.00 14.15
N GLY D 44 28.53 -7.87 13.59
CA GLY D 44 28.57 -6.63 14.36
C GLY D 44 29.78 -6.54 15.28
N LEU D 45 29.98 -5.34 15.80
CA LEU D 45 31.20 -4.96 16.48
C LEU D 45 31.30 -5.55 17.88
N GLU D 46 32.50 -6.02 18.23
CA GLU D 46 32.77 -6.56 19.56
C GLU D 46 34.12 -6.03 20.04
N TRP D 47 34.11 -5.16 21.04
CA TRP D 47 35.34 -4.59 21.60
C TRP D 47 36.09 -5.64 22.40
N VAL D 48 37.42 -5.72 22.21
CA VAL D 48 38.18 -6.80 22.84
C VAL D 48 39.30 -6.28 23.75
N ALA D 49 39.88 -5.12 23.46
CA ALA D 49 41.01 -4.73 24.31
C ALA D 49 41.22 -3.22 24.32
N ASN D 50 41.90 -2.78 25.37
CA ASN D 50 42.09 -1.37 25.71
C ASN D 50 43.47 -1.20 26.33
N ILE D 51 44.23 -0.20 25.87
CA ILE D 51 45.54 0.07 26.45
C ILE D 51 45.72 1.56 26.65
N LYS D 52 46.34 1.93 27.78
CA LYS D 52 46.54 3.31 28.22
C LYS D 52 47.62 4.00 27.38
N GLN D 53 47.88 5.28 27.69
CA GLN D 53 48.91 6.02 26.98
C GLN D 53 50.28 5.40 27.24
N ASP D 54 50.68 5.34 28.51
CA ASP D 54 51.95 4.74 28.90
C ASP D 54 51.84 3.24 29.10
N ALA D 55 50.74 2.63 28.67
CA ALA D 55 50.50 1.20 28.77
C ALA D 55 50.58 0.70 30.22
N SER D 56 50.34 1.61 31.18
CA SER D 56 50.36 1.23 32.58
C SER D 56 49.03 0.65 33.05
N GLU D 57 48.02 0.64 32.19
CA GLU D 57 46.73 0.00 32.48
C GLU D 57 46.27 -0.70 31.22
N LYS D 58 45.85 -1.97 31.35
CA LYS D 58 45.38 -2.74 30.20
C LYS D 58 44.08 -3.44 30.56
N TYR D 59 43.09 -3.36 29.66
CA TYR D 59 41.77 -3.91 29.91
C TYR D 59 41.34 -4.80 28.76
N TYR D 60 40.56 -5.83 29.09
CA TYR D 60 40.24 -6.91 28.17
C TYR D 60 38.76 -7.26 28.28
N LEU D 61 38.31 -8.06 27.33
CA LEU D 61 37.02 -8.73 27.43
C LEU D 61 37.24 -10.02 28.22
N ASP D 62 36.49 -10.18 29.32
CA ASP D 62 36.70 -11.37 30.15
C ASP D 62 36.37 -12.65 29.39
N SER D 63 35.52 -12.58 28.36
CA SER D 63 35.21 -13.75 27.55
C SER D 63 36.46 -14.39 26.99
N LEU D 64 37.49 -13.59 26.73
CA LEU D 64 38.72 -14.09 26.13
C LEU D 64 39.53 -14.93 27.11
N LYS D 65 39.27 -14.82 28.42
CA LYS D 65 39.94 -15.62 29.42
C LYS D 65 41.45 -15.42 29.37
N GLY D 66 41.87 -14.16 29.26
CA GLY D 66 43.28 -13.81 29.29
C GLY D 66 44.10 -14.31 28.13
N ARG D 67 43.47 -14.74 27.04
CA ARG D 67 44.21 -15.23 25.88
C ARG D 67 44.82 -14.12 25.05
N PHE D 68 44.36 -12.88 25.18
CA PHE D 68 44.84 -11.80 24.36
C PHE D 68 45.64 -10.82 25.21
N THR D 69 46.72 -10.27 24.65
CA THR D 69 47.57 -9.31 25.37
C THR D 69 47.82 -8.10 24.48
N ILE D 70 47.48 -6.92 24.97
CA ILE D 70 47.64 -5.69 24.20
C ILE D 70 48.97 -5.02 24.54
N SER D 71 49.62 -4.44 23.53
CA SER D 71 50.88 -3.73 23.73
C SER D 71 50.96 -2.54 22.78
N ARG D 72 51.89 -1.63 23.06
CA ARG D 72 52.03 -0.48 22.19
C ARG D 72 53.43 0.08 22.30
N ASP D 73 54.01 0.47 21.16
CA ASP D 73 55.30 1.14 21.09
C ASP D 73 55.05 2.56 20.61
N ASN D 74 55.32 3.55 21.48
CA ASN D 74 55.02 4.92 21.13
C ASN D 74 56.05 5.52 20.20
N ALA D 75 57.31 5.11 20.32
CA ALA D 75 58.36 5.60 19.42
C ALA D 75 57.99 5.33 17.97
N LYS D 76 57.40 4.17 17.70
CA LYS D 76 57.07 3.75 16.35
C LYS D 76 55.61 4.00 15.99
N ASN D 77 54.85 4.65 16.87
CA ASN D 77 53.43 4.91 16.65
C ASN D 77 52.70 3.63 16.27
N SER D 78 52.83 2.61 17.12
CA SER D 78 52.35 1.29 16.76
C SER D 78 51.60 0.65 17.93
N LEU D 79 50.53 -0.05 17.59
CA LEU D 79 49.74 -0.84 18.54
C LEU D 79 49.81 -2.31 18.15
N TYR D 80 49.77 -3.20 19.13
CA TYR D 80 49.91 -4.63 18.87
C TYR D 80 48.90 -5.40 19.71
N LEU D 81 48.46 -6.53 19.17
CA LEU D 81 47.56 -7.43 19.89
C LEU D 81 48.05 -8.86 19.69
N GLN D 82 48.49 -9.50 20.77
CA GLN D 82 48.97 -10.88 20.73
C GLN D 82 47.84 -11.83 21.10
N MET D 83 47.42 -12.66 20.12
CA MET D 83 46.33 -13.60 20.27
C MET D 83 46.89 -15.01 20.40
N ASN D 84 46.81 -15.59 21.60
CA ASN D 84 47.30 -16.94 21.86
C ASN D 84 46.12 -17.90 21.99
N SER D 85 46.41 -19.19 21.75
CA SER D 85 45.46 -20.28 21.89
C SER D 85 44.16 -19.99 21.12
N LEU D 86 44.31 -19.81 19.81
CA LEU D 86 43.21 -19.30 19.00
C LEU D 86 42.11 -20.33 18.79
N ARG D 87 40.86 -19.88 18.92
CA ARG D 87 39.65 -20.64 18.70
C ARG D 87 38.93 -20.15 17.45
N ALA D 88 38.04 -21.00 16.93
CA ALA D 88 37.32 -20.65 15.70
C ALA D 88 36.53 -19.36 15.86
N GLU D 89 35.95 -19.13 17.06
CA GLU D 89 35.19 -17.91 17.32
C GLU D 89 36.03 -16.65 17.18
N ASP D 90 37.35 -16.77 17.04
CA ASP D 90 38.22 -15.62 16.86
C ASP D 90 38.28 -15.15 15.42
N THR D 91 37.61 -15.85 14.51
CA THR D 91 37.56 -15.46 13.10
C THR D 91 36.84 -14.13 12.97
N ALA D 92 37.54 -13.10 12.51
CA ALA D 92 36.95 -11.77 12.52
C ALA D 92 37.88 -10.80 11.80
N VAL D 93 37.29 -9.69 11.34
CA VAL D 93 38.06 -8.54 10.91
C VAL D 93 38.37 -7.70 12.13
N TYR D 94 39.65 -7.50 12.41
CA TYR D 94 40.08 -6.76 13.58
C TYR D 94 40.44 -5.34 13.15
N TYR D 95 39.89 -4.36 13.86
CA TYR D 95 40.19 -2.95 13.66
C TYR D 95 40.89 -2.41 14.90
N CYS D 96 41.79 -1.47 14.69
CA CYS D 96 42.30 -0.68 15.78
C CYS D 96 41.66 0.70 15.73
N ALA D 97 41.42 1.26 16.90
CA ALA D 97 40.76 2.55 17.00
C ALA D 97 41.46 3.41 18.04
N ARG D 98 41.64 4.68 17.70
CA ARG D 98 42.06 5.67 18.68
C ARG D 98 40.99 5.79 19.76
N ASP D 99 41.40 5.93 21.02
CA ASP D 99 40.48 5.82 22.14
C ASP D 99 40.63 7.00 23.08
N LEU D 100 39.51 7.64 23.41
CA LEU D 100 39.38 8.50 24.59
C LEU D 100 38.00 8.24 25.19
N GLY D 101 37.72 6.96 25.44
CA GLY D 101 36.37 6.53 25.65
C GLY D 101 35.67 6.42 24.32
N ILE D 102 35.63 7.54 23.59
CA ILE D 102 35.20 7.53 22.21
C ILE D 102 36.18 6.69 21.39
N LEU D 103 35.67 6.03 20.36
CA LEU D 103 36.49 5.33 19.39
C LEU D 103 36.49 6.09 18.07
N TRP D 104 37.68 6.42 17.58
CA TRP D 104 37.87 6.90 16.22
C TRP D 104 38.50 5.78 15.41
N PHE D 105 37.78 5.26 14.42
CA PHE D 105 38.41 4.29 13.55
C PHE D 105 39.20 5.00 12.45
N GLY D 106 39.97 4.21 11.70
CA GLY D 106 40.81 4.78 10.66
C GLY D 106 39.98 5.37 9.53
N ASP D 107 40.41 6.54 9.06
CA ASP D 107 39.74 7.19 7.95
C ASP D 107 39.99 6.43 6.64
N TYR D 108 39.05 6.58 5.72
CA TYR D 108 39.19 5.99 4.40
C TYR D 108 40.30 6.71 3.63
N PRO D 109 41.13 6.00 2.87
CA PRO D 109 41.06 4.54 2.66
C PRO D 109 41.95 3.73 3.60
N TRP D 110 42.63 4.38 4.53
CA TRP D 110 43.62 3.75 5.40
C TRP D 110 43.00 2.65 6.26
N GLY D 111 42.19 3.05 7.23
CA GLY D 111 41.61 2.11 8.16
C GLY D 111 40.57 1.20 7.56
N GLN D 112 40.89 -0.11 7.52
CA GLN D 112 39.90 -1.09 7.09
C GLN D 112 40.14 -2.48 7.69
N GLY D 113 40.94 -2.57 8.75
CA GLY D 113 41.10 -3.82 9.49
C GLY D 113 42.00 -4.84 8.82
N THR D 114 42.28 -5.90 9.55
CA THR D 114 43.00 -7.06 9.05
C THR D 114 42.23 -8.29 9.46
N LEU D 115 42.12 -9.27 8.56
CA LEU D 115 41.20 -10.39 8.69
C LEU D 115 41.90 -11.62 9.24
N VAL D 116 41.52 -12.04 10.46
CA VAL D 116 42.03 -13.27 11.06
C VAL D 116 41.02 -14.39 10.79
N THR D 117 41.48 -15.47 10.17
CA THR D 117 40.65 -16.63 9.85
C THR D 117 41.22 -17.84 10.58
N VAL D 118 40.54 -18.28 11.62
CA VAL D 118 40.98 -19.40 12.44
C VAL D 118 40.18 -20.62 12.04
N SER D 119 40.84 -21.61 11.46
CA SER D 119 40.16 -22.80 10.97
C SER D 119 41.14 -23.95 10.88
N SER D 120 40.62 -25.16 11.08
CA SER D 120 41.39 -26.38 10.98
C SER D 120 41.41 -26.94 9.57
N ALA D 121 40.72 -26.30 8.62
CA ALA D 121 40.69 -26.78 7.25
C ALA D 121 41.89 -26.25 6.48
N SER D 122 42.44 -27.10 5.61
CA SER D 122 43.43 -26.68 4.64
C SER D 122 42.75 -26.14 3.39
N THR D 123 43.51 -25.39 2.59
CA THR D 123 42.92 -24.70 1.46
C THR D 123 42.53 -25.71 0.37
N LYS D 124 41.23 -25.74 0.04
CA LYS D 124 40.70 -26.64 -0.97
C LYS D 124 39.92 -25.86 -2.02
N GLY D 125 40.08 -26.24 -3.29
CA GLY D 125 39.27 -25.71 -4.36
C GLY D 125 37.87 -26.29 -4.38
N PRO D 126 36.93 -25.57 -5.01
CA PRO D 126 35.52 -25.98 -4.96
C PRO D 126 35.17 -27.03 -6.00
N SER D 127 34.03 -27.67 -5.76
CA SER D 127 33.35 -28.49 -6.75
C SER D 127 32.12 -27.71 -7.21
N VAL D 128 31.99 -27.51 -8.52
CA VAL D 128 30.87 -26.78 -9.09
C VAL D 128 29.86 -27.78 -9.63
N PHE D 129 28.60 -27.64 -9.23
CA PHE D 129 27.54 -28.52 -9.67
C PHE D 129 26.42 -27.74 -10.33
N PRO D 130 25.83 -28.24 -11.41
CA PRO D 130 24.80 -27.47 -12.11
C PRO D 130 23.46 -27.57 -11.40
N LEU D 131 22.85 -26.41 -11.14
CA LEU D 131 21.45 -26.32 -10.73
C LEU D 131 20.66 -26.13 -12.02
N ALA D 132 20.21 -27.26 -12.58
CA ALA D 132 19.63 -27.33 -13.91
C ALA D 132 18.16 -26.91 -13.89
N PRO D 133 17.72 -26.14 -14.88
CA PRO D 133 16.30 -25.79 -14.97
C PRO D 133 15.49 -26.94 -15.55
N SER D 134 14.26 -27.04 -15.07
CA SER D 134 13.30 -28.02 -15.56
C SER D 134 12.16 -27.30 -16.24
N SER D 135 11.50 -27.99 -17.18
CA SER D 135 10.30 -27.45 -17.80
C SER D 135 9.11 -27.47 -16.87
N LYS D 136 9.30 -27.98 -15.66
CA LYS D 136 8.25 -28.12 -14.66
C LYS D 136 8.09 -26.86 -13.83
N SER D 137 9.19 -26.29 -13.36
CA SER D 137 9.16 -25.11 -12.50
C SER D 137 9.42 -23.83 -13.31
N THR D 138 8.59 -23.63 -14.33
CA THR D 138 8.66 -22.45 -15.19
C THR D 138 7.57 -21.48 -14.74
N SER D 139 7.95 -20.57 -13.85
CA SER D 139 7.01 -19.61 -13.24
C SER D 139 6.76 -18.45 -14.20
N GLY D 140 5.62 -18.49 -14.89
CA GLY D 140 5.15 -17.40 -15.71
C GLY D 140 6.15 -16.79 -16.67
N GLY D 141 6.72 -17.61 -17.56
CA GLY D 141 7.61 -17.13 -18.61
C GLY D 141 9.07 -16.93 -18.23
N THR D 142 9.43 -17.11 -16.96
CA THR D 142 10.82 -16.98 -16.53
C THR D 142 11.28 -18.28 -15.89
N ALA D 143 12.51 -18.69 -16.21
CA ALA D 143 13.10 -19.91 -15.68
C ALA D 143 14.46 -19.59 -15.09
N ALA D 144 14.78 -20.25 -13.97
CA ALA D 144 16.03 -20.01 -13.24
C ALA D 144 16.99 -21.17 -13.39
N LEU D 145 18.28 -20.85 -13.48
CA LEU D 145 19.34 -21.85 -13.49
C LEU D 145 20.46 -21.37 -12.59
N GLY D 146 21.44 -22.23 -12.32
CA GLY D 146 22.51 -21.78 -11.45
C GLY D 146 23.66 -22.75 -11.32
N CYS D 147 24.58 -22.38 -10.41
CA CYS D 147 25.75 -23.17 -10.07
C CYS D 147 25.88 -23.23 -8.55
N LEU D 148 26.15 -24.44 -8.05
CA LEU D 148 26.39 -24.71 -6.63
C LEU D 148 27.89 -24.92 -6.41
N VAL D 149 28.53 -23.98 -5.73
CA VAL D 149 29.96 -23.99 -5.47
C VAL D 149 30.14 -24.57 -4.07
N LYS D 150 30.50 -25.86 -3.99
CA LYS D 150 30.49 -26.59 -2.74
C LYS D 150 31.90 -26.99 -2.30
N ASP D 151 32.11 -27.00 -0.98
CA ASP D 151 33.29 -27.61 -0.36
C ASP D 151 34.58 -26.92 -0.82
N TYR D 152 34.75 -25.69 -0.33
CA TYR D 152 35.97 -24.95 -0.62
C TYR D 152 36.42 -24.17 0.61
N PHE D 153 37.71 -23.79 0.60
CA PHE D 153 38.34 -23.02 1.67
C PHE D 153 39.63 -22.43 1.13
N PRO D 154 39.97 -21.16 1.47
CA PRO D 154 39.14 -20.24 2.24
C PRO D 154 38.29 -19.36 1.33
N GLU D 155 37.92 -18.20 1.85
CA GLU D 155 37.22 -17.24 1.03
C GLU D 155 38.22 -16.41 0.23
N PRO D 156 37.80 -15.90 -0.93
CA PRO D 156 36.48 -16.12 -1.53
C PRO D 156 36.51 -16.86 -2.85
N VAL D 157 35.32 -17.12 -3.38
CA VAL D 157 35.16 -17.46 -4.78
C VAL D 157 34.52 -16.27 -5.47
N THR D 158 34.79 -16.12 -6.75
CA THR D 158 34.10 -15.18 -7.60
C THR D 158 33.37 -15.97 -8.67
N VAL D 159 32.13 -15.57 -8.96
CA VAL D 159 31.34 -16.25 -9.97
C VAL D 159 30.84 -15.22 -10.97
N SER D 160 31.07 -15.50 -12.25
CA SER D 160 30.48 -14.74 -13.35
C SER D 160 29.68 -15.71 -14.20
N TRP D 161 28.90 -15.15 -15.12
CA TRP D 161 28.11 -15.95 -16.05
C TRP D 161 28.47 -15.58 -17.47
N ASN D 162 28.72 -16.59 -18.29
CA ASN D 162 29.09 -16.40 -19.69
C ASN D 162 30.24 -15.40 -19.82
N SER D 163 31.25 -15.58 -18.97
CA SER D 163 32.47 -14.79 -18.97
C SER D 163 32.19 -13.29 -18.87
N GLY D 164 31.15 -12.93 -18.12
CA GLY D 164 30.84 -11.54 -17.83
C GLY D 164 29.73 -10.97 -18.66
N ALA D 165 29.32 -11.67 -19.72
CA ALA D 165 28.31 -11.13 -20.63
C ALA D 165 26.91 -11.14 -20.02
N LEU D 166 26.64 -12.08 -19.12
CA LEU D 166 25.31 -12.24 -18.51
C LEU D 166 25.36 -11.70 -17.08
N THR D 167 24.88 -10.49 -16.89
CA THR D 167 24.85 -9.83 -15.59
C THR D 167 23.44 -9.54 -15.10
N SER D 168 22.54 -9.16 -16.01
CA SER D 168 21.19 -8.80 -15.63
C SER D 168 20.46 -10.00 -15.07
N GLY D 169 19.99 -9.89 -13.82
CA GLY D 169 19.26 -10.96 -13.19
C GLY D 169 20.11 -11.99 -12.51
N VAL D 170 21.35 -11.65 -12.13
CA VAL D 170 22.26 -12.55 -11.46
C VAL D 170 22.20 -12.29 -9.96
N HIS D 171 22.08 -13.36 -9.17
CA HIS D 171 22.13 -13.28 -7.72
C HIS D 171 23.21 -14.24 -7.26
N THR D 172 24.33 -13.72 -6.77
CA THR D 172 25.36 -14.55 -6.17
C THR D 172 25.25 -14.42 -4.65
N PHE D 173 24.97 -15.53 -3.99
CA PHE D 173 24.66 -15.48 -2.57
C PHE D 173 25.93 -15.45 -1.73
N PRO D 174 25.87 -14.86 -0.54
CA PRO D 174 27.03 -14.89 0.36
C PRO D 174 27.41 -16.32 0.73
N ALA D 175 28.71 -16.55 0.86
CA ALA D 175 29.18 -17.88 1.19
C ALA D 175 28.76 -18.24 2.61
N VAL D 176 28.46 -19.52 2.81
CA VAL D 176 28.10 -20.03 4.13
C VAL D 176 29.13 -21.08 4.54
N LEU D 177 29.49 -21.11 5.82
CA LEU D 177 30.46 -22.05 6.35
C LEU D 177 29.74 -23.31 6.80
N GLN D 178 30.00 -24.43 6.13
CA GLN D 178 29.34 -25.67 6.48
C GLN D 178 29.95 -26.23 7.76
N SER D 179 29.27 -27.23 8.34
CA SER D 179 29.77 -27.84 9.57
C SER D 179 31.10 -28.52 9.35
N SER D 180 31.38 -28.98 8.12
CA SER D 180 32.62 -29.66 7.82
C SER D 180 33.83 -28.73 7.82
N GLY D 181 33.63 -27.44 8.07
CA GLY D 181 34.66 -26.44 7.96
C GLY D 181 34.87 -25.88 6.58
N LEU D 182 34.15 -26.40 5.58
CA LEU D 182 34.27 -25.94 4.20
C LEU D 182 33.11 -25.02 3.86
N TYR D 183 33.36 -24.08 2.95
CA TYR D 183 32.32 -23.15 2.53
C TYR D 183 31.57 -23.68 1.32
N SER D 184 30.35 -23.19 1.12
CA SER D 184 29.62 -23.42 -0.11
C SER D 184 28.65 -22.27 -0.33
N LEU D 185 28.55 -21.83 -1.58
CA LEU D 185 27.58 -20.83 -1.99
C LEU D 185 26.90 -21.28 -3.28
N SER D 186 26.06 -20.41 -3.82
CA SER D 186 25.36 -20.68 -5.06
C SER D 186 25.15 -19.38 -5.81
N SER D 187 25.25 -19.44 -7.14
CA SER D 187 24.98 -18.30 -8.00
C SER D 187 23.84 -18.68 -8.93
N VAL D 188 22.77 -17.90 -8.91
CA VAL D 188 21.59 -18.18 -9.71
C VAL D 188 21.36 -17.04 -10.70
N VAL D 189 20.64 -17.36 -11.77
CA VAL D 189 20.23 -16.34 -12.74
C VAL D 189 18.92 -16.78 -13.36
N THR D 190 18.01 -15.82 -13.51
CA THR D 190 16.71 -16.04 -14.13
C THR D 190 16.75 -15.50 -15.56
N VAL D 191 16.24 -16.29 -16.49
CA VAL D 191 16.27 -15.97 -17.92
C VAL D 191 14.93 -16.34 -18.53
N PRO D 192 14.59 -15.71 -19.66
CA PRO D 192 13.33 -16.08 -20.34
C PRO D 192 13.29 -17.56 -20.65
N SER D 193 12.25 -18.22 -20.14
CA SER D 193 12.11 -19.66 -20.33
C SER D 193 11.88 -20.02 -21.79
N SER D 194 11.43 -19.06 -22.61
CA SER D 194 11.31 -19.33 -24.04
C SER D 194 12.67 -19.57 -24.67
N SER D 195 13.69 -18.81 -24.25
CA SER D 195 15.03 -18.89 -24.84
C SER D 195 15.98 -19.68 -23.92
N LEU D 196 15.63 -20.93 -23.66
CA LEU D 196 16.51 -21.82 -22.91
C LEU D 196 17.42 -22.61 -23.86
N GLY D 197 16.82 -23.38 -24.78
CA GLY D 197 17.55 -24.24 -25.69
C GLY D 197 18.42 -23.50 -26.69
N THR D 198 18.19 -22.21 -26.90
CA THR D 198 19.00 -21.43 -27.84
C THR D 198 20.23 -20.84 -27.17
N GLN D 199 20.09 -20.27 -25.98
CA GLN D 199 21.18 -19.62 -25.28
C GLN D 199 21.92 -20.62 -24.40
N THR D 200 23.24 -20.54 -24.41
CA THR D 200 24.08 -21.41 -23.60
C THR D 200 24.52 -20.65 -22.35
N TYR D 201 24.47 -21.32 -21.20
CA TYR D 201 24.73 -20.71 -19.91
C TYR D 201 25.87 -21.44 -19.21
N ILE D 202 27.04 -20.83 -19.24
CA ILE D 202 28.22 -21.33 -18.55
C ILE D 202 28.51 -20.37 -17.39
N CYS D 203 28.79 -20.94 -16.22
CA CYS D 203 29.21 -20.17 -15.05
C CYS D 203 30.71 -20.34 -14.85
N ASN D 204 31.40 -19.22 -14.65
CA ASN D 204 32.85 -19.21 -14.44
C ASN D 204 33.11 -18.95 -12.97
N VAL D 205 33.67 -19.95 -12.29
CA VAL D 205 33.98 -19.89 -10.87
C VAL D 205 35.50 -19.81 -10.71
N ASN D 206 35.97 -18.72 -10.11
CA ASN D 206 37.39 -18.53 -9.88
C ASN D 206 37.64 -18.54 -8.37
N HIS D 207 38.43 -19.52 -7.91
CA HIS D 207 38.92 -19.59 -6.54
C HIS D 207 40.42 -19.30 -6.58
N LYS D 208 40.76 -18.03 -6.37
CA LYS D 208 42.17 -17.62 -6.35
C LYS D 208 43.01 -18.27 -5.25
N PRO D 209 42.50 -18.54 -4.04
CA PRO D 209 43.38 -19.16 -3.02
C PRO D 209 43.95 -20.50 -3.43
N SER D 210 43.14 -21.39 -3.99
CA SER D 210 43.63 -22.71 -4.38
C SER D 210 44.16 -22.75 -5.80
N ASN D 211 44.17 -21.61 -6.49
CA ASN D 211 44.50 -21.56 -7.92
C ASN D 211 43.63 -22.55 -8.69
N THR D 212 42.33 -22.24 -8.72
CA THR D 212 41.38 -23.08 -9.42
C THR D 212 40.40 -22.23 -10.19
N LYS D 213 40.19 -22.57 -11.45
CA LYS D 213 39.13 -21.97 -12.25
C LYS D 213 38.29 -23.09 -12.85
N VAL D 214 36.98 -22.90 -12.86
CA VAL D 214 36.05 -23.90 -13.37
C VAL D 214 35.01 -23.23 -14.26
N ASP D 215 34.82 -23.75 -15.46
CA ASP D 215 33.72 -23.37 -16.33
C ASP D 215 32.72 -24.51 -16.31
N LYS D 216 31.49 -24.23 -15.89
CA LYS D 216 30.46 -25.25 -15.79
C LYS D 216 29.27 -24.90 -16.67
N LYS D 217 28.88 -25.84 -17.53
CA LYS D 217 27.76 -25.66 -18.43
C LYS D 217 26.49 -26.17 -17.76
N VAL D 218 25.47 -25.32 -17.72
CA VAL D 218 24.19 -25.66 -17.09
C VAL D 218 23.24 -26.09 -18.20
N GLU D 219 22.98 -27.40 -18.28
CA GLU D 219 22.10 -27.96 -19.30
C GLU D 219 20.69 -28.12 -18.78
N PRO D 220 19.69 -27.86 -19.61
CA PRO D 220 18.29 -28.13 -19.23
C PRO D 220 18.07 -29.63 -19.07
N LYS D 221 17.40 -30.00 -17.98
CA LYS D 221 17.24 -31.41 -17.64
C LYS D 221 16.48 -32.16 -18.73
N SER D 222 17.03 -33.30 -19.15
CA SER D 222 16.44 -34.10 -20.21
C SER D 222 15.75 -35.34 -19.66
N ASP E 1 30.25 -6.46 31.31
CA ASP E 1 29.42 -5.81 32.30
C ASP E 1 28.15 -5.22 31.69
N ILE E 2 28.19 -3.93 31.37
CA ILE E 2 27.03 -3.24 30.82
C ILE E 2 26.73 -3.71 29.40
N GLN E 3 25.49 -4.17 29.18
CA GLN E 3 25.04 -4.57 27.87
C GLN E 3 24.24 -3.45 27.23
N MET E 4 24.38 -3.30 25.92
CA MET E 4 23.63 -2.32 25.16
C MET E 4 22.69 -3.04 24.21
N THR E 5 21.45 -2.54 24.12
CA THR E 5 20.45 -3.12 23.23
C THR E 5 19.88 -2.04 22.33
N GLN E 6 19.92 -2.29 21.03
CA GLN E 6 19.42 -1.35 20.04
C GLN E 6 18.10 -1.87 19.49
N SER E 7 17.22 -0.93 19.12
CA SER E 7 15.92 -1.27 18.60
C SER E 7 15.52 -0.28 17.51
N PRO E 8 14.98 -0.80 16.39
CA PRO E 8 14.84 -2.25 16.23
C PRO E 8 16.06 -2.87 15.57
N SER E 9 15.99 -4.14 15.19
CA SER E 9 17.13 -4.75 14.50
C SER E 9 17.26 -4.22 13.09
N SER E 10 16.14 -4.05 12.41
CA SER E 10 16.12 -3.55 11.04
C SER E 10 14.93 -2.61 10.87
N LEU E 11 15.19 -1.44 10.31
CA LEU E 11 14.19 -0.41 10.11
C LEU E 11 14.21 -0.01 8.64
N SER E 12 13.06 -0.09 7.98
CA SER E 12 12.97 0.27 6.57
C SER E 12 12.28 1.62 6.43
N ALA E 13 12.80 2.43 5.51
CA ALA E 13 12.35 3.81 5.36
C ALA E 13 12.67 4.28 3.94
N SER E 14 12.28 5.52 3.65
CA SER E 14 12.45 6.09 2.32
C SER E 14 13.28 7.35 2.40
N VAL E 15 13.72 7.84 1.24
CA VAL E 15 14.53 9.04 1.19
C VAL E 15 13.68 10.24 1.58
N GLY E 16 14.27 11.12 2.40
CA GLY E 16 13.56 12.26 2.94
C GLY E 16 12.83 11.98 4.24
N ASP E 17 12.68 10.72 4.63
CA ASP E 17 12.04 10.40 5.90
C ASP E 17 12.89 10.84 7.08
N ARG E 18 12.22 11.05 8.20
CA ARG E 18 12.88 11.28 9.47
C ARG E 18 12.93 9.95 10.21
N VAL E 19 14.13 9.54 10.62
CA VAL E 19 14.37 8.20 11.12
C VAL E 19 14.95 8.28 12.52
N THR E 20 14.44 7.46 13.45
CA THR E 20 14.96 7.42 14.80
C THR E 20 15.20 5.98 15.23
N ILE E 21 16.37 5.72 15.82
CA ILE E 21 16.75 4.43 16.36
C ILE E 21 17.01 4.60 17.86
N THR E 22 16.65 3.59 18.65
CA THR E 22 16.76 3.67 20.11
C THR E 22 17.84 2.72 20.62
N CYS E 23 18.53 3.13 21.68
CA CYS E 23 19.62 2.35 22.28
C CYS E 23 19.51 2.50 23.78
N ARG E 24 19.38 1.38 24.49
CA ARG E 24 19.21 1.37 25.93
C ARG E 24 20.34 0.59 26.60
N ALA E 25 20.73 1.07 27.77
CA ALA E 25 21.82 0.50 28.54
C ALA E 25 21.27 -0.19 29.78
N SER E 26 21.90 -1.30 30.17
CA SER E 26 21.41 -2.04 31.34
C SER E 26 21.59 -1.26 32.64
N GLN E 27 22.32 -0.15 32.61
CA GLN E 27 22.38 0.76 33.74
C GLN E 27 22.64 2.16 33.23
N GLY E 28 22.41 3.15 34.09
CA GLY E 28 22.66 4.52 33.71
C GLY E 28 24.13 4.76 33.42
N ILE E 29 24.39 5.64 32.47
CA ILE E 29 25.75 5.94 32.03
C ILE E 29 25.87 7.44 31.80
N SER E 30 24.96 8.20 32.42
CA SER E 30 24.76 9.63 32.11
C SER E 30 24.72 9.74 30.57
N ASN E 31 25.48 10.65 29.96
CA ASN E 31 25.45 10.84 28.53
C ASN E 31 26.73 10.33 27.85
N SER E 32 27.39 9.35 28.45
CA SER E 32 28.64 8.81 27.90
C SER E 32 28.32 7.69 26.92
N LEU E 33 27.73 8.09 25.79
CA LEU E 33 27.32 7.18 24.73
C LEU E 33 27.71 7.77 23.37
N ALA E 34 28.01 6.87 22.42
CA ALA E 34 28.46 7.26 21.09
C ALA E 34 27.74 6.44 20.03
N TRP E 35 27.64 7.04 18.84
CA TRP E 35 26.95 6.47 17.69
C TRP E 35 27.90 6.39 16.50
N TYR E 36 27.93 5.19 15.87
CA TYR E 36 28.78 4.86 14.73
C TYR E 36 27.91 4.38 13.56
N GLN E 37 28.42 4.60 12.35
CA GLN E 37 27.79 4.13 11.12
C GLN E 37 28.74 3.18 10.41
N GLN E 38 28.22 2.03 9.99
CA GLN E 38 29.01 1.05 9.25
C GLN E 38 28.24 0.58 8.03
N LYS E 39 28.81 0.84 6.85
CA LYS E 39 28.35 0.32 5.57
C LYS E 39 28.97 -1.05 5.32
N PRO E 40 28.36 -1.86 4.45
CA PRO E 40 28.85 -3.23 4.25
C PRO E 40 30.32 -3.25 3.82
N GLY E 41 31.12 -4.02 4.57
CA GLY E 41 32.51 -4.21 4.25
C GLY E 41 33.45 -3.15 4.79
N LYS E 42 32.94 -1.93 5.01
CA LYS E 42 33.77 -0.84 5.50
C LYS E 42 33.89 -0.90 7.02
N ALA E 43 34.71 0.08 7.58
CA ALA E 43 34.98 0.28 9.00
C ALA E 43 33.95 1.23 9.59
N PRO E 44 33.59 1.04 10.87
CA PRO E 44 32.64 1.96 11.50
C PRO E 44 33.16 3.39 11.53
N LYS E 45 32.25 4.35 11.50
CA LYS E 45 32.60 5.76 11.47
C LYS E 45 31.87 6.50 12.59
N LEU E 46 32.61 7.32 13.34
CA LEU E 46 32.05 8.00 14.49
C LEU E 46 31.15 9.16 14.04
N LEU E 47 29.86 9.05 14.36
CA LEU E 47 28.89 10.12 14.11
C LEU E 47 28.67 10.99 15.33
N LEU E 48 28.46 10.40 16.51
CA LEU E 48 28.13 11.19 17.69
C LEU E 48 28.83 10.67 18.93
N TYR E 49 29.13 11.58 19.85
CA TYR E 49 29.63 11.23 21.17
C TYR E 49 29.01 12.19 22.18
N ALA E 50 29.13 11.84 23.47
CA ALA E 50 28.49 12.62 24.54
C ALA E 50 26.99 12.72 24.31
N ALA E 51 26.41 11.63 23.80
CA ALA E 51 24.98 11.48 23.51
C ALA E 51 24.46 12.45 22.44
N SER E 52 25.05 13.64 22.31
CA SER E 52 24.43 14.70 21.52
C SER E 52 25.34 15.44 20.55
N THR E 53 26.66 15.47 20.74
CA THR E 53 27.51 16.34 19.93
C THR E 53 28.07 15.62 18.72
N LEU E 54 27.93 16.25 17.54
CA LEU E 54 28.43 15.68 16.30
C LEU E 54 29.94 15.87 16.19
N GLU E 55 30.67 14.79 15.96
CA GLU E 55 32.07 14.92 15.60
C GLU E 55 32.16 15.60 14.24
N SER E 56 33.12 16.49 14.10
CA SER E 56 33.19 17.32 12.90
C SER E 56 33.40 16.47 11.65
N GLY E 57 32.81 16.92 10.54
CA GLY E 57 32.76 16.19 9.30
C GLY E 57 31.49 15.40 9.07
N VAL E 58 30.71 15.14 10.13
CA VAL E 58 29.48 14.38 10.03
C VAL E 58 28.38 15.30 9.52
N PRO E 59 27.54 14.84 8.59
CA PRO E 59 26.43 15.69 8.11
C PRO E 59 25.50 16.09 9.24
N SER E 60 25.05 17.35 9.19
CA SER E 60 24.22 17.95 10.24
C SER E 60 22.84 17.32 10.33
N ARG E 61 22.43 16.51 9.36
CA ARG E 61 21.16 15.78 9.46
C ARG E 61 21.14 14.81 10.62
N PHE E 62 22.31 14.43 11.12
CA PHE E 62 22.41 13.52 12.24
C PHE E 62 22.34 14.29 13.55
N SER E 63 21.57 13.75 14.50
CA SER E 63 21.37 14.39 15.78
C SER E 63 21.14 13.30 16.81
N GLY E 64 21.46 13.62 18.06
CA GLY E 64 21.29 12.62 19.11
C GLY E 64 20.74 13.21 20.39
N SER E 65 19.85 12.48 21.04
CA SER E 65 19.29 12.89 22.32
C SER E 65 19.31 11.71 23.26
N GLY E 66 19.18 12.00 24.55
CA GLY E 66 19.05 10.95 25.54
C GLY E 66 20.04 11.11 26.68
N SER E 67 19.80 10.30 27.71
CA SER E 67 20.62 10.32 28.91
C SER E 67 20.19 9.19 29.84
N GLY E 68 20.88 9.04 30.96
CA GLY E 68 20.50 8.02 31.91
C GLY E 68 20.63 6.66 31.28
N THR E 69 19.49 6.05 30.95
CA THR E 69 19.50 4.73 30.33
C THR E 69 19.04 4.71 28.89
N ASP E 70 18.50 5.80 28.36
CA ASP E 70 17.87 5.72 27.05
C ASP E 70 18.39 6.80 26.11
N PHE E 71 18.69 6.40 24.87
CA PHE E 71 19.29 7.29 23.90
C PHE E 71 18.63 7.06 22.54
N THR E 72 18.55 8.13 21.76
CA THR E 72 17.89 8.11 20.46
C THR E 72 18.77 8.82 19.45
N LEU E 73 18.98 8.18 18.31
CA LEU E 73 19.66 8.79 17.17
C LEU E 73 18.61 9.13 16.11
N THR E 74 18.70 10.33 15.55
CA THR E 74 17.71 10.87 14.63
C THR E 74 18.38 11.42 13.38
N ILE E 75 17.91 10.97 12.23
CA ILE E 75 18.29 11.52 10.94
C ILE E 75 17.10 12.33 10.44
N SER E 76 17.34 13.62 10.16
CA SER E 76 16.24 14.55 9.92
C SER E 76 15.55 14.24 8.59
N SER E 77 16.31 14.22 7.50
CA SER E 77 15.80 13.84 6.19
C SER E 77 16.76 12.80 5.63
N LEU E 78 16.31 11.54 5.59
CA LEU E 78 17.17 10.45 5.16
C LEU E 78 17.64 10.65 3.73
N GLN E 79 18.93 10.44 3.50
CA GLN E 79 19.55 10.52 2.19
C GLN E 79 20.07 9.15 1.80
N PRO E 80 20.29 8.90 0.50
CA PRO E 80 20.65 7.54 0.06
C PRO E 80 21.92 7.01 0.68
N GLU E 81 22.87 7.89 1.00
CA GLU E 81 24.13 7.49 1.63
C GLU E 81 23.96 7.15 3.11
N ASP E 82 22.77 7.34 3.67
CA ASP E 82 22.54 7.09 5.08
C ASP E 82 22.05 5.67 5.37
N PHE E 83 21.78 4.87 4.34
CA PHE E 83 21.38 3.47 4.52
C PHE E 83 22.60 2.64 4.86
N ALA E 84 22.61 2.10 6.08
CA ALA E 84 23.74 1.34 6.60
C ALA E 84 23.28 0.72 7.92
N THR E 85 24.21 0.05 8.61
CA THR E 85 23.97 -0.41 9.97
C THR E 85 24.55 0.61 10.93
N TYR E 86 23.86 0.84 12.05
CA TYR E 86 24.31 1.82 13.04
C TYR E 86 24.53 1.12 14.37
N TYR E 87 25.61 1.48 15.04
CA TYR E 87 25.95 0.88 16.33
C TYR E 87 26.07 1.96 17.39
N CYS E 88 25.74 1.61 18.63
CA CYS E 88 25.93 2.48 19.77
C CYS E 88 26.89 1.82 20.74
N GLN E 89 27.74 2.64 21.37
CA GLN E 89 28.64 2.15 22.40
C GLN E 89 28.59 3.10 23.59
N GLN E 90 29.06 2.61 24.73
CA GLN E 90 29.19 3.42 25.94
C GLN E 90 30.65 3.56 26.29
N PHE E 91 31.03 4.75 26.75
CA PHE E 91 32.38 4.90 27.30
C PHE E 91 32.30 5.29 28.77
N TYR E 92 31.55 4.50 29.53
CA TYR E 92 31.37 4.65 30.96
C TYR E 92 32.20 3.66 31.78
N SER E 93 32.43 2.46 31.26
CA SER E 93 33.17 1.42 31.97
C SER E 93 33.72 0.42 30.97
N THR E 94 34.48 -0.58 31.50
CA THR E 94 35.00 -1.73 30.76
C THR E 94 34.34 -3.01 31.28
N PRO E 95 34.13 -4.03 30.43
CA PRO E 95 34.46 -4.04 28.99
C PRO E 95 33.60 -3.08 28.20
N ARG E 96 34.21 -2.41 27.24
CA ARG E 96 33.47 -1.51 26.37
C ARG E 96 32.54 -2.33 25.49
N THR E 97 31.29 -1.89 25.36
CA THR E 97 30.26 -2.69 24.72
C THR E 97 29.48 -1.90 23.68
N PHE E 98 29.21 -2.55 22.56
CA PHE E 98 28.42 -2.01 21.47
C PHE E 98 27.03 -2.66 21.46
N GLY E 99 26.08 -1.95 20.87
CA GLY E 99 24.79 -2.56 20.57
C GLY E 99 24.90 -3.49 19.38
N GLN E 100 23.91 -4.38 19.25
CA GLN E 100 23.96 -5.34 18.15
C GLN E 100 23.77 -4.67 16.79
N GLY E 101 23.37 -3.41 16.74
CA GLY E 101 23.27 -2.72 15.48
C GLY E 101 21.85 -2.70 14.94
N THR E 102 21.53 -1.64 14.19
CA THR E 102 20.24 -1.51 13.52
C THR E 102 20.47 -1.24 12.05
N LYS E 103 19.97 -2.13 11.19
CA LYS E 103 20.12 -2.00 9.75
C LYS E 103 19.00 -1.14 9.21
N VAL E 104 19.36 -0.09 8.47
CA VAL E 104 18.40 0.77 7.81
C VAL E 104 18.30 0.35 6.35
N GLU E 105 17.13 -0.15 5.95
CA GLU E 105 16.90 -0.63 4.59
C GLU E 105 16.00 0.34 3.84
N ILE E 106 15.82 0.08 2.54
CA ILE E 106 14.96 0.90 1.70
C ILE E 106 13.56 0.31 1.68
N LYS E 107 12.57 1.16 1.91
CA LYS E 107 11.19 0.71 1.94
C LYS E 107 10.60 0.69 0.54
N ARG E 108 10.06 -0.46 0.16
CA ARG E 108 9.31 -0.61 -1.08
C ARG E 108 8.05 -1.40 -0.78
N THR E 109 7.18 -1.48 -1.78
CA THR E 109 5.93 -2.22 -1.64
C THR E 109 6.19 -3.72 -1.55
N VAL E 110 5.27 -4.44 -0.91
CA VAL E 110 5.43 -5.88 -0.73
C VAL E 110 5.50 -6.56 -2.10
N ALA E 111 6.29 -7.63 -2.18
CA ALA E 111 6.44 -8.38 -3.41
C ALA E 111 6.64 -9.85 -3.04
N ALA E 112 5.89 -10.72 -3.68
CA ALA E 112 6.00 -12.13 -3.34
C ALA E 112 7.21 -12.76 -4.04
N PRO E 113 7.86 -13.72 -3.38
CA PRO E 113 9.03 -14.35 -4.01
C PRO E 113 8.61 -15.37 -5.06
N SER E 114 9.40 -15.44 -6.13
CA SER E 114 9.26 -16.55 -7.07
C SER E 114 10.05 -17.75 -6.54
N VAL E 115 9.39 -18.88 -6.39
CA VAL E 115 10.00 -20.03 -5.74
C VAL E 115 10.42 -21.03 -6.81
N PHE E 116 11.63 -21.55 -6.68
CA PHE E 116 12.14 -22.59 -7.57
C PHE E 116 12.82 -23.67 -6.75
N ILE E 117 12.83 -24.90 -7.27
CA ILE E 117 13.50 -26.02 -6.61
C ILE E 117 14.44 -26.70 -7.58
N PHE E 118 15.59 -27.14 -7.06
CA PHE E 118 16.65 -27.73 -7.86
C PHE E 118 17.01 -29.07 -7.21
N PRO E 119 16.89 -30.17 -7.93
CA PRO E 119 17.30 -31.47 -7.39
C PRO E 119 18.81 -31.61 -7.42
N PRO E 120 19.36 -32.59 -6.68
CA PRO E 120 20.81 -32.81 -6.74
C PRO E 120 21.28 -33.24 -8.13
N SER E 121 22.45 -32.74 -8.52
CA SER E 121 23.07 -33.15 -9.76
C SER E 121 23.48 -34.61 -9.71
N ASP E 122 23.59 -35.23 -10.88
CA ASP E 122 24.11 -36.60 -10.93
C ASP E 122 25.57 -36.67 -10.51
N GLU E 123 26.34 -35.62 -10.79
CA GLU E 123 27.75 -35.63 -10.38
C GLU E 123 27.89 -35.55 -8.87
N GLN E 124 27.07 -34.71 -8.22
CA GLN E 124 27.13 -34.63 -6.77
C GLN E 124 26.67 -35.94 -6.14
N LEU E 125 25.66 -36.57 -6.74
CA LEU E 125 25.23 -37.90 -6.28
C LEU E 125 26.37 -38.91 -6.42
N LYS E 126 27.13 -38.81 -7.51
CA LYS E 126 28.34 -39.63 -7.65
C LYS E 126 29.32 -39.37 -6.50
N SER E 127 29.49 -38.11 -6.10
CA SER E 127 30.46 -37.80 -5.05
C SER E 127 30.08 -38.39 -3.69
N GLY E 128 28.80 -38.67 -3.44
CA GLY E 128 28.38 -39.27 -2.20
C GLY E 128 27.52 -38.40 -1.31
N THR E 129 27.29 -37.15 -1.67
CA THR E 129 26.43 -36.25 -0.92
C THR E 129 25.40 -35.65 -1.88
N ALA E 130 24.24 -35.27 -1.33
CA ALA E 130 23.18 -34.69 -2.13
C ALA E 130 22.76 -33.36 -1.52
N SER E 131 22.79 -32.31 -2.33
CA SER E 131 22.35 -30.98 -1.93
C SER E 131 21.14 -30.60 -2.77
N VAL E 132 19.97 -30.54 -2.13
CA VAL E 132 18.76 -30.05 -2.76
C VAL E 132 18.67 -28.55 -2.49
N VAL E 133 18.35 -27.76 -3.50
CA VAL E 133 18.40 -26.31 -3.35
C VAL E 133 17.00 -25.74 -3.59
N CYS E 134 16.67 -24.70 -2.83
CA CYS E 134 15.42 -23.97 -2.98
C CYS E 134 15.73 -22.49 -3.05
N LEU E 135 15.13 -21.81 -4.03
CA LEU E 135 15.43 -20.41 -4.32
C LEU E 135 14.17 -19.58 -4.14
N LEU E 136 14.27 -18.50 -3.35
CA LEU E 136 13.23 -17.50 -3.18
C LEU E 136 13.71 -16.23 -3.87
N ASN E 137 13.07 -15.87 -4.97
CA ASN E 137 13.59 -14.83 -5.86
C ASN E 137 12.85 -13.53 -5.66
N ASN E 138 13.62 -12.45 -5.48
CA ASN E 138 13.14 -11.07 -5.55
C ASN E 138 11.87 -10.82 -4.74
N PHE E 139 11.99 -10.70 -3.43
CA PHE E 139 10.84 -10.45 -2.58
C PHE E 139 11.12 -9.27 -1.67
N TYR E 140 10.10 -8.92 -0.88
CA TYR E 140 10.24 -7.87 0.11
C TYR E 140 9.10 -8.08 1.08
N PRO E 141 9.31 -7.92 2.40
CA PRO E 141 10.57 -7.56 3.05
C PRO E 141 11.49 -8.77 3.22
N ARG E 142 12.60 -8.58 3.94
CA ARG E 142 13.58 -9.66 4.06
C ARG E 142 12.98 -10.88 4.75
N GLU E 143 12.00 -10.69 5.63
CA GLU E 143 11.51 -11.77 6.47
C GLU E 143 10.71 -12.77 5.63
N ALA E 144 11.22 -14.00 5.55
CA ALA E 144 10.55 -15.11 4.90
C ALA E 144 10.84 -16.37 5.71
N LYS E 145 10.20 -17.48 5.35
CA LYS E 145 10.45 -18.73 6.07
C LYS E 145 10.45 -19.90 5.11
N VAL E 146 11.44 -20.76 5.24
CA VAL E 146 11.58 -21.94 4.39
C VAL E 146 11.59 -23.18 5.28
N GLN E 147 10.83 -24.20 4.88
CA GLN E 147 10.81 -25.49 5.55
C GLN E 147 10.95 -26.58 4.51
N TRP E 148 11.64 -27.65 4.87
CA TRP E 148 11.87 -28.77 3.97
C TRP E 148 11.01 -29.95 4.39
N LYS E 149 10.39 -30.61 3.41
CA LYS E 149 9.55 -31.77 3.66
C LYS E 149 10.04 -32.92 2.79
N VAL E 150 10.54 -33.96 3.44
CA VAL E 150 11.02 -35.18 2.79
C VAL E 150 9.95 -36.23 3.05
N ASP E 151 9.10 -36.47 2.06
CA ASP E 151 7.90 -37.31 2.20
C ASP E 151 7.00 -36.80 3.32
N ASN E 152 6.80 -35.48 3.33
CA ASN E 152 5.99 -34.79 4.34
C ASN E 152 6.50 -35.08 5.75
N ALA E 153 7.83 -35.08 5.91
CA ALA E 153 8.47 -35.16 7.21
C ALA E 153 9.31 -33.89 7.37
N LEU E 154 8.91 -33.02 8.29
CA LEU E 154 9.62 -31.76 8.46
C LEU E 154 11.03 -32.03 8.96
N GLN E 155 12.01 -31.48 8.26
CA GLN E 155 13.41 -31.69 8.58
C GLN E 155 13.92 -30.55 9.46
N SER E 156 15.06 -30.80 10.11
CA SER E 156 15.69 -29.80 10.96
C SER E 156 17.13 -30.23 11.21
N GLY E 157 18.05 -29.28 11.05
CA GLY E 157 19.46 -29.54 11.25
C GLY E 157 20.22 -29.81 9.97
N ASN E 158 19.53 -29.99 8.85
CA ASN E 158 20.18 -30.29 7.58
C ASN E 158 19.89 -29.24 6.51
N SER E 159 19.48 -28.04 6.90
CA SER E 159 19.26 -26.96 5.96
C SER E 159 19.99 -25.71 6.44
N GLN E 160 20.55 -24.97 5.49
CA GLN E 160 21.21 -23.71 5.77
C GLN E 160 20.82 -22.68 4.72
N GLU E 161 20.59 -21.44 5.16
CA GLU E 161 20.12 -20.40 4.25
C GLU E 161 21.06 -19.21 4.27
N SER E 162 21.07 -18.49 3.15
CA SER E 162 21.76 -17.20 3.06
C SER E 162 20.92 -16.23 2.24
N VAL E 163 21.08 -14.95 2.54
CA VAL E 163 20.29 -13.88 1.92
C VAL E 163 21.24 -12.88 1.27
N THR E 164 20.79 -12.27 0.18
CA THR E 164 21.56 -11.25 -0.52
C THR E 164 21.38 -9.89 0.13
N GLU E 165 22.06 -8.91 -0.42
CA GLU E 165 21.78 -7.54 -0.04
C GLU E 165 20.61 -6.99 -0.85
N GLN E 166 20.03 -5.91 -0.34
CA GLN E 166 18.95 -5.24 -1.06
C GLN E 166 19.47 -4.73 -2.39
N ASP E 167 18.69 -4.98 -3.45
CA ASP E 167 19.16 -4.73 -4.81
C ASP E 167 19.32 -3.24 -5.08
N SER E 168 20.32 -2.91 -5.91
CA SER E 168 20.61 -1.52 -6.22
C SER E 168 19.53 -0.87 -7.06
N LYS E 169 18.65 -1.64 -7.68
CA LYS E 169 17.71 -1.11 -8.67
C LYS E 169 16.25 -1.22 -8.25
N ASP E 170 15.84 -2.34 -7.64
CA ASP E 170 14.46 -2.50 -7.20
C ASP E 170 14.32 -2.80 -5.71
N SER E 171 15.44 -2.86 -4.97
CA SER E 171 15.42 -2.94 -3.50
C SER E 171 14.78 -4.23 -2.99
N THR E 172 14.99 -5.33 -3.69
CA THR E 172 14.44 -6.62 -3.29
C THR E 172 15.54 -7.52 -2.74
N TYR E 173 15.11 -8.62 -2.11
CA TYR E 173 16.01 -9.61 -1.55
C TYR E 173 15.81 -10.94 -2.26
N SER E 174 16.83 -11.78 -2.21
CA SER E 174 16.72 -13.14 -2.71
C SER E 174 17.43 -14.06 -1.73
N LEU E 175 16.85 -15.23 -1.51
CA LEU E 175 17.30 -16.14 -0.47
C LEU E 175 17.53 -17.53 -1.05
N SER E 176 18.55 -18.20 -0.52
CA SER E 176 18.92 -19.55 -0.93
C SER E 176 18.86 -20.46 0.29
N SER E 177 18.18 -21.60 0.15
CA SER E 177 18.12 -22.63 1.18
C SER E 177 18.66 -23.93 0.63
N THR E 178 19.60 -24.54 1.36
CA THR E 178 20.24 -25.76 0.91
C THR E 178 19.98 -26.86 1.93
N LEU E 179 19.42 -27.99 1.46
CA LEU E 179 19.17 -29.17 2.26
C LEU E 179 20.22 -30.21 1.89
N THR E 180 20.99 -30.65 2.89
CA THR E 180 22.10 -31.57 2.67
C THR E 180 21.78 -32.92 3.27
N LEU E 181 21.90 -33.98 2.47
CA LEU E 181 21.72 -35.35 2.94
C LEU E 181 22.82 -36.21 2.36
N SER E 182 23.04 -37.37 2.99
CA SER E 182 23.92 -38.34 2.37
C SER E 182 23.22 -38.98 1.17
N LYS E 183 24.01 -39.50 0.24
CA LYS E 183 23.41 -40.21 -0.88
C LYS E 183 22.54 -41.35 -0.39
N ALA E 184 22.93 -41.99 0.72
CA ALA E 184 22.11 -43.03 1.32
C ALA E 184 20.78 -42.46 1.81
N ASP E 185 20.85 -41.47 2.71
CA ASP E 185 19.63 -40.87 3.25
C ASP E 185 18.77 -40.24 2.16
N TYR E 186 19.40 -39.76 1.08
CA TYR E 186 18.65 -39.20 -0.04
C TYR E 186 17.91 -40.29 -0.78
N GLU E 187 18.57 -41.43 -1.03
CA GLU E 187 17.96 -42.53 -1.74
C GLU E 187 16.93 -43.28 -0.89
N LYS E 188 16.69 -42.85 0.35
CA LYS E 188 15.71 -43.47 1.22
C LYS E 188 14.30 -42.92 1.02
N HIS E 189 14.15 -41.83 0.26
CA HIS E 189 12.86 -41.15 0.15
C HIS E 189 12.64 -40.70 -1.29
N LYS E 190 11.40 -40.27 -1.56
CA LYS E 190 10.97 -39.94 -2.92
C LYS E 190 10.63 -38.46 -3.10
N VAL E 191 9.71 -37.93 -2.30
CA VAL E 191 9.17 -36.59 -2.52
C VAL E 191 9.95 -35.57 -1.71
N TYR E 192 10.60 -34.63 -2.40
CA TYR E 192 11.32 -33.54 -1.77
C TYR E 192 10.58 -32.24 -2.07
N ALA E 193 10.14 -31.55 -1.02
CA ALA E 193 9.30 -30.37 -1.16
C ALA E 193 9.88 -29.22 -0.35
N CYS E 194 9.72 -28.01 -0.88
CA CYS E 194 10.18 -26.79 -0.23
C CYS E 194 8.95 -25.91 0.01
N GLU E 195 8.69 -25.61 1.28
CA GLU E 195 7.52 -24.86 1.71
C GLU E 195 7.96 -23.46 2.12
N VAL E 196 7.40 -22.45 1.46
CA VAL E 196 7.78 -21.06 1.65
C VAL E 196 6.60 -20.32 2.25
N THR E 197 6.80 -19.74 3.43
CA THR E 197 5.81 -18.91 4.11
C THR E 197 6.33 -17.48 4.08
N HIS E 198 5.57 -16.59 3.42
CA HIS E 198 6.00 -15.20 3.29
C HIS E 198 4.81 -14.28 3.41
N GLN E 199 5.10 -13.03 3.82
CA GLN E 199 4.08 -12.01 3.98
C GLN E 199 3.35 -11.75 2.65
N GLY E 200 4.09 -11.61 1.56
CA GLY E 200 3.48 -11.35 0.27
C GLY E 200 2.77 -12.54 -0.33
N LEU E 201 2.61 -13.60 0.46
CA LEU E 201 1.87 -14.78 0.08
C LEU E 201 0.66 -14.93 1.00
N SER E 202 -0.52 -15.14 0.40
CA SER E 202 -1.72 -15.38 1.19
C SER E 202 -1.62 -16.68 1.99
N SER E 203 -1.00 -17.69 1.39
CA SER E 203 -0.82 -19.01 1.99
C SER E 203 0.54 -19.56 1.59
N PRO E 204 1.13 -20.45 2.41
CA PRO E 204 2.46 -20.98 2.07
C PRO E 204 2.47 -21.72 0.74
N VAL E 205 3.43 -21.35 -0.11
CA VAL E 205 3.60 -21.96 -1.42
C VAL E 205 4.63 -23.09 -1.32
N THR E 206 4.27 -24.27 -1.79
CA THR E 206 5.16 -25.42 -1.79
C THR E 206 5.55 -25.75 -3.23
N LYS E 207 6.85 -25.90 -3.47
CA LYS E 207 7.37 -26.34 -4.76
C LYS E 207 8.11 -27.65 -4.51
N SER E 208 7.76 -28.69 -5.27
CA SER E 208 8.26 -30.03 -4.95
C SER E 208 8.68 -30.77 -6.20
N PHE E 209 9.44 -31.85 -5.98
CA PHE E 209 9.79 -32.80 -7.03
C PHE E 209 9.86 -34.19 -6.40
N ASN E 210 9.99 -35.20 -7.25
CA ASN E 210 10.13 -36.58 -6.84
C ASN E 210 11.47 -37.12 -7.32
N ARG E 211 12.06 -38.03 -6.55
CA ARG E 211 13.44 -38.43 -6.79
C ARG E 211 13.57 -39.08 -8.15
N GLY E 212 14.51 -38.56 -8.95
CA GLY E 212 14.77 -39.03 -10.29
C GLY E 212 13.65 -38.77 -11.29
N GLU E 213 12.59 -38.10 -10.87
CA GLU E 213 11.44 -37.85 -11.73
C GLU E 213 11.75 -36.76 -12.77
N CYS F 18 40.42 52.03 10.13
CA CYS F 18 40.50 50.89 11.03
C CYS F 18 41.57 49.90 10.57
N PRO F 19 42.24 49.26 11.54
CA PRO F 19 43.32 48.31 11.20
C PRO F 19 42.83 46.86 11.06
N PHE F 20 42.10 46.60 9.97
CA PHE F 20 41.72 45.22 9.67
C PHE F 20 42.92 44.38 9.24
N GLY F 21 43.98 45.01 8.75
CA GLY F 21 45.20 44.30 8.45
C GLY F 21 45.92 43.75 9.67
N GLU F 22 45.56 44.23 10.86
CA GLU F 22 46.12 43.68 12.08
C GLU F 22 45.41 42.39 12.48
N VAL F 23 44.19 42.18 12.00
CA VAL F 23 43.43 40.96 12.31
C VAL F 23 43.60 39.93 11.21
N PHE F 24 43.37 40.33 9.96
CA PHE F 24 43.40 39.38 8.85
C PHE F 24 44.82 39.08 8.41
N ASN F 25 45.60 40.13 8.14
CA ASN F 25 46.99 39.95 7.71
C ASN F 25 47.91 39.71 8.90
N ALA F 26 47.36 39.18 9.99
CA ALA F 26 48.14 38.92 11.19
C ALA F 26 49.04 37.71 10.99
N THR F 27 50.05 37.59 11.85
CA THR F 27 51.05 36.53 11.72
C THR F 27 50.55 35.23 12.34
N ARG F 28 50.18 35.27 13.62
CA ARG F 28 49.75 34.09 14.36
C ARG F 28 48.29 34.23 14.76
N PHE F 29 47.54 33.14 14.62
CA PHE F 29 46.16 33.07 15.08
C PHE F 29 46.06 32.16 16.30
N ALA F 30 45.02 32.38 17.09
CA ALA F 30 44.77 31.57 18.27
C ALA F 30 43.94 30.35 17.92
N SER F 31 44.12 29.29 18.69
CA SER F 31 43.28 28.11 18.52
C SER F 31 41.85 28.42 18.99
N VAL F 32 40.93 27.56 18.56
CA VAL F 32 39.51 27.86 18.73
C VAL F 32 39.11 27.86 20.21
N TYR F 33 39.71 26.99 21.02
CA TYR F 33 39.33 26.92 22.44
C TYR F 33 39.65 28.23 23.16
N ALA F 34 40.70 28.93 22.74
CA ALA F 34 41.02 30.24 23.31
C ALA F 34 40.93 31.31 22.23
N TRP F 35 39.75 31.43 21.62
CA TRP F 35 39.56 32.35 20.50
C TRP F 35 39.87 33.78 20.92
N ASN F 36 40.46 34.55 19.99
CA ASN F 36 41.03 35.85 20.32
C ASN F 36 40.08 36.96 19.89
N ARG F 37 39.60 37.73 20.86
CA ARG F 37 38.70 38.86 20.60
C ARG F 37 39.49 40.16 20.52
N LYS F 38 39.17 40.98 19.52
CA LYS F 38 39.77 42.29 19.34
C LYS F 38 38.67 43.32 19.22
N ARG F 39 38.80 44.42 19.98
CA ARG F 39 37.81 45.50 19.97
C ARG F 39 38.21 46.52 18.93
N ILE F 40 37.21 47.07 18.24
CA ILE F 40 37.42 48.09 17.22
C ILE F 40 36.43 49.21 17.45
N SER F 41 36.95 50.42 17.63
CA SER F 41 36.14 51.60 17.90
C SER F 41 36.95 52.82 17.53
N ASN F 42 36.24 53.91 17.19
CA ASN F 42 36.84 55.21 16.91
C ASN F 42 37.73 55.14 15.66
N CYS F 43 37.14 54.69 14.56
CA CYS F 43 37.82 54.68 13.26
C CYS F 43 36.77 54.42 12.18
N VAL F 44 37.19 54.63 10.93
CA VAL F 44 36.33 54.42 9.77
C VAL F 44 36.69 53.09 9.14
N ALA F 45 35.67 52.26 8.87
CA ALA F 45 35.87 50.91 8.38
C ALA F 45 35.24 50.76 7.01
N ASP F 46 36.00 50.21 6.06
CA ASP F 46 35.51 49.93 4.72
C ASP F 46 35.41 48.42 4.57
N TYR F 47 34.19 47.89 4.69
CA TYR F 47 33.98 46.45 4.59
C TYR F 47 34.14 45.97 3.15
N SER F 48 33.74 46.79 2.18
CA SER F 48 33.78 46.38 0.78
C SER F 48 35.19 46.09 0.29
N VAL F 49 36.22 46.55 1.01
CA VAL F 49 37.59 46.21 0.66
C VAL F 49 37.80 44.71 0.76
N LEU F 50 37.12 44.06 1.69
CA LEU F 50 37.34 42.65 1.97
C LEU F 50 36.39 41.74 1.20
N TYR F 51 35.08 42.07 1.22
CA TYR F 51 34.11 41.21 0.55
C TYR F 51 34.32 41.21 -0.96
N ASN F 52 34.69 42.35 -1.53
CA ASN F 52 35.05 42.43 -2.95
C ASN F 52 36.50 42.05 -3.19
N SER F 53 37.22 41.62 -2.16
CA SER F 53 38.60 41.18 -2.32
C SER F 53 38.71 39.83 -3.03
N ALA F 54 37.65 39.02 -2.97
CA ALA F 54 37.61 37.68 -3.56
C ALA F 54 38.73 36.79 -3.07
N SER F 55 39.29 37.11 -1.89
CA SER F 55 40.42 36.39 -1.33
C SER F 55 40.00 35.35 -0.29
N PHE F 56 38.70 35.16 -0.08
CA PHE F 56 38.20 34.24 0.94
C PHE F 56 37.35 33.15 0.30
N SER F 57 37.14 32.08 1.05
CA SER F 57 36.27 30.98 0.62
C SER F 57 34.91 31.01 1.29
N THR F 58 34.82 31.54 2.51
CA THR F 58 33.55 31.70 3.21
C THR F 58 33.41 33.17 3.59
N PHE F 59 32.31 33.79 3.17
CA PHE F 59 32.00 35.17 3.54
C PHE F 59 30.48 35.28 3.60
N LYS F 60 29.93 35.03 4.79
CA LYS F 60 28.49 35.01 5.00
C LYS F 60 28.10 36.02 6.07
N CYS F 61 27.10 36.84 5.79
CA CYS F 61 26.66 37.89 6.71
C CYS F 61 25.20 37.67 7.11
N TYR F 62 24.92 37.86 8.40
CA TYR F 62 23.64 37.57 9.01
C TYR F 62 23.06 38.84 9.62
N GLY F 63 21.78 39.11 9.33
CA GLY F 63 21.12 40.29 9.85
C GLY F 63 21.22 41.49 8.93
N VAL F 64 22.40 42.11 8.89
CA VAL F 64 22.63 43.20 7.95
C VAL F 64 22.94 42.61 6.58
N SER F 65 22.74 43.41 5.55
CA SER F 65 22.99 42.93 4.19
C SER F 65 24.48 42.96 3.90
N PRO F 66 25.05 41.89 3.35
CA PRO F 66 26.50 41.89 3.06
C PRO F 66 26.88 42.82 1.92
N THR F 67 25.93 43.18 1.05
CA THR F 67 26.24 43.94 -0.15
C THR F 67 26.23 45.43 0.19
N LYS F 68 27.37 45.90 0.71
CA LYS F 68 27.65 47.32 0.92
C LYS F 68 26.62 47.96 1.84
N LEU F 69 26.52 47.43 3.06
CA LEU F 69 25.69 48.09 4.07
C LEU F 69 26.54 48.53 5.26
N ASN F 70 27.67 49.17 4.97
CA ASN F 70 28.48 49.86 5.97
C ASN F 70 28.00 51.29 6.21
N ASP F 71 26.86 51.67 5.65
CA ASP F 71 26.25 52.98 5.90
C ASP F 71 25.48 52.94 7.20
N LEU F 72 26.10 52.37 8.24
CA LEU F 72 25.53 52.28 9.57
C LEU F 72 26.63 52.63 10.56
N CYS F 73 26.21 53.08 11.74
CA CYS F 73 27.14 53.54 12.78
C CYS F 73 26.86 52.74 14.05
N PHE F 74 27.78 51.85 14.41
CA PHE F 74 27.63 51.02 15.59
C PHE F 74 28.53 51.53 16.72
N THR F 75 28.18 51.12 17.94
CA THR F 75 28.96 51.53 19.11
C THR F 75 30.34 50.86 19.11
N ASN F 76 30.37 49.53 18.95
CA ASN F 76 31.63 48.79 18.94
C ASN F 76 31.59 47.72 17.86
N VAL F 77 32.77 47.29 17.42
CA VAL F 77 32.88 46.20 16.45
C VAL F 77 33.87 45.18 17.00
N TYR F 78 33.39 43.96 17.27
CA TYR F 78 34.22 42.93 17.86
C TYR F 78 34.62 41.91 16.79
N ALA F 79 35.92 41.64 16.70
CA ALA F 79 36.48 40.69 15.74
C ALA F 79 37.02 39.49 16.49
N ASP F 80 36.37 38.35 16.32
CA ASP F 80 36.81 37.08 16.91
C ASP F 80 37.63 36.33 15.87
N SER F 81 38.83 35.92 16.24
CA SER F 81 39.74 35.25 15.32
C SER F 81 40.14 33.91 15.90
N PHE F 82 40.17 32.89 15.05
CA PHE F 82 40.62 31.56 15.46
C PHE F 82 40.89 30.72 14.21
N VAL F 83 41.21 29.44 14.44
CA VAL F 83 41.57 28.50 13.40
C VAL F 83 40.85 27.18 13.66
N ILE F 84 40.24 26.62 12.62
CA ILE F 84 39.54 25.35 12.71
C ILE F 84 39.92 24.52 11.50
N ARG F 85 39.20 23.45 11.22
CA ARG F 85 39.34 22.77 9.93
C ARG F 85 38.11 23.05 9.07
N GLY F 86 38.21 22.64 7.81
CA GLY F 86 37.12 22.90 6.87
C GLY F 86 35.82 22.23 7.29
N ASP F 87 35.91 20.96 7.69
CA ASP F 87 34.74 20.23 8.19
C ASP F 87 33.94 21.04 9.19
N GLU F 88 34.59 21.97 9.90
CA GLU F 88 34.01 22.69 11.02
C GLU F 88 33.53 24.09 10.65
N VAL F 89 33.84 24.56 9.44
CA VAL F 89 33.51 25.94 9.08
C VAL F 89 32.00 26.15 9.09
N ARG F 90 31.25 25.15 8.63
CA ARG F 90 29.79 25.26 8.65
C ARG F 90 29.24 25.41 10.06
N GLN F 91 30.00 24.98 11.08
CA GLN F 91 29.53 25.09 12.46
C GLN F 91 29.63 26.51 13.01
N ILE F 92 30.34 27.39 12.32
CA ILE F 92 30.44 28.79 12.73
C ILE F 92 29.32 29.57 12.06
N ALA F 93 28.08 29.29 12.48
CA ALA F 93 26.88 29.88 11.91
C ALA F 93 25.78 29.83 12.95
N PRO F 94 24.75 30.67 12.82
CA PRO F 94 23.64 30.63 13.79
C PRO F 94 22.89 29.30 13.74
N GLY F 95 22.58 28.78 14.93
CA GLY F 95 21.80 27.56 15.07
C GLY F 95 22.43 26.33 14.48
N GLN F 96 23.69 26.06 14.85
CA GLN F 96 24.41 24.88 14.41
C GLN F 96 24.99 24.15 15.60
N THR F 97 24.97 22.82 15.56
CA THR F 97 25.48 21.98 16.63
C THR F 97 26.64 21.14 16.13
N GLY F 98 27.42 20.63 17.08
CA GLY F 98 28.61 19.87 16.80
C GLY F 98 29.68 20.16 17.82
N LYS F 99 30.76 19.36 17.80
CA LYS F 99 31.82 19.53 18.80
C LYS F 99 32.30 20.97 18.88
N ILE F 100 32.53 21.60 17.73
CA ILE F 100 33.05 22.97 17.72
C ILE F 100 32.03 23.93 18.30
N ALA F 101 30.82 23.95 17.74
CA ALA F 101 29.80 24.89 18.21
C ALA F 101 29.39 24.60 19.65
N ASP F 102 29.30 23.32 20.02
CA ASP F 102 28.86 22.97 21.37
C ASP F 102 29.92 23.35 22.40
N TYR F 103 31.21 23.15 22.08
CA TYR F 103 32.24 23.17 23.10
C TYR F 103 33.34 24.21 22.90
N ASN F 104 33.30 25.00 21.82
CA ASN F 104 34.46 25.82 21.50
C ASN F 104 34.12 27.28 21.20
N TYR F 105 33.14 27.52 20.34
CA TYR F 105 32.77 28.89 19.96
C TYR F 105 31.34 28.87 19.43
N LYS F 106 30.44 29.61 20.07
CA LYS F 106 29.04 29.61 19.68
C LYS F 106 28.56 31.03 19.43
N LEU F 107 27.78 31.21 18.36
CA LEU F 107 27.10 32.42 17.92
C LEU F 107 25.62 32.34 18.23
N PRO F 108 25.02 33.43 18.70
CA PRO F 108 23.59 33.40 19.02
C PRO F 108 22.74 33.26 17.76
N ASP F 109 21.51 32.79 17.96
CA ASP F 109 20.59 32.66 16.84
C ASP F 109 20.25 34.02 16.24
N ASP F 110 20.23 35.06 17.07
CA ASP F 110 20.01 36.45 16.64
C ASP F 110 21.31 37.12 16.23
N PHE F 111 22.16 36.43 15.47
CA PHE F 111 23.48 36.97 15.13
C PHE F 111 23.33 37.97 13.98
N THR F 112 23.81 39.18 14.21
CA THR F 112 23.83 40.24 13.21
C THR F 112 25.28 40.65 13.01
N GLY F 113 25.99 39.90 12.19
CA GLY F 113 27.40 40.15 11.93
C GLY F 113 27.83 39.47 10.66
N CYS F 114 29.11 39.15 10.57
CA CYS F 114 29.64 38.46 9.40
C CYS F 114 30.64 37.40 9.84
N VAL F 115 30.81 36.38 9.01
CA VAL F 115 31.72 35.27 9.25
C VAL F 115 32.57 35.09 8.00
N ILE F 116 33.89 35.17 8.17
CA ILE F 116 34.84 35.10 7.09
C ILE F 116 35.82 33.97 7.40
N ALA F 117 36.09 33.15 6.40
CA ALA F 117 37.02 32.03 6.58
C ALA F 117 37.77 31.79 5.28
N TRP F 118 39.07 31.56 5.40
CA TRP F 118 39.87 31.22 4.24
C TRP F 118 40.88 30.13 4.58
N ASN F 119 41.26 29.37 3.56
CA ASN F 119 42.18 28.26 3.76
C ASN F 119 43.59 28.77 4.03
N SER F 120 44.27 28.11 4.98
CA SER F 120 45.64 28.45 5.36
C SER F 120 46.50 27.21 5.43
N ASN F 121 46.27 26.27 4.50
CA ASN F 121 47.07 25.05 4.47
C ASN F 121 48.53 25.35 4.19
N ASN F 122 48.82 26.43 3.46
CA ASN F 122 50.20 26.83 3.21
C ASN F 122 50.85 27.44 4.46
N LEU F 123 50.06 27.84 5.44
CA LEU F 123 50.58 28.53 6.62
C LEU F 123 50.46 27.74 7.91
N ASP F 124 49.48 26.83 8.01
CA ASP F 124 49.26 26.09 9.24
C ASP F 124 49.44 24.58 9.07
N SER F 125 49.97 24.14 7.94
CA SER F 125 50.36 22.75 7.75
C SER F 125 51.86 22.58 7.95
N LYS F 126 52.24 21.36 8.26
CA LYS F 126 53.64 21.01 8.40
C LYS F 126 53.77 19.51 8.20
N VAL F 127 54.78 19.09 7.44
CA VAL F 127 54.95 17.67 7.14
C VAL F 127 55.06 16.89 8.45
N GLY F 128 54.36 15.76 8.51
CA GLY F 128 54.27 14.99 9.73
C GLY F 128 53.24 15.50 10.72
N GLY F 129 52.85 16.77 10.62
CA GLY F 129 51.78 17.29 11.45
C GLY F 129 52.12 18.55 12.23
N ASN F 130 51.16 19.47 12.31
CA ASN F 130 51.22 20.62 13.19
C ASN F 130 50.10 20.46 14.21
N TYR F 131 50.48 20.21 15.48
CA TYR F 131 49.52 19.97 16.55
C TYR F 131 49.46 21.11 17.54
N ASN F 132 49.84 22.32 17.12
CA ASN F 132 49.79 23.48 18.01
C ASN F 132 48.39 24.05 18.14
N TYR F 133 47.51 23.81 17.17
CA TYR F 133 46.15 24.29 17.23
C TYR F 133 45.32 23.26 17.98
N LEU F 134 44.66 23.71 19.05
CA LEU F 134 43.91 22.83 19.92
C LEU F 134 42.42 23.14 19.82
N TYR F 135 41.62 22.16 20.23
CA TYR F 135 40.17 22.29 20.31
C TYR F 135 39.69 21.55 21.55
N ARG F 136 38.58 22.02 22.12
CA ARG F 136 38.01 21.33 23.27
C ARG F 136 37.13 20.17 22.80
N LEU F 137 37.31 19.01 23.43
CA LEU F 137 36.58 17.81 23.04
C LEU F 137 35.42 17.48 23.97
N PHE F 138 35.57 17.74 25.26
CA PHE F 138 34.55 17.43 26.24
C PHE F 138 34.17 18.70 27.00
N ARG F 139 32.90 18.78 27.37
CA ARG F 139 32.42 19.81 28.28
C ARG F 139 31.13 19.32 28.90
N LYS F 140 30.95 19.61 30.18
CA LYS F 140 29.75 19.13 30.86
C LYS F 140 28.49 19.78 30.31
N SER F 141 28.61 21.01 29.79
CA SER F 141 27.48 21.72 29.22
C SER F 141 27.94 22.43 27.95
N ASN F 142 26.96 22.82 27.13
CA ASN F 142 27.28 23.53 25.90
C ASN F 142 27.49 25.01 26.20
N LEU F 143 28.22 25.68 25.30
CA LEU F 143 28.62 27.06 25.55
C LEU F 143 27.48 28.04 25.27
N LYS F 144 27.34 29.02 26.16
CA LYS F 144 26.51 30.17 25.91
C LYS F 144 27.10 30.98 24.75
N PRO F 145 26.28 31.71 24.01
CA PRO F 145 26.80 32.54 22.91
C PRO F 145 27.91 33.49 23.37
N PHE F 146 28.98 33.54 22.59
CA PHE F 146 30.16 34.36 22.84
C PHE F 146 30.88 33.99 24.14
N GLU F 147 30.57 32.83 24.72
CA GLU F 147 31.32 32.37 25.86
C GLU F 147 32.68 31.84 25.41
N ARG F 148 33.63 31.81 26.35
CA ARG F 148 34.96 31.29 26.12
C ARG F 148 35.32 30.39 27.29
N ASP F 149 35.84 29.20 26.99
CA ASP F 149 36.30 28.28 28.02
C ASP F 149 37.79 28.06 27.82
N ILE F 150 38.56 28.24 28.89
CA ILE F 150 40.00 27.95 28.88
C ILE F 150 40.35 26.86 29.87
N SER F 151 39.39 26.38 30.65
CA SER F 151 39.67 25.50 31.77
C SER F 151 40.21 24.16 31.27
N THR F 152 41.40 23.80 31.77
CA THR F 152 42.02 22.52 31.42
C THR F 152 41.73 21.47 32.49
N GLU F 153 40.45 21.30 32.82
CA GLU F 153 40.01 20.38 33.86
C GLU F 153 39.70 19.01 33.28
N ILE F 154 40.18 17.97 33.96
CA ILE F 154 40.00 16.59 33.51
C ILE F 154 38.51 16.27 33.43
N TYR F 155 38.05 15.88 32.25
CA TYR F 155 36.64 15.57 32.04
C TYR F 155 36.30 14.19 32.61
N GLN F 156 35.21 14.13 33.38
CA GLN F 156 34.73 12.88 33.96
C GLN F 156 33.67 12.27 33.04
N ALA F 157 34.02 11.16 32.39
CA ALA F 157 33.08 10.40 31.57
C ALA F 157 32.53 9.16 32.28
N GLY F 158 33.05 8.84 33.46
CA GLY F 158 32.61 7.65 34.17
C GLY F 158 32.02 7.91 35.54
N SER F 159 31.95 6.85 36.36
CA SER F 159 31.35 6.93 37.68
C SER F 159 32.33 7.35 38.77
N THR F 160 33.63 7.26 38.50
CA THR F 160 34.66 7.60 39.48
C THR F 160 35.18 9.01 39.23
N PRO F 161 35.45 9.80 40.27
CA PRO F 161 35.92 11.17 40.05
C PRO F 161 37.35 11.18 39.52
N CYS F 162 37.73 12.32 38.94
CA CYS F 162 39.04 12.41 38.32
C CYS F 162 40.12 12.86 39.30
N ASN F 163 39.81 13.84 40.16
CA ASN F 163 40.75 14.35 41.16
C ASN F 163 42.01 14.94 40.51
N GLY F 164 41.85 15.57 39.35
CA GLY F 164 42.92 16.26 38.68
C GLY F 164 43.81 15.40 37.81
N VAL F 165 43.72 14.08 37.90
CA VAL F 165 44.63 13.19 37.19
C VAL F 165 43.90 12.60 35.99
N GLU F 166 44.60 12.55 34.85
CA GLU F 166 44.12 11.76 33.73
C GLU F 166 44.27 10.27 34.04
N GLY F 167 43.31 9.49 33.57
CA GLY F 167 43.35 8.06 33.80
C GLY F 167 42.14 7.40 33.20
N PHE F 168 41.88 6.17 33.65
CA PHE F 168 40.70 5.42 33.22
C PHE F 168 39.44 6.26 33.39
N ASN F 169 38.79 6.59 32.27
CA ASN F 169 37.52 7.35 32.24
C ASN F 169 37.67 8.77 32.79
N CYS F 170 38.83 9.38 32.56
CA CYS F 170 39.07 10.76 33.03
C CYS F 170 39.98 11.44 32.00
N TYR F 171 39.36 12.01 30.97
CA TYR F 171 40.07 12.43 29.77
C TYR F 171 40.35 13.93 29.76
N PHE F 172 41.52 14.29 29.27
CA PHE F 172 41.92 15.68 29.14
C PHE F 172 41.08 16.35 28.06
N PRO F 173 40.41 17.46 28.36
CA PRO F 173 39.42 17.99 27.40
C PRO F 173 40.03 18.50 26.11
N LEU F 174 41.19 19.12 26.15
CA LEU F 174 41.78 19.71 24.96
C LEU F 174 42.55 18.67 24.14
N GLN F 175 42.36 18.72 22.82
CA GLN F 175 43.06 17.84 21.91
C GLN F 175 43.63 18.67 20.77
N SER F 176 44.46 18.03 19.94
CA SER F 176 45.27 18.73 18.96
C SER F 176 44.77 18.44 17.55
N TYR F 177 44.81 19.46 16.71
CA TYR F 177 44.55 19.28 15.29
C TYR F 177 45.78 18.69 14.60
N GLY F 178 45.55 17.82 13.63
CA GLY F 178 46.64 17.22 12.91
C GLY F 178 46.74 17.74 11.49
N PHE F 179 47.30 18.94 11.34
CA PHE F 179 47.34 19.63 10.06
C PHE F 179 48.59 19.24 9.30
N GLN F 180 48.46 18.29 8.41
CA GLN F 180 49.48 17.90 7.43
C GLN F 180 49.18 18.55 6.09
N PRO F 181 50.21 18.88 5.30
CA PRO F 181 49.93 19.50 3.99
C PRO F 181 49.19 18.55 3.06
N THR F 182 49.42 17.25 3.19
CA THR F 182 48.74 16.22 2.41
C THR F 182 47.46 15.76 3.09
N ASN F 183 46.66 16.68 3.61
CA ASN F 183 45.36 16.37 4.20
C ASN F 183 44.25 16.62 3.19
N GLY F 184 43.13 15.94 3.40
CA GLY F 184 41.93 16.26 2.65
C GLY F 184 41.46 17.67 2.95
N VAL F 185 40.57 18.17 2.08
CA VAL F 185 40.18 19.57 2.16
C VAL F 185 39.52 19.87 3.49
N GLY F 186 38.58 19.02 3.91
CA GLY F 186 37.91 19.20 5.19
C GLY F 186 38.79 18.99 6.40
N TYR F 187 39.99 18.44 6.21
CA TYR F 187 40.93 18.20 7.30
C TYR F 187 42.03 19.25 7.36
N GLN F 188 41.93 20.32 6.57
CA GLN F 188 42.93 21.36 6.47
C GLN F 188 42.58 22.55 7.35
N PRO F 189 43.57 23.34 7.77
CA PRO F 189 43.29 24.48 8.63
C PRO F 189 42.69 25.64 7.87
N TYR F 190 41.71 26.28 8.50
CA TYR F 190 41.07 27.49 7.99
C TYR F 190 41.11 28.55 9.07
N ARG F 191 41.47 29.78 8.66
CA ARG F 191 41.47 30.93 9.55
C ARG F 191 40.12 31.65 9.42
N VAL F 192 39.55 32.00 10.56
CA VAL F 192 38.19 32.53 10.63
C VAL F 192 38.19 33.82 11.46
N VAL F 193 37.49 34.83 10.94
CA VAL F 193 37.25 36.10 11.61
C VAL F 193 35.75 36.36 11.57
N VAL F 194 35.16 36.53 12.75
CA VAL F 194 33.73 36.79 12.92
C VAL F 194 33.58 38.21 13.46
N LEU F 195 32.81 39.03 12.75
CA LEU F 195 32.59 40.43 13.11
C LEU F 195 31.19 40.61 13.68
N SER F 196 31.11 41.12 14.90
CA SER F 196 29.86 41.44 15.56
C SER F 196 29.75 42.95 15.76
N PHE F 197 28.54 43.49 15.56
CA PHE F 197 28.28 44.93 15.65
C PHE F 197 27.41 45.20 16.87
N GLU F 198 27.98 45.91 17.86
CA GLU F 198 27.28 46.24 19.10
C GLU F 198 26.78 47.68 19.02
N LEU F 199 25.47 47.85 19.20
CA LEU F 199 24.81 49.17 19.21
C LEU F 199 24.09 49.32 20.55
N LEU F 200 24.80 49.81 21.55
CA LEU F 200 24.20 50.08 22.84
C LEU F 200 23.71 51.53 22.88
N HIS F 201 23.05 51.90 23.98
CA HIS F 201 22.66 53.29 24.21
C HIS F 201 23.89 54.06 24.72
N ALA F 202 24.87 54.15 23.83
CA ALA F 202 26.18 54.69 24.16
C ALA F 202 26.71 55.44 22.95
N PRO F 203 27.77 56.27 23.11
CA PRO F 203 28.34 56.97 21.96
C PRO F 203 28.83 56.04 20.86
N ALA F 204 28.07 55.96 19.77
CA ALA F 204 28.47 55.16 18.61
C ALA F 204 29.61 55.86 17.87
N THR F 205 30.71 55.14 17.66
CA THR F 205 31.93 55.76 17.14
C THR F 205 32.44 55.24 15.81
N VAL F 206 32.12 54.02 15.41
CA VAL F 206 32.54 53.49 14.11
C VAL F 206 31.36 53.51 13.16
N CYS F 207 31.58 54.03 11.96
CA CYS F 207 30.56 54.00 10.92
C CYS F 207 31.07 53.23 9.70
N GLU G 1 -12.42 21.31 39.02
CA GLU G 1 -12.02 19.92 38.85
C GLU G 1 -12.97 19.20 37.90
N VAL G 2 -12.42 18.26 37.12
CA VAL G 2 -13.20 17.51 36.13
C VAL G 2 -13.91 16.36 36.84
N GLN G 3 -15.24 16.43 36.86
CA GLN G 3 -16.06 15.44 37.52
C GLN G 3 -16.74 14.59 36.45
N LEU G 4 -16.36 13.31 36.38
CA LEU G 4 -16.95 12.35 35.45
C LEU G 4 -17.36 11.11 36.21
N VAL G 5 -18.64 10.74 36.14
CA VAL G 5 -19.17 9.62 36.91
C VAL G 5 -19.75 8.59 35.95
N GLU G 6 -19.16 7.40 35.95
CA GLU G 6 -19.63 6.29 35.12
C GLU G 6 -20.69 5.48 35.85
N SER G 7 -21.65 4.95 35.08
CA SER G 7 -22.71 4.13 35.66
C SER G 7 -23.26 3.18 34.60
N GLY G 8 -23.87 2.09 35.07
CA GLY G 8 -24.59 1.19 34.20
C GLY G 8 -24.00 -0.20 34.05
N GLY G 9 -22.76 -0.42 34.48
CA GLY G 9 -22.19 -1.74 34.39
C GLY G 9 -22.92 -2.73 35.27
N GLY G 10 -22.82 -3.99 34.89
CA GLY G 10 -23.43 -5.04 35.68
C GLY G 10 -23.14 -6.39 35.06
N LEU G 11 -23.94 -7.38 35.43
CA LEU G 11 -23.80 -8.73 34.92
C LEU G 11 -24.80 -8.94 33.80
N VAL G 12 -24.31 -9.20 32.59
CA VAL G 12 -25.15 -9.57 31.47
C VAL G 12 -24.63 -10.87 30.88
N GLN G 13 -25.55 -11.71 30.43
CA GLN G 13 -25.11 -12.90 29.72
C GLN G 13 -24.64 -12.52 28.33
N PRO G 14 -23.83 -13.37 27.69
CA PRO G 14 -23.39 -13.07 26.32
C PRO G 14 -24.58 -12.94 25.38
N GLY G 15 -24.45 -12.02 24.43
CA GLY G 15 -25.52 -11.72 23.49
C GLY G 15 -26.46 -10.60 23.91
N GLY G 16 -26.54 -10.31 25.21
CA GLY G 16 -27.36 -9.23 25.69
C GLY G 16 -26.79 -7.87 25.34
N SER G 17 -27.55 -6.84 25.71
CA SER G 17 -27.12 -5.46 25.53
C SER G 17 -26.99 -4.79 26.89
N LEU G 18 -26.53 -3.54 26.86
CA LEU G 18 -26.30 -2.73 28.04
C LEU G 18 -26.13 -1.31 27.57
N ARG G 19 -26.35 -0.36 28.47
CA ARG G 19 -26.19 1.05 28.16
C ARG G 19 -25.48 1.72 29.32
N LEU G 20 -24.31 2.29 29.05
CA LEU G 20 -23.50 2.94 30.06
C LEU G 20 -23.72 4.44 29.97
N SER G 21 -23.70 5.11 31.12
CA SER G 21 -23.87 6.55 31.16
C SER G 21 -22.69 7.19 31.88
N CYS G 22 -22.42 8.44 31.53
CA CYS G 22 -21.32 9.20 32.07
C CYS G 22 -21.84 10.60 32.35
N ALA G 23 -21.93 10.95 33.63
CA ALA G 23 -22.37 12.28 34.05
C ALA G 23 -21.16 13.18 34.18
N ALA G 24 -21.22 14.35 33.54
CA ALA G 24 -20.10 15.26 33.46
C ALA G 24 -20.42 16.59 34.14
N SER G 25 -19.40 17.16 34.77
CA SER G 25 -19.50 18.48 35.37
C SER G 25 -18.09 18.99 35.66
N GLY G 26 -17.98 20.31 35.90
CA GLY G 26 -16.71 20.95 36.15
C GLY G 26 -16.06 21.60 34.95
N PHE G 27 -16.65 21.47 33.77
CA PHE G 27 -16.14 22.09 32.56
C PHE G 27 -17.29 22.32 31.60
N THR G 28 -17.02 23.03 30.50
CA THR G 28 -18.05 23.26 29.49
C THR G 28 -18.11 22.03 28.59
N PHE G 29 -19.13 21.20 28.82
CA PHE G 29 -19.27 19.93 28.12
C PHE G 29 -19.30 20.10 26.61
N SER G 30 -19.76 21.26 26.14
CA SER G 30 -19.98 21.49 24.72
C SER G 30 -18.70 21.75 23.93
N SER G 31 -17.59 22.04 24.60
CA SER G 31 -16.35 22.39 23.92
C SER G 31 -15.45 21.20 23.63
N TYR G 32 -15.77 20.01 24.13
CA TYR G 32 -14.90 18.85 24.05
C TYR G 32 -15.59 17.67 23.35
N TRP G 33 -14.79 16.83 22.72
CA TRP G 33 -15.18 15.48 22.36
C TRP G 33 -15.33 14.63 23.63
N MET G 34 -15.85 13.43 23.47
CA MET G 34 -15.91 12.49 24.60
C MET G 34 -15.52 11.09 24.14
N SER G 35 -14.74 10.40 24.98
CA SER G 35 -14.22 9.08 24.65
C SER G 35 -14.63 8.04 25.68
N TRP G 36 -14.88 6.83 25.20
CA TRP G 36 -15.05 5.64 26.03
C TRP G 36 -13.81 4.78 25.90
N VAL G 37 -13.22 4.43 27.05
CA VAL G 37 -12.01 3.61 27.16
C VAL G 37 -12.29 2.44 28.10
N ARG G 38 -12.12 1.21 27.64
CA ARG G 38 -12.30 0.08 28.54
C ARG G 38 -10.95 -0.51 28.91
N GLN G 39 -10.95 -1.24 30.02
CA GLN G 39 -9.79 -1.97 30.52
C GLN G 39 -10.25 -3.33 31.03
N ALA G 40 -9.81 -4.40 30.36
CA ALA G 40 -10.17 -5.76 30.78
C ALA G 40 -9.52 -6.08 32.13
N PRO G 41 -9.96 -7.15 32.80
CA PRO G 41 -9.30 -7.57 34.03
C PRO G 41 -7.80 -7.78 33.86
N GLY G 42 -7.00 -6.88 34.43
CA GLY G 42 -5.55 -6.93 34.31
C GLY G 42 -5.04 -7.04 32.89
N LYS G 43 -5.41 -6.09 32.04
CA LYS G 43 -4.98 -6.13 30.64
C LYS G 43 -4.81 -4.77 30.00
N GLY G 44 -4.78 -3.68 30.74
CA GLY G 44 -4.39 -2.40 30.18
C GLY G 44 -5.47 -1.73 29.34
N LEU G 45 -5.23 -0.46 29.04
CA LEU G 45 -6.25 0.43 28.49
C LEU G 45 -6.48 0.14 27.01
N GLU G 46 -7.74 0.12 26.62
CA GLU G 46 -8.14 -0.09 25.22
C GLU G 46 -9.22 0.93 24.86
N TRP G 47 -8.86 1.92 24.05
CA TRP G 47 -9.80 2.95 23.64
C TRP G 47 -10.82 2.37 22.67
N VAL G 48 -12.12 2.67 22.89
CA VAL G 48 -13.17 2.01 22.12
C VAL G 48 -14.06 2.96 21.35
N ALA G 49 -14.28 4.19 21.83
CA ALA G 49 -15.24 5.01 21.10
C ALA G 49 -14.99 6.49 21.31
N ASN G 50 -15.48 7.29 20.35
CA ASN G 50 -15.21 8.71 20.25
C ASN G 50 -16.45 9.41 19.69
N ILE G 51 -16.85 10.52 20.32
CA ILE G 51 -17.98 11.30 19.81
C ILE G 51 -17.63 12.78 19.81
N LYS G 52 -18.07 13.47 18.75
CA LYS G 52 -17.77 14.87 18.50
C LYS G 52 -18.57 15.77 19.45
N GLN G 53 -18.38 17.08 19.34
CA GLN G 53 -19.13 18.01 20.18
C GLN G 53 -20.63 17.94 19.88
N ASP G 54 -21.01 18.22 18.64
CA ASP G 54 -22.41 18.16 18.23
C ASP G 54 -22.84 16.76 17.79
N ALA G 55 -22.02 15.74 18.03
CA ALA G 55 -22.32 14.36 17.68
C ALA G 55 -22.54 14.18 16.18
N SER G 56 -21.92 15.05 15.38
CA SER G 56 -22.01 14.92 13.93
C SER G 56 -20.96 13.97 13.36
N GLU G 57 -20.04 13.47 14.20
CA GLU G 57 -19.06 12.47 13.81
C GLU G 57 -18.87 11.51 14.98
N LYS G 58 -18.85 10.21 14.69
CA LYS G 58 -18.64 9.19 15.70
C LYS G 58 -17.62 8.19 15.18
N TYR G 59 -16.67 7.82 16.04
CA TYR G 59 -15.58 6.93 15.66
C TYR G 59 -15.47 5.79 16.65
N TYR G 60 -15.06 4.63 16.15
CA TYR G 60 -15.08 3.41 16.94
C TYR G 60 -13.82 2.60 16.70
N LEU G 61 -13.67 1.58 17.53
CA LEU G 61 -12.70 0.52 17.29
C LEU G 61 -13.34 -0.49 16.35
N ASP G 62 -12.68 -0.77 15.22
CA ASP G 62 -13.24 -1.68 14.24
C ASP G 62 -13.39 -3.09 14.77
N SER G 63 -12.60 -3.48 15.79
CA SER G 63 -12.73 -4.80 16.40
C SER G 63 -14.13 -5.04 16.90
N LEU G 64 -14.82 -3.98 17.32
CA LEU G 64 -16.16 -4.09 17.87
C LEU G 64 -17.19 -4.44 16.79
N LYS G 65 -16.85 -4.23 15.52
CA LYS G 65 -17.73 -4.61 14.40
C LYS G 65 -19.09 -3.93 14.51
N GLY G 66 -19.08 -2.63 14.83
CA GLY G 66 -20.30 -1.85 14.89
C GLY G 66 -21.26 -2.24 15.98
N ARG G 67 -20.83 -3.03 16.96
CA ARG G 67 -21.72 -3.43 18.05
C ARG G 67 -21.93 -2.32 19.08
N PHE G 68 -21.10 -1.30 19.09
CA PHE G 68 -21.21 -0.26 20.10
C PHE G 68 -21.67 1.04 19.43
N THR G 69 -22.49 1.81 20.13
CA THR G 69 -23.00 3.07 19.61
C THR G 69 -22.78 4.16 20.65
N ILE G 70 -22.05 5.21 20.29
CA ILE G 70 -21.81 6.29 21.24
C ILE G 70 -22.86 7.38 21.03
N SER G 71 -23.28 8.02 22.11
CA SER G 71 -24.27 9.08 22.05
C SER G 71 -23.96 10.11 23.12
N ARG G 72 -24.56 11.30 22.99
CA ARG G 72 -24.33 12.31 24.01
C ARG G 72 -25.49 13.28 24.03
N ASP G 73 -25.93 13.66 25.23
CA ASP G 73 -26.95 14.69 25.41
C ASP G 73 -26.25 15.88 26.08
N ASN G 74 -26.17 17.00 25.35
CA ASN G 74 -25.45 18.15 25.87
C ASN G 74 -26.28 18.91 26.90
N ALA G 75 -27.60 18.93 26.74
CA ALA G 75 -28.46 19.58 27.73
C ALA G 75 -28.25 18.99 29.11
N LYS G 76 -28.09 17.67 29.20
CA LYS G 76 -27.96 16.99 30.47
C LYS G 76 -26.51 16.70 30.85
N ASN G 77 -25.55 17.21 30.07
CA ASN G 77 -24.13 16.97 30.33
C ASN G 77 -23.84 15.49 30.51
N SER G 78 -24.25 14.69 29.53
CA SER G 78 -24.21 13.24 29.68
C SER G 78 -23.67 12.58 28.42
N LEU G 79 -22.90 11.52 28.62
CA LEU G 79 -22.40 10.67 27.55
C LEU G 79 -22.99 9.28 27.70
N TYR G 80 -23.20 8.59 26.59
CA TYR G 80 -23.83 7.27 26.63
C TYR G 80 -23.09 6.33 25.70
N LEU G 81 -23.09 5.05 26.08
CA LEU G 81 -22.50 3.99 25.26
C LEU G 81 -23.45 2.81 25.23
N GLN G 82 -24.02 2.50 24.06
CA GLN G 82 -24.90 1.35 23.90
C GLN G 82 -24.09 0.17 23.42
N MET G 83 -23.96 -0.86 24.26
CA MET G 83 -23.19 -2.06 23.97
C MET G 83 -24.19 -3.15 23.60
N ASN G 84 -24.23 -3.51 22.32
CA ASN G 84 -25.14 -4.53 21.84
C ASN G 84 -24.39 -5.82 21.52
N SER G 85 -25.11 -6.93 21.59
CA SER G 85 -24.58 -8.26 21.26
C SER G 85 -23.26 -8.54 21.99
N LEU G 86 -23.33 -8.49 23.33
CA LEU G 86 -22.12 -8.49 24.14
C LEU G 86 -21.45 -9.86 24.20
N ARG G 87 -20.12 -9.86 24.09
CA ARG G 87 -19.30 -11.06 24.19
C ARG G 87 -18.51 -11.05 25.48
N ALA G 88 -18.00 -12.24 25.84
CA ALA G 88 -17.26 -12.40 27.09
C ALA G 88 -16.06 -11.45 27.14
N GLU G 89 -15.39 -11.23 26.00
CA GLU G 89 -14.25 -10.32 25.94
C GLU G 89 -14.60 -8.88 26.30
N ASP G 90 -15.88 -8.56 26.44
CA ASP G 90 -16.31 -7.23 26.80
C ASP G 90 -16.25 -6.99 28.30
N THR G 91 -15.87 -8.01 29.08
CA THR G 91 -15.73 -7.85 30.52
C THR G 91 -14.63 -6.86 30.83
N ALA G 92 -14.97 -5.74 31.44
CA ALA G 92 -13.99 -4.67 31.59
C ALA G 92 -14.57 -3.56 32.45
N VAL G 93 -13.65 -2.79 33.03
CA VAL G 93 -13.98 -1.51 33.65
C VAL G 93 -13.99 -0.46 32.56
N TYR G 94 -15.12 0.21 32.38
CA TYR G 94 -15.28 1.23 31.34
C TYR G 94 -15.17 2.62 31.97
N TYR G 95 -14.33 3.48 31.38
CA TYR G 95 -14.18 4.87 31.78
C TYR G 95 -14.65 5.79 30.67
N CYS G 96 -15.19 6.94 31.06
CA CYS G 96 -15.40 8.04 30.13
C CYS G 96 -14.34 9.11 30.38
N ALA G 97 -13.88 9.74 29.30
CA ALA G 97 -12.86 10.76 29.41
C ALA G 97 -13.18 11.92 28.48
N ARG G 98 -12.97 13.13 28.98
CA ARG G 98 -13.02 14.32 28.15
C ARG G 98 -11.94 14.21 27.08
N ASP G 99 -12.26 14.61 25.83
CA ASP G 99 -11.38 14.35 24.70
C ASP G 99 -11.13 15.61 23.90
N LEU G 100 -9.86 15.90 23.65
CA LEU G 100 -9.42 16.83 22.60
C LEU G 100 -8.17 16.25 21.95
N GLY G 101 -8.28 14.99 21.53
CA GLY G 101 -7.11 14.21 21.25
C GLY G 101 -6.49 13.73 22.55
N ILE G 102 -6.13 14.69 23.40
CA ILE G 102 -5.75 14.37 24.76
C ILE G 102 -6.96 13.79 25.48
N LEU G 103 -6.72 12.86 26.40
CA LEU G 103 -7.76 12.33 27.26
C LEU G 103 -7.58 12.86 28.68
N TRP G 104 -8.62 13.48 29.22
CA TRP G 104 -8.70 13.81 30.64
C TRP G 104 -9.67 12.83 31.30
N PHE G 105 -9.16 12.00 32.20
CA PHE G 105 -10.05 11.16 32.97
C PHE G 105 -10.58 11.92 34.18
N GLY G 106 -11.54 11.31 34.87
CA GLY G 106 -12.17 11.96 36.00
C GLY G 106 -11.20 12.13 37.16
N ASP G 107 -11.25 13.31 37.77
CA ASP G 107 -10.40 13.58 38.94
C ASP G 107 -10.89 12.75 40.12
N TYR G 108 -9.99 12.47 41.04
CA TYR G 108 -10.36 11.73 42.24
C TYR G 108 -11.23 12.61 43.15
N PRO G 109 -12.31 12.06 43.72
CA PRO G 109 -12.71 10.66 43.52
C PRO G 109 -13.74 10.48 42.41
N TRP G 110 -14.15 11.59 41.78
CA TRP G 110 -15.20 11.58 40.77
C TRP G 110 -14.79 10.79 39.53
N GLY G 111 -15.09 9.51 39.51
CA GLY G 111 -14.68 8.72 38.37
C GLY G 111 -13.78 7.56 38.72
N GLN G 112 -14.32 6.37 38.55
CA GLN G 112 -13.57 5.13 38.75
C GLN G 112 -14.13 4.05 37.82
N GLY G 113 -14.86 4.45 36.79
CA GLY G 113 -15.38 3.53 35.80
C GLY G 113 -16.59 2.77 36.32
N THR G 114 -17.18 2.00 35.43
CA THR G 114 -18.25 1.09 35.81
C THR G 114 -17.89 -0.28 35.24
N LEU G 115 -18.14 -1.33 36.02
CA LEU G 115 -17.61 -2.66 35.73
C LEU G 115 -18.66 -3.48 35.01
N VAL G 116 -18.40 -3.82 33.75
CA VAL G 116 -19.25 -4.70 32.98
C VAL G 116 -18.68 -6.11 33.06
N THR G 117 -19.48 -7.06 33.50
CA THR G 117 -19.08 -8.46 33.58
C THR G 117 -20.02 -9.26 32.70
N VAL G 118 -19.50 -9.71 31.56
CA VAL G 118 -20.28 -10.49 30.59
C VAL G 118 -19.92 -11.95 30.80
N SER G 119 -20.87 -12.75 31.26
CA SER G 119 -20.59 -14.16 31.50
C SER G 119 -21.91 -14.92 31.46
N SER G 120 -21.82 -16.17 31.00
CA SER G 120 -22.98 -17.04 30.93
C SER G 120 -23.22 -17.83 32.20
N ALA G 121 -22.33 -17.75 33.19
CA ALA G 121 -22.52 -18.45 34.45
C ALA G 121 -23.33 -17.56 35.39
N SER G 122 -24.24 -18.19 36.13
CA SER G 122 -25.02 -17.55 37.19
C SER G 122 -24.25 -17.53 38.50
N THR G 123 -24.75 -16.75 39.46
CA THR G 123 -24.03 -16.53 40.71
C THR G 123 -23.99 -17.81 41.53
N LYS G 124 -22.77 -18.25 41.86
CA LYS G 124 -22.52 -19.44 42.63
C LYS G 124 -21.74 -19.06 43.87
N GLY G 125 -22.10 -19.64 45.00
CA GLY G 125 -21.29 -19.50 46.19
C GLY G 125 -20.08 -20.41 46.11
N PRO G 126 -19.02 -20.07 46.83
CA PRO G 126 -17.77 -20.85 46.71
C PRO G 126 -17.79 -22.11 47.57
N SER G 127 -16.89 -23.02 47.20
CA SER G 127 -16.53 -24.15 48.04
C SER G 127 -15.14 -23.90 48.61
N VAL G 128 -15.01 -23.95 49.93
CA VAL G 128 -13.73 -23.74 50.58
C VAL G 128 -13.14 -25.11 50.94
N PHE G 129 -11.90 -25.35 50.52
CA PHE G 129 -11.19 -26.60 50.78
C PHE G 129 -9.88 -26.33 51.50
N PRO G 130 -9.49 -27.16 52.47
CA PRO G 130 -8.27 -26.90 53.24
C PRO G 130 -7.04 -27.32 52.46
N LEU G 131 -6.08 -26.39 52.35
CA LEU G 131 -4.74 -26.74 51.90
C LEU G 131 -3.96 -27.01 53.18
N ALA G 132 -3.97 -28.28 53.58
CA ALA G 132 -3.47 -28.74 54.87
C ALA G 132 -1.96 -28.91 54.84
N PRO G 133 -1.27 -28.48 55.89
CA PRO G 133 0.18 -28.72 55.97
C PRO G 133 0.48 -30.17 56.34
N SER G 134 1.61 -30.64 55.81
CA SER G 134 2.10 -31.99 56.08
C SER G 134 3.41 -31.91 56.86
N SER G 135 3.71 -32.99 57.59
CA SER G 135 4.98 -33.09 58.29
C SER G 135 6.15 -33.39 57.37
N LYS G 136 5.90 -33.61 56.08
CA LYS G 136 6.94 -33.91 55.11
C LYS G 136 7.51 -32.65 54.47
N SER G 137 6.64 -31.74 54.04
CA SER G 137 7.05 -30.56 53.27
C SER G 137 7.21 -29.33 54.17
N THR G 138 8.05 -29.47 55.19
CA THR G 138 8.37 -28.37 56.10
C THR G 138 9.74 -27.80 55.71
N SER G 139 9.85 -26.48 55.69
CA SER G 139 11.07 -25.79 55.27
C SER G 139 11.61 -24.97 56.44
N GLY G 140 12.64 -25.51 57.10
CA GLY G 140 13.38 -24.81 58.12
C GLY G 140 12.56 -24.08 59.17
N GLY G 141 11.70 -24.81 59.87
CA GLY G 141 10.95 -24.27 60.98
C GLY G 141 9.66 -23.56 60.63
N THR G 142 9.34 -23.40 59.35
CA THR G 142 8.14 -22.70 58.92
C THR G 142 7.25 -23.66 58.14
N ALA G 143 5.95 -23.59 58.38
CA ALA G 143 4.98 -24.43 57.70
C ALA G 143 3.91 -23.53 57.10
N ALA G 144 3.45 -23.88 55.91
CA ALA G 144 2.44 -23.11 55.20
C ALA G 144 1.13 -23.86 55.19
N LEU G 145 0.03 -23.11 55.36
CA LEU G 145 -1.30 -23.69 55.25
C LEU G 145 -2.17 -22.70 54.48
N GLY G 146 -3.37 -23.15 54.11
CA GLY G 146 -4.21 -22.23 53.36
C GLY G 146 -5.61 -22.75 53.10
N CYS G 147 -6.33 -21.98 52.28
CA CYS G 147 -7.67 -22.30 51.83
C CYS G 147 -7.77 -22.11 50.33
N LEU G 148 -8.40 -23.08 49.67
CA LEU G 148 -8.68 -23.04 48.24
C LEU G 148 -10.16 -22.72 48.09
N VAL G 149 -10.45 -21.51 47.60
CA VAL G 149 -11.80 -21.01 47.41
C VAL G 149 -12.13 -21.24 45.94
N LYS G 150 -12.88 -22.30 45.66
CA LYS G 150 -13.09 -22.81 44.31
C LYS G 150 -14.53 -22.64 43.87
N ASP G 151 -14.71 -22.37 42.57
CA ASP G 151 -16.02 -22.43 41.91
C ASP G 151 -17.00 -21.41 42.51
N TYR G 152 -16.73 -20.14 42.22
CA TYR G 152 -17.65 -19.10 42.66
C TYR G 152 -17.80 -18.05 41.55
N PHE G 153 -18.91 -17.33 41.63
CA PHE G 153 -19.25 -16.29 40.67
C PHE G 153 -20.33 -15.43 41.31
N PRO G 154 -20.28 -14.09 41.17
CA PRO G 154 -19.18 -13.41 40.51
C PRO G 154 -18.10 -12.99 41.48
N GLU G 155 -17.38 -11.96 41.10
CA GLU G 155 -16.37 -11.37 41.94
C GLU G 155 -17.02 -10.38 42.90
N PRO G 156 -16.44 -10.18 44.09
CA PRO G 156 -15.27 -10.88 44.64
C PRO G 156 -15.59 -11.70 45.89
N VAL G 157 -14.60 -12.42 46.38
CA VAL G 157 -14.63 -12.98 47.73
C VAL G 157 -13.64 -12.20 48.57
N THR G 158 -13.88 -12.18 49.88
CA THR G 158 -12.91 -11.69 50.85
C THR G 158 -12.53 -12.86 51.73
N VAL G 159 -11.24 -12.99 52.02
CA VAL G 159 -10.74 -14.07 52.88
C VAL G 159 -9.91 -13.45 53.99
N SER G 160 -10.25 -13.79 55.23
CA SER G 160 -9.48 -13.45 56.42
C SER G 160 -9.07 -14.73 57.13
N TRP G 161 -8.19 -14.57 58.12
CA TRP G 161 -7.73 -15.70 58.93
C TRP G 161 -7.98 -15.40 60.41
N ASN G 162 -8.54 -16.38 61.10
CA ASN G 162 -8.87 -16.27 62.53
C ASN G 162 -9.64 -14.99 62.81
N SER G 163 -10.65 -14.74 61.96
CA SER G 163 -11.56 -13.60 62.10
C SER G 163 -10.82 -12.28 62.19
N GLY G 164 -9.68 -12.17 61.50
CA GLY G 164 -8.92 -10.95 61.41
C GLY G 164 -7.68 -10.92 62.29
N ALA G 165 -7.55 -11.87 63.21
CA ALA G 165 -6.44 -11.84 64.17
C ALA G 165 -5.12 -12.21 63.52
N LEU G 166 -5.14 -13.04 62.47
CA LEU G 166 -3.93 -13.52 61.81
C LEU G 166 -3.78 -12.78 60.48
N THR G 167 -2.92 -11.77 60.47
CA THR G 167 -2.66 -10.97 59.28
C THR G 167 -1.21 -11.06 58.83
N SER G 168 -0.27 -11.11 59.77
CA SER G 168 1.13 -11.13 59.43
C SER G 168 1.47 -12.39 58.65
N GLY G 169 1.98 -12.21 57.43
CA GLY G 169 2.37 -13.33 56.61
C GLY G 169 1.25 -13.97 55.83
N VAL G 170 0.18 -13.24 55.56
CA VAL G 170 -0.96 -13.75 54.79
C VAL G 170 -0.81 -13.27 53.35
N HIS G 171 -1.04 -14.19 52.40
CA HIS G 171 -1.06 -13.86 50.98
C HIS G 171 -2.37 -14.36 50.39
N THR G 172 -3.25 -13.44 50.02
CA THR G 172 -4.47 -13.81 49.32
C THR G 172 -4.30 -13.49 47.83
N PHE G 173 -4.39 -14.51 47.00
CA PHE G 173 -4.02 -14.38 45.60
C PHE G 173 -5.15 -13.77 44.77
N PRO G 174 -4.82 -13.11 43.67
CA PRO G 174 -5.87 -12.62 42.77
C PRO G 174 -6.70 -13.78 42.24
N ALA G 175 -7.99 -13.53 42.07
CA ALA G 175 -8.88 -14.58 41.60
C ALA G 175 -8.54 -14.93 40.16
N VAL G 176 -8.75 -16.21 39.81
CA VAL G 176 -8.54 -16.71 38.47
C VAL G 176 -9.87 -17.20 37.92
N LEU G 177 -10.10 -16.94 36.62
CA LEU G 177 -11.30 -17.37 35.93
C LEU G 177 -11.06 -18.74 35.30
N GLN G 178 -11.75 -19.75 35.79
CA GLN G 178 -11.58 -21.09 35.24
C GLN G 178 -12.30 -21.19 33.88
N SER G 179 -11.99 -22.28 33.17
CA SER G 179 -12.62 -22.52 31.87
C SER G 179 -14.13 -22.68 32.00
N SER G 180 -14.60 -23.14 33.15
CA SER G 180 -16.02 -23.35 33.40
C SER G 180 -16.78 -22.05 33.58
N GLY G 181 -16.11 -20.89 33.49
CA GLY G 181 -16.73 -19.62 33.78
C GLY G 181 -16.76 -19.24 35.24
N LEU G 182 -16.31 -20.12 36.14
CA LEU G 182 -16.31 -19.87 37.57
C LEU G 182 -14.92 -19.44 38.03
N TYR G 183 -14.87 -18.65 39.09
CA TYR G 183 -13.58 -18.20 39.61
C TYR G 183 -13.10 -19.12 40.72
N SER G 184 -11.79 -19.09 40.96
CA SER G 184 -11.21 -19.72 42.14
C SER G 184 -9.93 -18.99 42.50
N LEU G 185 -9.72 -18.79 43.79
CA LEU G 185 -8.46 -18.27 44.30
C LEU G 185 -8.02 -19.13 45.49
N SER G 186 -6.93 -18.71 46.11
CA SER G 186 -6.41 -19.39 47.28
C SER G 186 -5.77 -18.36 48.18
N SER G 187 -5.91 -18.55 49.49
CA SER G 187 -5.29 -17.69 50.49
C SER G 187 -4.37 -18.55 51.34
N VAL G 188 -3.10 -18.15 51.43
CA VAL G 188 -2.11 -18.92 52.15
C VAL G 188 -1.56 -18.08 53.31
N VAL G 189 -1.00 -18.78 54.29
CA VAL G 189 -0.29 -18.13 55.38
C VAL G 189 0.79 -19.07 55.88
N THR G 190 1.96 -18.51 56.13
CA THR G 190 3.09 -19.25 56.67
C THR G 190 3.19 -18.94 58.16
N VAL G 191 3.38 -19.98 58.97
CA VAL G 191 3.39 -19.84 60.42
C VAL G 191 4.51 -20.70 60.98
N PRO G 192 5.00 -20.36 62.17
CA PRO G 192 6.00 -21.21 62.82
C PRO G 192 5.48 -22.62 62.96
N SER G 193 6.22 -23.58 62.40
CA SER G 193 5.78 -24.97 62.43
C SER G 193 5.74 -25.51 63.85
N SER G 194 6.42 -24.86 64.80
CA SER G 194 6.32 -25.27 66.19
C SER G 194 4.90 -25.13 66.70
N SER G 195 4.19 -24.11 66.27
CA SER G 195 2.82 -23.85 66.75
C SER G 195 1.79 -24.32 65.73
N LEU G 196 1.86 -25.61 65.37
CA LEU G 196 0.83 -26.19 64.54
C LEU G 196 -0.25 -26.86 65.39
N GLY G 197 0.16 -27.82 66.23
CA GLY G 197 -0.78 -28.52 67.07
C GLY G 197 -1.41 -27.68 68.16
N THR G 198 -0.81 -26.53 68.48
CA THR G 198 -1.36 -25.67 69.53
C THR G 198 -2.36 -24.64 68.97
N GLN G 199 -1.99 -23.95 67.90
CA GLN G 199 -2.82 -22.91 67.33
C GLN G 199 -3.74 -23.47 66.25
N THR G 200 -5.00 -23.03 66.27
CA THR G 200 -6.00 -23.43 65.29
C THR G 200 -6.13 -22.34 64.24
N TYR G 201 -6.24 -22.75 62.98
CA TYR G 201 -6.22 -21.84 61.85
C TYR G 201 -7.52 -21.99 61.06
N ILE G 202 -8.40 -21.00 61.23
CA ILE G 202 -9.68 -20.94 60.53
C ILE G 202 -9.60 -19.82 59.51
N CYS G 203 -10.04 -20.09 58.28
CA CYS G 203 -10.15 -19.09 57.23
C CYS G 203 -11.62 -18.72 57.04
N ASN G 204 -11.90 -17.42 57.01
CA ASN G 204 -13.24 -16.85 56.87
C ASN G 204 -13.38 -16.32 55.45
N VAL G 205 -14.22 -16.97 54.65
CA VAL G 205 -14.45 -16.61 53.26
C VAL G 205 -15.87 -16.04 53.15
N ASN G 206 -15.96 -14.78 52.72
CA ASN G 206 -17.22 -14.09 52.54
C ASN G 206 -17.43 -13.82 51.05
N HIS G 207 -18.47 -14.41 50.48
CA HIS G 207 -18.92 -14.10 49.12
C HIS G 207 -20.25 -13.35 49.30
N LYS G 208 -20.15 -12.03 49.34
CA LYS G 208 -21.33 -11.18 49.52
C LYS G 208 -22.34 -11.26 48.36
N PRO G 209 -21.92 -11.42 47.09
CA PRO G 209 -22.95 -11.54 46.03
C PRO G 209 -23.92 -12.70 46.23
N SER G 210 -23.42 -13.89 46.57
CA SER G 210 -24.30 -15.04 46.76
C SER G 210 -24.80 -15.16 48.18
N ASN G 211 -24.45 -14.22 49.06
CA ASN G 211 -24.75 -14.28 50.49
C ASN G 211 -24.28 -15.61 51.09
N THR G 212 -22.95 -15.75 51.14
CA THR G 212 -22.34 -16.95 51.68
C THR G 212 -21.15 -16.59 52.54
N LYS G 213 -21.08 -17.19 53.72
CA LYS G 213 -19.88 -17.14 54.55
C LYS G 213 -19.51 -18.57 54.92
N VAL G 214 -18.22 -18.86 54.85
CA VAL G 214 -17.70 -20.18 55.19
C VAL G 214 -16.48 -20.01 56.08
N ASP G 215 -16.49 -20.66 57.23
CA ASP G 215 -15.33 -20.77 58.10
C ASP G 215 -14.80 -22.18 57.97
N LYS G 216 -13.54 -22.31 57.57
CA LYS G 216 -12.91 -23.60 57.33
C LYS G 216 -11.69 -23.76 58.23
N LYS G 217 -11.64 -24.86 58.96
CA LYS G 217 -10.53 -25.17 59.86
C LYS G 217 -9.47 -25.96 59.10
N VAL G 218 -8.23 -25.48 59.14
CA VAL G 218 -7.13 -26.13 58.45
C VAL G 218 -6.40 -26.98 59.49
N GLU G 219 -6.63 -28.29 59.45
CA GLU G 219 -5.96 -29.19 60.37
C GLU G 219 -4.75 -29.85 59.71
N PRO G 220 -3.66 -30.01 60.45
CA PRO G 220 -2.51 -30.74 59.90
C PRO G 220 -2.84 -32.21 59.68
N LYS G 221 -2.52 -32.70 58.48
CA LYS G 221 -2.86 -34.06 58.07
C LYS G 221 -2.16 -35.10 58.95
N ASP H 1 -5.42 0.69 13.68
CA ASP H 1 -4.55 1.36 12.72
C ASP H 1 -3.13 1.51 13.30
N ILE H 2 -2.81 2.69 13.84
CA ILE H 2 -1.49 2.91 14.41
C ILE H 2 -1.36 2.13 15.72
N GLN H 3 -0.32 1.29 15.82
CA GLN H 3 -0.02 0.55 17.02
C GLN H 3 1.08 1.24 17.81
N MET H 4 0.99 1.17 19.13
CA MET H 4 2.00 1.71 20.02
C MET H 4 2.64 0.57 20.79
N THR H 5 3.98 0.61 20.91
CA THR H 5 4.71 -0.41 21.65
C THR H 5 5.60 0.27 22.69
N GLN H 6 5.47 -0.16 23.92
CA GLN H 6 6.20 0.40 25.05
C GLN H 6 7.31 -0.55 25.48
N SER H 7 8.39 0.04 26.02
CA SER H 7 9.54 -0.73 26.46
C SER H 7 10.13 -0.12 27.73
N PRO H 8 10.44 -0.93 28.74
CA PRO H 8 10.17 -2.37 28.73
C PRO H 8 8.80 -2.67 29.32
N SER H 9 8.41 -3.95 29.37
CA SER H 9 7.12 -4.30 29.95
C SER H 9 7.11 -4.07 31.46
N SER H 10 8.21 -4.38 32.13
CA SER H 10 8.34 -4.19 33.56
C SER H 10 9.73 -3.67 33.86
N LEU H 11 9.79 -2.58 34.63
CA LEU H 11 11.04 -1.90 34.95
C LEU H 11 11.14 -1.76 36.46
N SER H 12 12.23 -2.28 37.04
CA SER H 12 12.45 -2.20 38.48
C SER H 12 13.51 -1.15 38.79
N ALA H 13 13.28 -0.38 39.84
CA ALA H 13 14.13 0.76 40.18
C ALA H 13 13.92 1.11 41.65
N SER H 14 14.70 2.07 42.14
CA SER H 14 14.66 2.46 43.53
C SER H 14 14.33 3.94 43.67
N VAL H 15 14.07 4.34 44.92
CA VAL H 15 13.72 5.73 45.20
C VAL H 15 14.94 6.62 44.96
N GLY H 16 14.72 7.77 44.35
CA GLY H 16 15.79 8.65 43.97
C GLY H 16 16.42 8.36 42.63
N ASP H 17 16.13 7.20 42.04
CA ASP H 17 16.64 6.88 40.72
C ASP H 17 16.03 7.79 39.65
N ARG H 18 16.76 7.92 38.56
CA ARG H 18 16.27 8.55 37.35
C ARG H 18 15.79 7.47 36.41
N VAL H 19 14.54 7.59 35.94
CA VAL H 19 13.86 6.51 35.22
C VAL H 19 13.41 7.01 33.86
N THR H 20 13.59 6.18 32.83
CA THR H 20 13.12 6.52 31.48
C THR H 20 12.36 5.33 30.88
N ILE H 21 11.20 5.63 30.29
CA ILE H 21 10.35 4.66 29.63
C ILE H 21 10.26 5.04 28.16
N THR H 22 10.23 4.04 27.26
CA THR H 22 10.22 4.30 25.83
C THR H 22 8.90 3.86 25.21
N CYS H 23 8.47 4.61 24.20
CA CYS H 23 7.20 4.36 23.50
C CYS H 23 7.42 4.69 22.03
N ARG H 24 7.18 3.70 21.16
CA ARG H 24 7.36 3.89 19.72
C ARG H 24 6.05 3.66 18.99
N ALA H 25 5.86 4.44 17.93
CA ALA H 25 4.66 4.42 17.10
C ALA H 25 5.00 3.83 15.74
N SER H 26 4.07 3.04 15.19
CA SER H 26 4.29 2.39 13.91
C SER H 26 4.32 3.37 12.75
N GLN H 27 3.99 4.63 12.97
CA GLN H 27 4.11 5.68 11.96
C GLN H 27 4.43 6.98 12.66
N GLY H 28 4.92 7.95 11.90
CA GLY H 28 5.19 9.25 12.49
C GLY H 28 3.92 9.91 12.95
N ILE H 29 4.02 10.66 14.05
CA ILE H 29 2.85 11.31 14.63
C ILE H 29 3.24 12.70 15.10
N SER H 30 4.36 13.22 14.59
CA SER H 30 5.00 14.43 15.12
C SER H 30 5.03 14.30 16.65
N ASN H 31 4.59 15.29 17.40
CA ASN H 31 4.64 15.25 18.86
C ASN H 31 3.26 15.09 19.46
N SER H 32 2.31 14.52 18.72
CA SER H 32 0.94 14.35 19.21
C SER H 32 0.83 13.04 19.98
N LEU H 33 1.47 13.02 21.15
CA LEU H 33 1.54 11.86 22.02
C LEU H 33 1.33 12.29 23.46
N ALA H 34 0.76 11.39 24.27
CA ALA H 34 0.44 11.68 25.67
C ALA H 34 0.84 10.51 26.55
N TRP H 35 1.10 10.84 27.82
CA TRP H 35 1.55 9.89 28.83
C TRP H 35 0.61 9.95 30.03
N TYR H 36 0.14 8.77 30.46
CA TYR H 36 -0.79 8.58 31.56
C TYR H 36 -0.20 7.66 32.62
N GLN H 37 -0.60 7.86 33.88
CA GLN H 37 -0.20 7.02 34.99
C GLN H 37 -1.42 6.36 35.59
N GLN H 38 -1.35 5.06 35.83
CA GLN H 38 -2.43 4.31 36.43
C GLN H 38 -1.88 3.46 37.57
N LYS H 39 -2.36 3.73 38.79
CA LYS H 39 -2.13 2.94 39.99
C LYS H 39 -3.15 1.82 40.07
N PRO H 40 -2.89 0.76 40.84
CA PRO H 40 -3.80 -0.38 40.85
C PRO H 40 -5.22 0.02 41.23
N GLY H 41 -6.17 -0.34 40.36
CA GLY H 41 -7.58 -0.12 40.62
C GLY H 41 -8.10 1.26 40.27
N LYS H 42 -7.24 2.27 40.31
CA LYS H 42 -7.65 3.63 40.05
C LYS H 42 -7.66 3.90 38.54
N ALA H 43 -8.12 5.13 38.15
CA ALA H 43 -8.24 5.61 36.77
C ALA H 43 -6.96 6.28 36.33
N PRO H 44 -6.61 6.17 35.04
CA PRO H 44 -5.39 6.81 34.55
C PRO H 44 -5.44 8.32 34.74
N LYS H 45 -4.27 8.92 34.90
CA LYS H 45 -4.15 10.36 35.12
C LYS H 45 -3.18 10.94 34.10
N LEU H 46 -3.60 12.04 33.46
CA LEU H 46 -2.80 12.60 32.38
C LEU H 46 -1.58 13.30 32.95
N LEU H 47 -0.40 12.77 32.62
CA LEU H 47 0.87 13.38 33.03
C LEU H 47 1.41 14.32 31.96
N LEU H 48 1.41 13.89 30.70
CA LEU H 48 2.01 14.70 29.65
C LEU H 48 1.16 14.64 28.39
N TYR H 49 1.15 15.73 27.64
CA TYR H 49 0.53 15.76 26.32
C TYR H 49 1.43 16.57 25.39
N ALA H 50 1.19 16.46 24.09
CA ALA H 50 2.05 17.06 23.09
C ALA H 50 3.49 16.58 23.28
N ALA H 51 3.62 15.29 23.64
CA ALA H 51 4.87 14.59 23.86
C ALA H 51 5.71 15.16 25.01
N SER H 52 5.57 16.46 25.30
CA SER H 52 6.52 17.16 26.16
C SER H 52 5.92 18.05 27.25
N THR H 53 4.67 18.51 27.12
CA THR H 53 4.13 19.52 28.04
C THR H 53 3.43 18.86 29.22
N LEU H 54 3.77 19.28 30.43
CA LEU H 54 3.14 18.73 31.63
C LEU H 54 1.76 19.32 31.80
N GLU H 55 0.76 18.45 31.95
CA GLU H 55 -0.54 18.93 32.36
C GLU H 55 -0.45 19.46 33.78
N SER H 56 -1.13 20.58 34.03
CA SER H 56 -0.99 21.26 35.31
C SER H 56 -1.49 20.37 36.45
N GLY H 57 -0.80 20.48 37.59
CA GLY H 57 -1.00 19.61 38.72
C GLY H 57 -0.05 18.44 38.79
N VAL H 58 0.61 18.09 37.68
CA VAL H 58 1.52 16.95 37.64
C VAL H 58 2.86 17.39 38.25
N PRO H 59 3.46 16.58 39.11
CA PRO H 59 4.76 16.95 39.68
C PRO H 59 5.82 17.15 38.61
N SER H 60 6.66 18.17 38.80
CA SER H 60 7.66 18.58 37.83
C SER H 60 8.76 17.54 37.61
N ARG H 61 8.81 16.49 38.43
CA ARG H 61 9.76 15.40 38.19
C ARG H 61 9.49 14.68 36.88
N PHE H 62 8.28 14.82 36.36
CA PHE H 62 7.91 14.20 35.10
C PHE H 62 8.26 15.10 33.93
N SER H 63 8.83 14.50 32.89
CA SER H 63 9.25 15.24 31.71
C SER H 63 9.15 14.29 30.52
N GLY H 64 9.01 14.87 29.34
CA GLY H 64 8.86 14.05 28.16
C GLY H 64 9.68 14.55 26.99
N SER H 65 10.23 13.63 26.23
CA SER H 65 10.99 13.96 25.03
C SER H 65 10.52 13.04 23.91
N GLY H 66 10.80 13.44 22.68
CA GLY H 66 10.54 12.61 21.54
C GLY H 66 9.76 13.34 20.46
N SER H 67 9.68 12.69 19.32
CA SER H 67 8.98 13.23 18.15
C SER H 67 8.99 12.16 17.08
N GLY H 68 8.29 12.43 16.00
CA GLY H 68 8.28 11.50 14.90
C GLY H 68 7.69 10.19 15.35
N THR H 69 8.54 9.18 15.53
CA THR H 69 8.11 7.86 15.95
C THR H 69 8.56 7.45 17.34
N ASP H 70 9.42 8.20 18.01
CA ASP H 70 10.01 7.70 19.24
C ASP H 70 9.85 8.70 20.38
N PHE H 71 9.43 8.21 21.55
CA PHE H 71 9.12 9.05 22.69
C PHE H 71 9.66 8.42 23.97
N THR H 72 10.05 9.30 24.91
CA THR H 72 10.68 8.93 26.16
C THR H 72 10.01 9.72 27.29
N LEU H 73 9.63 9.01 28.35
CA LEU H 73 9.16 9.63 29.58
C LEU H 73 10.27 9.53 30.62
N THR H 74 10.54 10.63 31.32
CA THR H 74 11.66 10.70 32.23
C THR H 74 11.21 11.22 33.58
N ILE H 75 11.50 10.45 34.62
CA ILE H 75 11.29 10.84 36.01
C ILE H 75 12.65 11.11 36.64
N SER H 76 12.81 12.31 37.22
CA SER H 76 14.12 12.78 37.67
C SER H 76 14.60 11.99 38.89
N SER H 77 13.81 11.97 39.95
CA SER H 77 14.10 11.16 41.15
C SER H 77 12.83 10.40 41.48
N LEU H 78 12.85 9.08 41.25
CA LEU H 78 11.67 8.27 41.48
C LEU H 78 11.26 8.37 42.94
N GLN H 79 9.98 8.62 43.17
CA GLN H 79 9.42 8.73 44.51
C GLN H 79 8.41 7.61 44.73
N PRO H 80 8.09 7.27 45.99
CA PRO H 80 7.23 6.10 46.21
C PRO H 80 5.87 6.22 45.56
N GLU H 81 5.35 7.43 45.41
CA GLU H 81 4.08 7.61 44.74
C GLU H 81 4.19 7.49 43.23
N ASP H 82 5.41 7.33 42.69
CA ASP H 82 5.64 7.19 41.26
C ASP H 82 5.66 5.74 40.80
N PHE H 83 5.58 4.78 41.73
CA PHE H 83 5.48 3.37 41.38
C PHE H 83 4.05 3.10 40.91
N ALA H 84 3.91 2.75 39.65
CA ALA H 84 2.60 2.51 39.03
C ALA H 84 2.85 1.94 37.64
N THR H 85 1.76 1.75 36.88
CA THR H 85 1.87 1.43 35.47
C THR H 85 1.71 2.70 34.66
N TYR H 86 2.46 2.82 33.57
CA TYR H 86 2.43 4.01 32.73
C TYR H 86 2.04 3.63 31.31
N TYR H 87 1.20 4.44 30.70
CA TYR H 87 0.71 4.20 29.35
C TYR H 87 0.98 5.41 28.47
N CYS H 88 1.19 5.16 27.18
CA CYS H 88 1.28 6.22 26.19
C CYS H 88 0.16 6.05 25.17
N GLN H 89 -0.37 7.17 24.69
CA GLN H 89 -1.38 7.16 23.65
C GLN H 89 -1.01 8.18 22.60
N GLN H 90 -1.60 8.02 21.42
CA GLN H 90 -1.42 8.96 20.31
C GLN H 90 -2.74 9.64 20.01
N PHE H 91 -2.69 10.93 19.69
CA PHE H 91 -3.89 11.58 19.20
C PHE H 91 -3.68 12.14 17.80
N TYR H 92 -3.21 11.28 16.90
CA TYR H 92 -2.96 11.62 15.51
C TYR H 92 -4.04 11.10 14.57
N SER H 93 -4.65 9.96 14.88
CA SER H 93 -5.68 9.38 14.04
C SER H 93 -6.54 8.43 14.88
N THR H 94 -7.55 7.83 14.22
CA THR H 94 -8.43 6.81 14.79
C THR H 94 -8.21 5.47 14.11
N PRO H 95 -8.37 4.34 14.82
CA PRO H 95 -8.72 4.24 16.24
C PRO H 95 -7.61 4.75 17.15
N ARG H 96 -8.00 5.43 18.22
CA ARG H 96 -7.04 5.91 19.21
C ARG H 96 -6.46 4.71 19.94
N THR H 97 -5.14 4.67 20.11
CA THR H 97 -4.48 3.46 20.60
C THR H 97 -3.52 3.76 21.74
N PHE H 98 -3.52 2.88 22.75
CA PHE H 98 -2.61 2.96 23.88
C PHE H 98 -1.50 1.92 23.76
N GLY H 99 -0.39 2.19 24.45
CA GLY H 99 0.65 1.20 24.59
C GLY H 99 0.27 0.11 25.58
N GLN H 100 0.98 -1.01 25.51
CA GLN H 100 0.65 -2.13 26.38
C GLN H 100 0.95 -1.84 27.85
N GLY H 101 1.67 -0.76 28.14
CA GLY H 101 1.96 -0.35 29.50
C GLY H 101 3.33 -0.81 29.98
N THR H 102 3.91 -0.02 30.88
CA THR H 102 5.17 -0.36 31.53
C THR H 102 5.00 -0.27 33.03
N LYS H 103 5.18 -1.39 33.73
CA LYS H 103 5.05 -1.42 35.18
C LYS H 103 6.36 -1.05 35.85
N VAL H 104 6.31 -0.07 36.74
CA VAL H 104 7.45 0.34 37.54
C VAL H 104 7.34 -0.32 38.91
N GLU H 105 8.28 -1.21 39.21
CA GLU H 105 8.31 -1.96 40.45
C GLU H 105 9.45 -1.44 41.33
N ILE H 106 9.51 -1.96 42.56
CA ILE H 106 10.56 -1.58 43.49
C ILE H 106 11.71 -2.57 43.37
N LYS H 107 12.92 -2.04 43.24
CA LYS H 107 14.11 -2.86 43.08
C LYS H 107 14.62 -3.31 44.44
N ARG H 108 14.77 -4.63 44.61
CA ARG H 108 15.43 -5.20 45.78
C ARG H 108 16.37 -6.30 45.31
N THR H 109 17.21 -6.76 46.22
CA THR H 109 18.12 -7.84 45.88
C THR H 109 17.36 -9.15 45.68
N VAL H 110 17.99 -10.05 44.93
CA VAL H 110 17.36 -11.33 44.59
C VAL H 110 16.97 -12.07 45.86
N ALA H 111 15.88 -12.82 45.78
CA ALA H 111 15.41 -13.64 46.90
C ALA H 111 14.78 -14.90 46.34
N ALA H 112 15.21 -16.05 46.83
CA ALA H 112 14.69 -17.31 46.34
C ALA H 112 13.35 -17.64 46.98
N PRO H 113 12.45 -18.28 46.24
CA PRO H 113 11.14 -18.61 46.80
C PRO H 113 11.19 -19.82 47.73
N SER H 114 10.38 -19.78 48.78
CA SER H 114 10.12 -20.96 49.59
C SER H 114 9.00 -21.76 48.93
N VAL H 115 9.26 -23.03 48.63
CA VAL H 115 8.34 -23.83 47.83
C VAL H 115 7.57 -24.79 48.72
N PHE H 116 6.25 -24.87 48.52
CA PHE H 116 5.39 -25.81 49.25
C PHE H 116 4.42 -26.48 48.28
N ILE H 117 4.00 -27.70 48.60
CA ILE H 117 3.04 -28.43 47.78
C ILE H 117 1.88 -28.91 48.64
N PHE H 118 0.68 -28.86 48.07
CA PHE H 118 -0.57 -29.19 48.76
C PHE H 118 -1.32 -30.21 47.93
N PRO H 119 -1.62 -31.39 48.48
CA PRO H 119 -2.43 -32.38 47.75
C PRO H 119 -3.89 -31.98 47.75
N PRO H 120 -4.72 -32.62 46.91
CA PRO H 120 -6.16 -32.35 46.96
C PRO H 120 -6.74 -32.74 48.30
N SER H 121 -7.69 -31.94 48.78
CA SER H 121 -8.39 -32.25 50.01
C SER H 121 -9.24 -33.51 49.82
N ASP H 122 -9.52 -34.17 50.94
CA ASP H 122 -10.43 -35.32 50.86
C ASP H 122 -11.83 -34.87 50.48
N GLU H 123 -12.23 -33.66 50.88
CA GLU H 123 -13.56 -33.17 50.53
C GLU H 123 -13.66 -32.86 49.04
N GLN H 124 -12.63 -32.24 48.46
CA GLN H 124 -12.69 -31.96 47.04
C GLN H 124 -12.63 -33.23 46.21
N LEU H 125 -11.81 -34.20 46.64
CA LEU H 125 -11.78 -35.50 45.97
C LEU H 125 -13.13 -36.19 46.05
N LYS H 126 -13.80 -36.09 47.21
CA LYS H 126 -15.16 -36.59 47.34
C LYS H 126 -16.09 -35.93 46.33
N SER H 127 -15.92 -34.62 46.11
CA SER H 127 -16.79 -33.92 45.17
C SER H 127 -16.61 -34.41 43.73
N GLY H 128 -15.46 -34.99 43.39
CA GLY H 128 -15.23 -35.54 42.07
C GLY H 128 -14.16 -34.85 41.26
N THR H 129 -13.56 -33.76 41.76
CA THR H 129 -12.49 -33.08 41.07
C THR H 129 -11.30 -32.95 42.03
N ALA H 130 -10.09 -32.86 41.46
CA ALA H 130 -8.88 -32.76 42.27
C ALA H 130 -8.07 -31.54 41.86
N SER H 131 -7.77 -30.68 42.83
CA SER H 131 -6.93 -29.51 42.61
C SER H 131 -5.68 -29.65 43.46
N VAL H 132 -4.53 -29.87 42.81
CA VAL H 132 -3.23 -29.88 43.47
C VAL H 132 -2.63 -28.48 43.42
N VAL H 133 -2.08 -28.00 44.52
CA VAL H 133 -1.62 -26.61 44.60
C VAL H 133 -0.12 -26.59 44.88
N CYS H 134 0.58 -25.63 44.26
CA CYS H 134 2.00 -25.40 44.51
C CYS H 134 2.21 -23.92 44.79
N LEU H 135 2.95 -23.61 45.85
CA LEU H 135 3.12 -22.26 46.35
C LEU H 135 4.59 -21.86 46.29
N LEU H 136 4.87 -20.71 45.67
CA LEU H 136 6.19 -20.07 45.66
C LEU H 136 6.08 -18.82 46.52
N ASN H 137 6.70 -18.83 47.70
CA ASN H 137 6.51 -17.79 48.69
C ASN H 137 7.69 -16.83 48.70
N ASN H 138 7.37 -15.53 48.66
CA ASN H 138 8.32 -14.45 48.90
C ASN H 138 9.60 -14.60 48.11
N PHE H 139 9.56 -14.26 46.83
CA PHE H 139 10.74 -14.29 45.98
C PHE H 139 10.86 -12.96 45.26
N TYR H 140 11.95 -12.82 44.49
CA TYR H 140 12.17 -11.64 43.68
C TYR H 140 13.22 -12.01 42.65
N PRO H 141 13.08 -11.58 41.39
CA PRO H 141 11.98 -10.77 40.85
C PRO H 141 10.72 -11.58 40.54
N ARG H 142 9.75 -10.93 39.88
CA ARG H 142 8.48 -11.60 39.60
C ARG H 142 8.67 -12.83 38.70
N GLU H 143 9.70 -12.81 37.86
CA GLU H 143 9.85 -13.85 36.83
C GLU H 143 10.28 -15.17 37.44
N ALA H 144 9.41 -16.18 37.35
CA ALA H 144 9.71 -17.53 37.77
C ALA H 144 9.04 -18.49 36.80
N LYS H 145 9.31 -19.79 36.95
CA LYS H 145 8.67 -20.77 36.07
C LYS H 145 8.32 -22.00 36.87
N VAL H 146 7.09 -22.47 36.70
CA VAL H 146 6.58 -23.66 37.39
C VAL H 146 6.17 -24.67 36.35
N GLN H 147 6.55 -25.92 36.56
CA GLN H 147 6.11 -27.02 35.72
C GLN H 147 5.64 -28.15 36.60
N TRP H 148 4.63 -28.87 36.13
CA TRP H 148 4.02 -29.97 36.86
C TRP H 148 4.42 -31.29 36.23
N LYS H 149 4.81 -32.25 37.07
CA LYS H 149 5.22 -33.58 36.61
C LYS H 149 4.41 -34.62 37.36
N VAL H 150 3.59 -35.38 36.61
CA VAL H 150 2.78 -36.45 37.15
C VAL H 150 3.47 -37.75 36.74
N ASP H 151 4.21 -38.35 37.69
CA ASP H 151 5.06 -39.50 37.41
C ASP H 151 6.07 -39.17 36.31
N ASN H 152 6.68 -38.00 36.42
CA ASN H 152 7.66 -37.50 35.44
C ASN H 152 7.07 -37.43 34.03
N ALA H 153 5.83 -36.96 33.93
CA ALA H 153 5.20 -36.67 32.64
C ALA H 153 4.84 -35.18 32.64
N LEU H 154 5.52 -34.41 31.79
CA LEU H 154 5.30 -32.97 31.77
C LEU H 154 3.88 -32.65 31.29
N GLN H 155 3.16 -31.87 32.09
CA GLN H 155 1.78 -31.49 31.83
C GLN H 155 1.72 -30.12 31.14
N SER H 156 0.57 -29.86 30.52
CA SER H 156 0.33 -28.58 29.85
C SER H 156 -1.15 -28.40 29.53
N GLY H 157 -1.69 -27.23 29.83
CA GLY H 157 -3.08 -26.92 29.56
C GLY H 157 -4.02 -27.10 30.72
N ASN H 158 -3.56 -27.71 31.82
CA ASN H 158 -4.40 -27.94 32.98
C ASN H 158 -3.86 -27.27 34.25
N SER H 159 -3.04 -26.23 34.11
CA SER H 159 -2.52 -25.49 35.26
C SER H 159 -2.79 -24.01 35.07
N GLN H 160 -3.10 -23.33 36.17
CA GLN H 160 -3.34 -21.89 36.17
C GLN H 160 -2.59 -21.26 37.33
N GLU H 161 -1.95 -20.13 37.07
CA GLU H 161 -1.14 -19.48 38.09
C GLU H 161 -1.59 -18.03 38.24
N SER H 162 -1.40 -17.50 39.44
CA SER H 162 -1.58 -16.07 39.69
C SER H 162 -0.49 -15.59 40.63
N VAL H 163 -0.14 -14.31 40.49
CA VAL H 163 0.94 -13.71 41.26
C VAL H 163 0.36 -12.57 42.07
N THR H 164 0.95 -12.33 43.24
CA THR H 164 0.51 -11.25 44.10
C THR H 164 1.11 -9.92 43.64
N GLU H 165 0.75 -8.86 44.34
CA GLU H 165 1.44 -7.61 44.13
C GLU H 165 2.67 -7.55 45.02
N GLN H 166 3.59 -6.65 44.67
CA GLN H 166 4.79 -6.49 45.48
C GLN H 166 4.40 -6.05 46.89
N ASP H 167 5.00 -6.69 47.88
CA ASP H 167 4.58 -6.51 49.26
C ASP H 167 4.91 -5.10 49.78
N SER H 168 4.04 -4.60 50.67
CA SER H 168 4.18 -3.24 51.19
C SER H 168 5.40 -3.09 52.09
N LYS H 169 5.98 -4.18 52.57
CA LYS H 169 7.01 -4.13 53.60
C LYS H 169 8.37 -4.61 53.13
N ASP H 170 8.44 -5.70 52.36
CA ASP H 170 9.72 -6.22 51.87
C ASP H 170 9.83 -6.32 50.35
N SER H 171 8.82 -5.88 49.60
CA SER H 171 8.91 -5.74 48.14
C SER H 171 9.12 -7.09 47.44
N THR H 172 8.50 -8.15 47.96
CA THR H 172 8.58 -9.47 47.36
C THR H 172 7.26 -9.86 46.71
N TYR H 173 7.30 -10.94 45.92
CA TYR H 173 6.14 -11.51 45.25
C TYR H 173 5.86 -12.91 45.77
N SER H 174 4.62 -13.35 45.59
CA SER H 174 4.25 -14.74 45.88
C SER H 174 3.32 -15.25 44.79
N LEU H 175 3.50 -16.50 44.40
CA LEU H 175 2.82 -17.08 43.25
C LEU H 175 2.16 -18.39 43.62
N SER H 176 0.99 -18.63 43.04
CA SER H 176 0.22 -19.85 43.25
C SER H 176 -0.04 -20.52 41.92
N SER H 177 0.23 -21.82 41.82
CA SER H 177 -0.06 -22.61 40.64
C SER H 177 -0.98 -23.77 41.02
N THR H 178 -2.08 -23.91 40.29
CA THR H 178 -3.08 -24.93 40.57
C THR H 178 -3.22 -25.85 39.38
N LEU H 179 -3.07 -27.16 39.63
CA LEU H 179 -3.24 -28.21 38.64
C LEU H 179 -4.59 -28.88 38.88
N THR H 180 -5.44 -28.89 37.87
CA THR H 180 -6.80 -29.42 37.99
C THR H 180 -6.92 -30.71 37.18
N LEU H 181 -7.39 -31.76 37.84
CA LEU H 181 -7.60 -33.05 37.18
C LEU H 181 -8.93 -33.64 37.67
N SER H 182 -9.43 -34.61 36.90
CA SER H 182 -10.55 -35.40 37.37
C SER H 182 -10.11 -36.34 38.50
N LYS H 183 -11.09 -36.75 39.31
CA LYS H 183 -10.81 -37.77 40.32
C LYS H 183 -10.26 -39.04 39.70
N ALA H 184 -10.76 -39.39 38.52
CA ALA H 184 -10.27 -40.58 37.81
C ALA H 184 -8.81 -40.44 37.41
N ASP H 185 -8.50 -39.40 36.62
CA ASP H 185 -7.13 -39.19 36.17
C ASP H 185 -6.17 -38.99 37.34
N TYR H 186 -6.68 -38.44 38.46
CA TYR H 186 -5.84 -38.27 39.64
C TYR H 186 -5.53 -39.62 40.29
N GLU H 187 -6.53 -40.49 40.42
CA GLU H 187 -6.28 -41.80 41.04
C GLU H 187 -5.54 -42.76 40.13
N LYS H 188 -5.19 -42.38 38.91
CA LYS H 188 -4.44 -43.24 38.01
C LYS H 188 -2.92 -43.12 38.18
N HIS H 189 -2.44 -42.20 39.01
CA HIS H 189 -1.02 -41.94 39.10
C HIS H 189 -0.64 -41.77 40.57
N LYS H 190 0.67 -41.77 40.82
CA LYS H 190 1.18 -41.79 42.19
C LYS H 190 1.98 -40.53 42.53
N VAL H 191 3.02 -40.20 41.78
CA VAL H 191 3.95 -39.13 42.14
C VAL H 191 3.50 -37.82 41.50
N TYR H 192 3.16 -36.84 42.32
CA TYR H 192 2.82 -35.50 41.87
C TYR H 192 3.91 -34.56 42.33
N ALA H 193 4.58 -33.91 41.37
CA ALA H 193 5.74 -33.09 41.66
C ALA H 193 5.60 -31.73 41.02
N CYS H 194 6.13 -30.73 41.71
CA CYS H 194 6.11 -29.34 41.26
C CYS H 194 7.57 -28.89 41.14
N GLU H 195 7.98 -28.55 39.91
CA GLU H 195 9.36 -28.19 39.61
C GLU H 195 9.42 -26.69 39.37
N VAL H 196 10.23 -26.00 40.16
CA VAL H 196 10.31 -24.56 40.18
C VAL H 196 11.70 -24.14 39.70
N THR H 197 11.72 -23.36 38.62
CA THR H 197 12.95 -22.78 38.08
C THR H 197 12.89 -21.28 38.33
N HIS H 198 13.83 -20.77 39.12
CA HIS H 198 13.84 -19.34 39.44
C HIS H 198 15.28 -18.84 39.44
N GLN H 199 15.40 -17.52 39.19
CA GLN H 199 16.71 -16.87 39.16
C GLN H 199 17.47 -17.06 40.47
N GLY H 200 16.80 -16.83 41.60
CA GLY H 200 17.45 -16.95 42.88
C GLY H 200 17.74 -18.37 43.31
N LEU H 201 17.56 -19.31 42.39
CA LEU H 201 17.88 -20.71 42.62
C LEU H 201 19.00 -21.13 41.67
N SER H 202 20.02 -21.79 42.23
CA SER H 202 21.10 -22.30 41.40
C SER H 202 20.61 -23.39 40.45
N SER H 203 19.67 -24.21 40.90
CA SER H 203 19.12 -25.32 40.13
C SER H 203 17.64 -25.45 40.43
N PRO H 204 16.86 -26.02 39.52
CA PRO H 204 15.42 -26.16 39.75
C PRO H 204 15.10 -27.01 40.97
N VAL H 205 14.26 -26.48 41.85
CA VAL H 205 13.84 -27.17 43.07
C VAL H 205 12.53 -27.90 42.80
N THR H 206 12.48 -29.18 43.11
CA THR H 206 11.26 -29.98 42.95
C THR H 206 10.72 -30.35 44.33
N LYS H 207 9.43 -30.10 44.55
CA LYS H 207 8.74 -30.53 45.74
C LYS H 207 7.62 -31.48 45.33
N SER H 208 7.59 -32.67 45.92
CA SER H 208 6.69 -33.70 45.43
C SER H 208 6.02 -34.42 46.59
N PHE H 209 4.95 -35.12 46.26
CA PHE H 209 4.28 -36.04 47.19
C PHE H 209 3.77 -37.20 46.37
N ASN H 210 3.30 -38.24 47.06
CA ASN H 210 2.70 -39.39 46.42
C ASN H 210 1.26 -39.54 46.90
N ARG H 211 0.40 -40.05 46.01
CA ARG H 211 -1.03 -40.06 46.27
C ARG H 211 -1.38 -40.94 47.47
N GLY H 212 -2.16 -40.39 48.40
CA GLY H 212 -2.61 -41.14 49.54
C GLY H 212 -1.59 -41.50 50.60
N GLU H 213 -0.38 -40.93 50.54
CA GLU H 213 0.67 -41.32 51.48
C GLU H 213 0.34 -40.89 52.91
N CYS H 214 0.49 -39.61 53.20
CA CYS H 214 0.21 -39.11 54.54
C CYS H 214 -0.96 -38.12 54.50
N CYS I 18 3.74 55.58 43.61
CA CYS I 18 3.27 54.70 42.55
C CYS I 18 1.91 54.10 42.91
N PRO I 19 1.04 53.91 41.89
CA PRO I 19 -0.30 53.36 42.14
C PRO I 19 -0.35 51.83 42.07
N PHE I 20 0.23 51.19 43.07
CA PHE I 20 0.14 49.74 43.18
C PHE I 20 -1.26 49.27 43.54
N GLY I 21 -2.06 50.12 44.17
CA GLY I 21 -3.45 49.80 44.44
C GLY I 21 -4.32 49.73 43.21
N GLU I 22 -3.83 50.23 42.07
CA GLU I 22 -4.57 50.11 40.82
C GLU I 22 -4.41 48.73 40.19
N VAL I 23 -3.34 48.02 40.51
CA VAL I 23 -3.09 46.68 39.97
C VAL I 23 -3.60 45.60 40.92
N PHE I 24 -3.23 45.68 42.20
CA PHE I 24 -3.58 44.65 43.16
C PHE I 24 -5.03 44.78 43.62
N ASN I 25 -5.42 45.98 44.05
CA ASN I 25 -6.81 46.21 44.44
C ASN I 25 -7.69 46.45 43.21
N ALA I 26 -7.28 45.92 42.06
CA ALA I 26 -8.05 46.11 40.84
C ALA I 26 -9.30 45.24 40.86
N THR I 27 -10.26 45.58 40.00
CA THR I 27 -11.54 44.88 39.99
C THR I 27 -11.46 43.60 39.17
N ARG I 28 -11.08 43.70 37.90
CA ARG I 28 -11.02 42.57 37.00
C ARG I 28 -9.59 42.32 36.53
N PHE I 29 -9.20 41.04 36.49
CA PHE I 29 -7.92 40.62 35.96
C PHE I 29 -8.09 39.94 34.61
N ALA I 30 -7.02 39.95 33.82
CA ALA I 30 -7.02 39.32 32.52
C ALA I 30 -6.65 37.84 32.66
N SER I 31 -7.15 37.03 31.72
CA SER I 31 -6.77 35.63 31.68
C SER I 31 -5.31 35.50 31.22
N VAL I 32 -4.73 34.33 31.49
CA VAL I 32 -3.29 34.17 31.33
C VAL I 32 -2.88 34.21 29.86
N TYR I 33 -3.73 33.70 28.95
CA TYR I 33 -3.37 33.70 27.54
C TYR I 33 -3.19 35.11 27.01
N ALA I 34 -3.95 36.06 27.55
CA ALA I 34 -3.78 37.47 27.20
C ALA I 34 -3.36 38.25 28.44
N TRP I 35 -2.24 37.86 29.04
CA TRP I 35 -1.78 38.50 30.27
C TRP I 35 -1.56 39.99 30.03
N ASN I 36 -1.83 40.78 31.06
CA ASN I 36 -1.89 42.24 30.91
C ASN I 36 -0.59 42.86 31.40
N ARG I 37 0.11 43.53 30.50
CA ARG I 37 1.32 44.25 30.85
C ARG I 37 0.99 45.70 31.14
N LYS I 38 1.49 46.20 32.26
CA LYS I 38 1.30 47.60 32.66
C LYS I 38 2.66 48.19 33.00
N ARG I 39 2.95 49.37 32.45
CA ARG I 39 4.23 50.02 32.66
C ARG I 39 4.18 50.94 33.88
N ILE I 40 5.31 51.00 34.60
CA ILE I 40 5.44 51.83 35.79
C ILE I 40 6.75 52.61 35.67
N SER I 41 6.64 53.93 35.72
CA SER I 41 7.78 54.83 35.61
C SER I 41 7.39 56.18 36.19
N ASN I 42 8.39 56.91 36.65
CA ASN I 42 8.24 58.27 37.17
C ASN I 42 7.39 58.29 38.46
N CYS I 43 7.83 57.50 39.43
CA CYS I 43 7.21 57.51 40.76
C CYS I 43 8.10 56.72 41.72
N VAL I 44 7.80 56.86 43.01
CA VAL I 44 8.55 56.19 44.08
C VAL I 44 7.75 55.00 44.57
N ALA I 45 8.41 53.85 44.70
CA ALA I 45 7.76 52.60 45.05
C ALA I 45 8.31 52.08 46.36
N ASP I 46 7.40 51.70 47.27
CA ASP I 46 7.74 51.09 48.55
C ASP I 46 7.31 49.63 48.49
N TYR I 47 8.29 48.74 48.29
CA TYR I 47 7.97 47.32 48.17
C TYR I 47 7.52 46.74 49.50
N SER I 48 8.12 47.21 50.60
CA SER I 48 7.83 46.65 51.92
C SER I 48 6.39 46.84 52.34
N VAL I 49 5.63 47.71 51.67
CA VAL I 49 4.21 47.84 51.99
C VAL I 49 3.48 46.52 51.72
N LEU I 50 3.91 45.78 50.71
CA LEU I 50 3.24 44.56 50.29
C LEU I 50 3.84 43.30 50.91
N TYR I 51 5.17 43.17 50.86
CA TYR I 51 5.80 41.97 51.39
C TYR I 51 5.59 41.84 52.89
N ASN I 52 5.63 42.97 53.62
CA ASN I 52 5.32 42.98 55.04
C ASN I 52 3.83 43.05 55.31
N SER I 53 3.00 43.04 54.27
CA SER I 53 1.55 43.03 54.42
C SER I 53 1.03 41.68 54.88
N ALA I 54 1.76 40.60 54.61
CA ALA I 54 1.36 39.23 54.93
C ALA I 54 0.01 38.86 54.30
N SER I 55 -0.38 39.56 53.24
CA SER I 55 -1.67 39.39 52.59
C SER I 55 -1.60 38.49 51.37
N PHE I 56 -0.43 37.91 51.09
CA PHE I 56 -0.26 37.07 49.91
C PHE I 56 0.16 35.67 50.34
N SER I 57 0.00 34.72 49.42
CA SER I 57 0.42 33.35 49.63
C SER I 57 1.72 33.01 48.91
N THR I 58 2.01 33.66 47.80
CA THR I 58 3.27 33.48 47.09
C THR I 58 3.93 34.84 46.92
N PHE I 59 5.17 34.95 47.38
CA PHE I 59 5.95 36.17 47.22
C PHE I 59 7.42 35.73 47.12
N LYS I 60 7.86 35.48 45.89
CA LYS I 60 9.21 34.97 45.64
C LYS I 60 9.94 35.93 44.71
N CYS I 61 11.17 36.29 45.09
CA CYS I 61 11.97 37.23 44.32
C CYS I 61 13.26 36.56 43.88
N TYR I 62 13.62 36.79 42.61
CA TYR I 62 14.75 36.13 41.97
C TYR I 62 15.74 37.19 41.48
N GLY I 63 17.01 37.01 41.82
CA GLY I 63 18.03 37.96 41.42
C GLY I 63 18.23 39.04 42.46
N VAL I 64 17.28 39.96 42.55
CA VAL I 64 17.33 41.00 43.57
C VAL I 64 16.78 40.44 44.88
N SER I 65 17.20 41.05 45.99
CA SER I 65 16.77 40.57 47.29
C SER I 65 15.39 41.14 47.64
N PRO I 66 14.45 40.30 48.10
CA PRO I 66 13.14 40.84 48.50
C PRO I 66 13.19 41.64 49.78
N THR I 67 14.21 41.42 50.61
CA THR I 67 14.29 42.01 51.95
C THR I 67 14.92 43.39 51.84
N LYS I 68 14.09 44.39 51.57
CA LYS I 68 14.46 45.80 51.62
C LYS I 68 15.59 46.13 50.64
N LEU I 69 15.34 45.86 49.36
CA LEU I 69 16.25 46.30 48.32
C LEU I 69 15.54 47.23 47.34
N ASN I 70 14.79 48.18 47.89
CA ASN I 70 14.26 49.29 47.11
C ASN I 70 15.23 50.45 47.04
N ASP I 71 16.46 50.25 47.51
CA ASP I 71 17.52 51.25 47.39
C ASP I 71 18.18 51.22 46.03
N LEU I 72 17.39 51.09 44.98
CA LEU I 72 17.87 51.05 43.60
C LEU I 72 16.92 51.84 42.73
N CYS I 73 17.44 52.34 41.62
CA CYS I 73 16.67 53.15 40.68
C CYS I 73 16.79 52.51 39.31
N PHE I 74 15.69 51.94 38.82
CA PHE I 74 15.65 51.27 37.53
C PHE I 74 14.99 52.16 36.49
N THR I 75 15.24 51.82 35.22
CA THR I 75 14.67 52.61 34.13
C THR I 75 13.15 52.44 34.07
N ASN I 76 12.68 51.20 34.05
CA ASN I 76 11.24 50.93 34.00
C ASN I 76 10.90 49.75 34.91
N VAL I 77 9.63 49.67 35.30
CA VAL I 77 9.13 48.53 36.08
C VAL I 77 7.86 48.02 35.40
N TYR I 78 7.90 46.80 34.90
CA TYR I 78 6.77 46.24 34.18
C TYR I 78 6.04 45.25 35.07
N ALA I 79 4.71 45.42 35.18
CA ALA I 79 3.86 44.57 35.99
C ALA I 79 2.93 43.77 35.07
N ASP I 80 3.14 42.46 35.02
CA ASP I 80 2.29 41.56 34.27
C ASP I 80 1.27 40.94 35.23
N SER I 81 0.00 41.05 34.89
CA SER I 81 -1.07 40.58 35.77
C SER I 81 -1.95 39.59 35.02
N PHE I 82 -2.33 38.50 35.71
CA PHE I 82 -3.19 37.47 35.13
C PHE I 82 -3.76 36.61 36.25
N VAL I 83 -4.45 35.54 35.86
CA VAL I 83 -5.11 34.61 36.78
C VAL I 83 -4.88 33.18 36.31
N ILE I 84 -4.51 32.31 37.24
CA ILE I 84 -4.31 30.89 36.93
C ILE I 84 -4.98 30.09 38.04
N ARG I 85 -4.68 28.79 38.12
CA ARG I 85 -5.09 28.01 39.28
C ARG I 85 -3.87 27.71 40.16
N GLY I 86 -4.15 27.14 41.33
CA GLY I 86 -3.07 26.86 42.27
C GLY I 86 -2.06 25.86 41.73
N ASP I 87 -2.57 24.77 41.13
CA ASP I 87 -1.71 23.76 40.52
C ASP I 87 -0.62 24.37 39.64
N GLU I 88 -0.89 25.55 39.08
CA GLU I 88 -0.03 26.17 38.08
C GLU I 88 0.85 27.28 38.63
N VAL I 89 0.68 27.67 39.89
CA VAL I 89 1.41 28.82 40.41
C VAL I 89 2.91 28.59 40.36
N ARG I 90 3.34 27.35 40.66
CA ARG I 90 4.76 27.02 40.60
C ARG I 90 5.35 27.20 39.21
N GLN I 91 4.53 27.18 38.16
CA GLN I 91 5.03 27.30 36.79
C GLN I 91 5.42 28.72 36.43
N ILE I 92 5.01 29.71 37.23
CA ILE I 92 5.38 31.11 36.99
C ILE I 92 6.68 31.39 37.73
N ALA I 93 7.77 30.79 37.25
CA ALA I 93 9.07 30.87 37.88
C ALA I 93 10.14 30.63 36.82
N PRO I 94 11.39 31.04 37.06
CA PRO I 94 12.45 30.80 36.09
C PRO I 94 12.71 29.30 35.91
N GLY I 95 12.86 28.90 34.65
CA GLY I 95 13.20 27.54 34.30
C GLY I 95 12.20 26.49 34.72
N GLN I 96 10.93 26.70 34.36
CA GLN I 96 9.87 25.76 34.67
C GLN I 96 9.11 25.44 33.38
N THR I 97 8.71 24.18 33.23
CA THR I 97 7.96 23.75 32.05
C THR I 97 6.58 23.24 32.48
N GLY I 98 5.68 23.21 31.50
CA GLY I 98 4.30 22.87 31.74
C GLY I 98 3.40 23.69 30.83
N LYS I 99 2.12 23.32 30.84
CA LYS I 99 1.17 23.97 29.93
C LYS I 99 1.22 25.48 30.03
N ILE I 100 1.22 26.01 31.26
CA ILE I 100 1.21 27.46 31.46
C ILE I 100 2.52 28.09 30.97
N ALA I 101 3.66 27.58 31.46
CA ALA I 101 4.94 28.16 31.08
C ALA I 101 5.22 27.94 29.60
N ASP I 102 4.89 26.77 29.07
CA ASP I 102 5.18 26.48 27.67
C ASP I 102 4.30 27.29 26.72
N TYR I 103 3.02 27.47 27.07
CA TYR I 103 2.05 27.95 26.11
C TYR I 103 1.35 29.25 26.50
N ASN I 104 1.66 29.85 27.66
CA ASN I 104 0.87 30.98 28.12
C ASN I 104 1.70 32.17 28.60
N TYR I 105 2.69 31.92 29.46
CA TYR I 105 3.49 33.03 30.01
C TYR I 105 4.82 32.46 30.49
N LYS I 106 5.92 32.97 29.94
CA LYS I 106 7.25 32.49 30.29
C LYS I 106 8.14 33.65 30.70
N LEU I 107 8.93 33.43 31.75
CA LEU I 107 9.95 34.22 32.41
C LEU I 107 11.34 33.69 32.04
N PRO I 108 12.30 34.57 31.76
CA PRO I 108 13.64 34.11 31.39
C PRO I 108 14.35 33.47 32.58
N ASP I 109 15.35 32.64 32.25
CA ASP I 109 16.15 32.03 33.31
C ASP I 109 16.96 33.08 34.06
N ASP I 110 17.35 34.16 33.39
CA ASP I 110 18.04 35.29 33.99
C ASP I 110 17.06 36.33 34.55
N PHE I 111 16.00 35.88 35.22
CA PHE I 111 14.96 36.78 35.70
C PHE I 111 15.40 37.43 37.01
N THR I 112 15.41 38.75 37.05
CA THR I 112 15.72 39.53 38.25
C THR I 112 14.49 40.37 38.57
N GLY I 113 13.53 39.77 39.25
CA GLY I 113 12.30 40.43 39.58
C GLY I 113 11.60 39.74 40.73
N CYS I 114 10.28 39.91 40.80
CA CYS I 114 9.49 39.29 41.86
C CYS I 114 8.18 38.77 41.31
N VAL I 115 7.62 37.78 42.01
CA VAL I 115 6.36 37.14 41.65
C VAL I 115 5.49 37.11 42.89
N ILE I 116 4.28 37.66 42.79
CA ILE I 116 3.33 37.75 43.88
C ILE I 116 2.04 37.10 43.42
N ALA I 117 1.45 36.27 44.28
CA ALA I 117 0.22 35.58 43.95
C ALA I 117 -0.63 35.41 45.20
N TRP I 118 -1.93 35.65 45.06
CA TRP I 118 -2.86 35.47 46.17
C TRP I 118 -4.15 34.83 45.67
N ASN I 119 -4.81 34.09 46.56
CA ASN I 119 -6.04 33.40 46.21
C ASN I 119 -7.18 34.40 46.06
N SER I 120 -8.03 34.15 45.05
CA SER I 120 -9.20 34.98 44.77
C SER I 120 -10.44 34.12 44.54
N ASN I 121 -10.57 33.04 45.30
CA ASN I 121 -11.73 32.15 45.15
C ASN I 121 -13.03 32.86 45.47
N ASN I 122 -12.99 33.84 46.37
CA ASN I 122 -14.20 34.60 46.68
C ASN I 122 -14.64 35.51 45.54
N LEU I 123 -13.74 35.77 44.58
CA LEU I 123 -13.99 36.72 43.50
C LEU I 123 -14.11 36.08 42.14
N ASP I 124 -13.47 34.92 41.92
CA ASP I 124 -13.45 34.30 40.59
C ASP I 124 -14.17 32.95 40.56
N SER I 125 -14.86 32.58 41.62
CA SER I 125 -15.72 31.41 41.62
C SER I 125 -17.18 31.79 41.41
N LYS I 126 -17.95 30.81 40.92
CA LYS I 126 -19.38 30.97 40.75
C LYS I 126 -19.98 29.57 40.79
N VAL I 127 -21.10 29.43 41.49
CA VAL I 127 -21.74 28.13 41.61
C VAL I 127 -22.04 27.60 40.21
N GLY I 128 -21.76 26.31 39.99
CA GLY I 128 -21.86 25.72 38.68
C GLY I 128 -20.67 25.96 37.78
N GLY I 129 -19.85 26.97 38.07
CA GLY I 129 -18.63 27.19 37.31
C GLY I 129 -18.48 28.60 36.79
N ASN I 130 -17.26 29.14 36.83
CA ASN I 130 -16.91 30.38 36.15
C ASN I 130 -15.92 30.04 35.05
N TYR I 131 -16.36 30.15 33.80
CA TYR I 131 -15.56 29.76 32.65
C TYR I 131 -15.11 30.96 31.82
N ASN I 132 -15.05 32.15 32.41
CA ASN I 132 -14.61 33.32 31.67
C ASN I 132 -13.08 33.40 31.57
N TYR I 133 -12.36 32.73 32.47
CA TYR I 133 -10.90 32.73 32.43
C TYR I 133 -10.42 31.59 31.54
N LEU I 134 -9.61 31.93 30.54
CA LEU I 134 -9.12 30.99 29.55
C LEU I 134 -7.61 30.78 29.67
N TYR I 135 -7.17 29.65 29.12
CA TYR I 135 -5.76 29.29 29.03
C TYR I 135 -5.52 28.62 27.69
N ARG I 136 -4.28 28.74 27.19
CA ARG I 136 -3.93 28.08 25.94
C ARG I 136 -3.52 26.63 26.21
N LEU I 137 -4.03 25.71 25.41
CA LEU I 137 -3.76 24.29 25.56
C LEU I 137 -2.77 23.73 24.54
N PHE I 138 -2.82 24.22 23.30
CA PHE I 138 -1.95 23.73 22.23
C PHE I 138 -1.15 24.88 21.64
N ARG I 139 0.10 24.58 21.27
CA ARG I 139 0.91 25.53 20.51
C ARG I 139 2.02 24.74 19.84
N LYS I 140 2.34 25.10 18.60
CA LYS I 140 3.36 24.36 17.86
C LYS I 140 4.74 24.54 18.48
N SER I 141 4.98 25.68 19.13
CA SER I 141 6.25 25.97 19.78
C SER I 141 5.99 26.63 21.12
N ASN I 142 7.01 26.61 21.97
CA ASN I 142 6.88 27.23 23.28
C ASN I 142 7.11 28.74 23.18
N LEU I 143 6.61 29.47 24.16
CA LEU I 143 6.69 30.92 24.13
C LEU I 143 8.10 31.36 24.50
N LYS I 144 8.61 32.33 23.75
CA LYS I 144 9.81 33.01 24.18
C LYS I 144 9.51 33.80 25.44
N PRO I 145 10.51 34.03 26.29
CA PRO I 145 10.28 34.79 27.53
C PRO I 145 9.59 36.13 27.25
N PHE I 146 8.56 36.41 28.06
CA PHE I 146 7.71 37.60 28.00
C PHE I 146 6.94 37.73 26.70
N GLU I 147 6.86 36.67 25.89
CA GLU I 147 5.99 36.72 24.73
C GLU I 147 4.53 36.57 25.15
N ARG I 148 3.63 37.06 24.31
CA ARG I 148 2.20 36.95 24.52
C ARG I 148 1.56 36.52 23.22
N ASP I 149 0.69 35.52 23.30
CA ASP I 149 -0.01 34.99 22.15
C ASP I 149 -1.51 35.22 22.34
N ILE I 150 -2.14 35.80 21.33
CA ILE I 150 -3.58 35.94 21.30
C ILE I 150 -4.21 35.20 20.12
N SER I 151 -3.40 34.60 19.25
CA SER I 151 -3.90 34.02 18.03
C SER I 151 -4.77 32.82 18.34
N THR I 152 -6.02 32.87 17.89
CA THR I 152 -6.97 31.78 18.10
C THR I 152 -7.09 30.89 16.87
N GLU I 153 -5.97 30.40 16.35
CA GLU I 153 -5.99 29.57 15.14
C GLU I 153 -6.12 28.10 15.51
N ILE I 154 -6.95 27.38 14.75
CA ILE I 154 -7.25 25.97 15.02
C ILE I 154 -5.96 25.16 15.01
N TYR I 155 -5.69 24.47 16.12
CA TYR I 155 -4.47 23.68 16.24
C TYR I 155 -4.57 22.37 15.47
N GLN I 156 -3.54 22.08 14.68
CA GLN I 156 -3.46 20.83 13.92
C GLN I 156 -2.68 19.83 14.76
N ALA I 157 -3.38 18.80 15.25
CA ALA I 157 -2.74 17.69 15.95
C ALA I 157 -2.58 16.46 15.07
N GLY I 158 -3.13 16.49 13.86
CA GLY I 158 -3.06 15.34 12.97
C GLY I 158 -2.37 15.60 11.64
N SER I 159 -2.60 14.70 10.69
CA SER I 159 -1.99 14.79 9.37
C SER I 159 -2.79 15.62 8.39
N THR I 160 -4.07 15.85 8.68
CA THR I 160 -4.86 16.63 7.73
C THR I 160 -4.96 18.08 8.20
N PRO I 161 -4.85 19.06 7.31
CA PRO I 161 -4.90 20.45 7.74
C PRO I 161 -6.30 20.81 8.22
N CYS I 162 -6.36 21.90 8.99
CA CYS I 162 -7.62 22.32 9.59
C CYS I 162 -8.42 23.24 8.69
N ASN I 163 -7.75 24.17 8.00
CA ASN I 163 -8.39 25.13 7.11
C ASN I 163 -9.37 26.02 7.87
N GLY I 164 -9.03 26.35 9.11
CA GLY I 164 -9.80 27.28 9.91
C GLY I 164 -10.97 26.68 10.67
N VAL I 165 -11.35 25.43 10.39
CA VAL I 165 -12.54 24.83 10.98
C VAL I 165 -12.12 23.86 12.07
N GLU I 166 -12.83 23.91 13.20
CA GLU I 166 -12.68 22.87 14.21
C GLU I 166 -13.26 21.56 13.69
N GLY I 167 -12.64 20.45 14.05
CA GLY I 167 -13.14 19.17 13.62
C GLY I 167 -12.23 18.05 14.09
N PHE I 168 -12.38 16.90 13.45
CA PHE I 168 -11.54 15.75 13.74
C PHE I 168 -10.06 16.13 13.70
N ASN I 169 -9.39 16.04 14.86
CA ASN I 169 -7.95 16.29 14.99
C ASN I 169 -7.59 17.73 14.64
N CYS I 170 -8.47 18.67 14.95
CA CYS I 170 -8.24 20.09 14.68
C CYS I 170 -8.91 20.89 15.80
N TYR I 171 -8.18 21.07 16.89
CA TYR I 171 -8.76 21.52 18.15
C TYR I 171 -8.52 23.02 18.37
N PHE I 172 -9.53 23.67 18.93
CA PHE I 172 -9.44 25.09 19.27
C PHE I 172 -8.44 25.28 20.40
N PRO I 173 -7.41 26.10 20.24
CA PRO I 173 -6.32 26.08 21.24
C PRO I 173 -6.74 26.57 22.61
N LEU I 174 -7.63 27.55 22.72
CA LEU I 174 -7.98 28.09 24.02
C LEU I 174 -9.06 27.26 24.69
N GLN I 175 -8.89 27.02 25.98
CA GLN I 175 -9.86 26.27 26.77
C GLN I 175 -10.11 27.05 28.06
N SER I 176 -11.13 26.62 28.79
CA SER I 176 -11.65 27.43 29.88
C SER I 176 -11.38 26.81 31.24
N TYR I 177 -11.07 27.65 32.22
CA TYR I 177 -10.97 27.22 33.61
C TYR I 177 -12.35 27.06 34.22
N GLY I 178 -12.50 26.05 35.07
CA GLY I 178 -13.77 25.80 35.73
C GLY I 178 -13.73 26.10 37.21
N PHE I 179 -13.83 27.39 37.56
CA PHE I 179 -13.65 27.85 38.94
C PHE I 179 -15.00 27.82 39.64
N GLN I 180 -15.24 26.76 40.38
CA GLN I 180 -16.37 26.61 41.30
C GLN I 180 -15.93 26.89 42.72
N PRO I 181 -16.82 27.40 43.57
CA PRO I 181 -16.41 27.67 44.96
C PRO I 181 -16.03 26.42 45.73
N THR I 182 -16.64 25.28 45.39
CA THR I 182 -16.34 23.99 46.00
C THR I 182 -15.23 23.24 45.28
N ASN I 183 -14.15 23.91 44.89
CA ASN I 183 -13.02 23.27 44.27
C ASN I 183 -11.93 22.98 45.30
N GLY I 184 -11.10 22.00 44.98
CA GLY I 184 -9.88 21.81 45.75
C GLY I 184 -8.95 23.00 45.61
N VAL I 185 -7.97 23.07 46.50
CA VAL I 185 -7.13 24.26 46.59
C VAL I 185 -6.37 24.49 45.28
N GLY I 186 -5.77 23.43 44.75
CA GLY I 186 -5.02 23.54 43.50
C GLY I 186 -5.86 23.82 42.28
N TYR I 187 -7.19 23.66 42.39
CA TYR I 187 -8.11 23.93 41.29
C TYR I 187 -8.81 25.28 41.44
N GLN I 188 -8.38 26.10 42.38
CA GLN I 188 -9.01 27.38 42.66
C GLN I 188 -8.26 28.51 41.96
N PRO I 189 -8.93 29.63 41.68
CA PRO I 189 -8.26 30.72 40.98
C PRO I 189 -7.32 31.49 41.89
N TYR I 190 -6.18 31.87 41.33
CA TYR I 190 -5.18 32.71 41.98
C TYR I 190 -4.85 33.88 41.06
N ARG I 191 -4.77 35.07 41.63
CA ARG I 191 -4.36 36.27 40.91
C ARG I 191 -2.87 36.48 41.10
N VAL I 192 -2.17 36.77 39.98
CA VAL I 192 -0.71 36.80 39.95
C VAL I 192 -0.27 38.11 39.32
N VAL I 193 0.73 38.74 39.95
CA VAL I 193 1.41 39.94 39.46
C VAL I 193 2.91 39.66 39.47
N VAL I 194 3.54 39.80 38.31
CA VAL I 194 4.97 39.59 38.14
C VAL I 194 5.62 40.93 37.83
N LEU I 195 6.61 41.31 38.63
CA LEU I 195 7.31 42.57 38.50
C LEU I 195 8.70 42.34 37.91
N SER I 196 8.96 42.98 36.77
CA SER I 196 10.26 42.93 36.09
C SER I 196 10.89 44.31 36.10
N PHE I 197 12.21 44.36 36.29
CA PHE I 197 12.98 45.60 36.41
C PHE I 197 13.85 45.78 35.18
N GLU I 198 13.59 46.86 34.43
CA GLU I 198 14.37 47.20 33.25
C GLU I 198 15.39 48.26 33.64
N LEU I 199 16.68 47.94 33.44
CA LEU I 199 17.80 48.82 33.73
C LEU I 199 18.60 48.99 32.44
N LEU I 200 18.20 49.95 31.62
CA LEU I 200 18.91 50.27 30.39
C LEU I 200 19.88 51.44 30.63
N HIS I 201 20.66 51.75 29.60
CA HIS I 201 21.49 52.96 29.60
C HIS I 201 20.59 54.14 29.23
N ALA I 202 19.64 54.40 30.13
CA ALA I 202 18.58 55.37 29.90
C ALA I 202 18.25 56.06 31.22
N PRO I 203 17.52 57.18 31.20
CA PRO I 203 17.15 57.85 32.46
C PRO I 203 16.36 56.97 33.42
N ALA I 204 17.02 56.48 34.46
CA ALA I 204 16.35 55.70 35.49
C ALA I 204 15.47 56.60 36.34
N THR I 205 14.18 56.28 36.44
CA THR I 205 13.20 57.17 37.03
C THR I 205 12.46 56.63 38.25
N VAL I 206 12.42 55.32 38.46
CA VAL I 206 11.71 54.79 39.62
C VAL I 206 12.68 54.47 40.76
N GLU J 1 9.85 -20.53 -43.04
CA GLU J 1 9.66 -19.24 -42.38
C GLU J 1 9.35 -18.16 -43.40
N VAL J 2 8.50 -17.21 -43.03
CA VAL J 2 8.15 -16.13 -43.93
C VAL J 2 9.24 -15.05 -43.85
N GLN J 3 9.99 -14.89 -44.92
CA GLN J 3 11.12 -13.98 -45.00
C GLN J 3 10.79 -12.80 -45.90
N LEU J 4 10.74 -11.60 -45.30
CA LEU J 4 10.44 -10.36 -46.01
C LEU J 4 11.52 -9.34 -45.68
N VAL J 5 12.20 -8.82 -46.70
CA VAL J 5 13.33 -7.91 -46.52
C VAL J 5 13.05 -6.61 -47.24
N GLU J 6 12.92 -5.53 -46.48
CA GLU J 6 12.70 -4.20 -47.06
C GLU J 6 14.02 -3.50 -47.31
N SER J 7 14.05 -2.69 -48.37
CA SER J 7 15.23 -1.91 -48.72
C SER J 7 14.79 -0.67 -49.48
N GLY J 8 15.64 0.35 -49.49
CA GLY J 8 15.40 1.55 -50.27
C GLY J 8 15.14 2.79 -49.46
N GLY J 9 14.96 2.67 -48.15
CA GLY J 9 14.77 3.86 -47.34
C GLY J 9 15.99 4.74 -47.30
N GLY J 10 15.76 6.01 -47.02
CA GLY J 10 16.88 6.94 -46.91
C GLY J 10 16.38 8.34 -46.62
N LEU J 11 17.25 9.31 -46.89
CA LEU J 11 16.92 10.71 -46.74
C LEU J 11 16.56 11.24 -48.12
N VAL J 12 15.33 11.73 -48.28
CA VAL J 12 14.90 12.42 -49.48
C VAL J 12 14.40 13.80 -49.09
N GLN J 13 14.67 14.77 -49.95
CA GLN J 13 14.16 16.11 -49.73
C GLN J 13 12.67 16.16 -50.08
N PRO J 14 11.93 17.14 -49.56
CA PRO J 14 10.52 17.27 -49.92
C PRO J 14 10.36 17.47 -51.42
N GLY J 15 9.35 16.82 -51.99
CA GLY J 15 9.12 16.86 -53.41
C GLY J 15 9.84 15.79 -54.19
N GLY J 16 10.94 15.26 -53.67
CA GLY J 16 11.62 14.18 -54.35
C GLY J 16 10.84 12.89 -54.29
N SER J 17 11.35 11.90 -55.01
CA SER J 17 10.74 10.58 -55.06
C SER J 17 11.72 9.54 -54.53
N LEU J 18 11.25 8.29 -54.48
CA LEU J 18 12.03 7.19 -53.96
C LEU J 18 11.34 5.90 -54.39
N ARG J 19 12.08 4.80 -54.37
CA ARG J 19 11.53 3.49 -54.72
C ARG J 19 12.01 2.47 -53.70
N LEU J 20 11.06 1.84 -53.02
CA LEU J 20 11.33 0.82 -52.02
C LEU J 20 11.12 -0.56 -52.61
N SER J 21 11.91 -1.51 -52.13
CA SER J 21 11.81 -2.91 -52.55
C SER J 21 11.59 -3.80 -51.35
N CYS J 22 10.98 -4.96 -51.61
CA CYS J 22 10.68 -5.97 -50.60
C CYS J 22 10.98 -7.32 -51.26
N ALA J 23 12.04 -7.98 -50.80
CA ALA J 23 12.40 -9.29 -51.28
C ALA J 23 11.74 -10.34 -50.38
N ALA J 24 11.03 -11.28 -51.00
CA ALA J 24 10.24 -12.26 -50.27
C ALA J 24 10.74 -13.66 -50.57
N SER J 25 10.67 -14.53 -49.56
CA SER J 25 11.01 -15.94 -49.72
C SER J 25 10.42 -16.72 -48.55
N GLY J 26 10.34 -18.04 -48.73
CA GLY J 26 9.76 -18.92 -47.72
C GLY J 26 8.31 -19.30 -47.95
N PHE J 27 7.67 -18.77 -49.00
CA PHE J 27 6.31 -19.11 -49.34
C PHE J 27 6.13 -18.89 -50.84
N THR J 28 4.96 -19.27 -51.35
CA THR J 28 4.64 -19.07 -52.76
C THR J 28 4.16 -17.64 -52.96
N PHE J 29 5.05 -16.80 -53.49
CA PHE J 29 4.77 -15.38 -53.67
C PHE J 29 3.53 -15.15 -54.54
N SER J 30 3.21 -16.10 -55.43
CA SER J 30 2.12 -15.93 -56.37
C SER J 30 0.74 -16.16 -55.76
N SER J 31 0.67 -16.79 -54.59
CA SER J 31 -0.63 -17.13 -54.01
C SER J 31 -1.17 -16.05 -53.09
N TYR J 32 -0.41 -14.99 -52.83
CA TYR J 32 -0.80 -13.97 -51.86
C TYR J 32 -0.81 -12.60 -52.53
N TRP J 33 -1.70 -11.75 -52.04
CA TRP J 33 -1.57 -10.31 -52.24
C TRP J 33 -0.34 -9.79 -51.50
N MET J 34 -0.02 -8.52 -51.74
CA MET J 34 1.05 -7.91 -50.96
C MET J 34 0.63 -6.51 -50.54
N SER J 35 0.93 -6.16 -49.29
CA SER J 35 0.54 -4.87 -48.74
C SER J 35 1.77 -4.12 -48.23
N TRP J 36 1.72 -2.81 -48.36
CA TRP J 36 2.67 -1.89 -47.74
C TRP J 36 1.97 -1.19 -46.59
N VAL J 37 2.59 -1.22 -45.41
CA VAL J 37 2.11 -0.58 -44.19
C VAL J 37 3.25 0.28 -43.65
N ARG J 38 3.00 1.58 -43.45
CA ARG J 38 4.01 2.46 -42.87
C ARG J 38 3.66 2.82 -41.43
N GLN J 39 4.67 3.23 -40.68
CA GLN J 39 4.48 3.72 -39.32
C GLN J 39 5.36 4.95 -39.07
N ALA J 40 4.71 6.08 -38.81
CA ALA J 40 5.42 7.33 -38.53
C ALA J 40 6.17 7.21 -37.21
N PRO J 41 7.07 8.15 -36.90
CA PRO J 41 7.75 8.12 -35.60
C PRO J 41 6.81 8.05 -34.41
N GLY J 42 6.75 6.86 -33.78
CA GLY J 42 5.87 6.63 -32.65
C GLY J 42 4.42 7.02 -32.88
N LYS J 43 3.79 6.44 -33.90
CA LYS J 43 2.41 6.83 -34.18
C LYS J 43 1.54 5.70 -34.75
N GLY J 44 1.95 4.44 -34.70
CA GLY J 44 1.07 3.34 -35.02
C GLY J 44 0.90 3.10 -36.51
N LEU J 45 0.32 1.94 -36.82
CA LEU J 45 0.32 1.41 -38.18
C LEU J 45 -0.75 2.07 -39.04
N GLU J 46 -0.36 2.36 -40.29
CA GLU J 46 -1.24 2.97 -41.28
C GLU J 46 -1.05 2.23 -42.60
N TRP J 47 -2.05 1.45 -43.00
CA TRP J 47 -1.96 0.70 -44.24
C TRP J 47 -2.05 1.64 -45.44
N VAL J 48 -1.15 1.46 -46.41
CA VAL J 48 -1.00 2.43 -47.50
C VAL J 48 -1.22 1.82 -48.88
N ALA J 49 -0.89 0.53 -49.07
CA ALA J 49 -1.03 0.02 -50.43
C ALA J 49 -1.25 -1.48 -50.46
N ASN J 50 -1.88 -1.93 -51.54
CA ASN J 50 -2.34 -3.30 -51.69
C ASN J 50 -2.23 -3.67 -53.17
N ILE J 51 -1.66 -4.84 -53.46
CA ILE J 51 -1.52 -5.30 -54.84
C ILE J 51 -1.92 -6.76 -54.95
N LYS J 52 -2.59 -7.09 -56.05
CA LYS J 52 -3.15 -8.41 -56.31
C LYS J 52 -2.04 -9.40 -56.67
N GLN J 53 -2.46 -10.65 -56.92
CA GLN J 53 -1.51 -11.70 -57.30
C GLN J 53 -0.86 -11.40 -58.64
N ASP J 54 -1.67 -11.24 -59.69
CA ASP J 54 -1.16 -10.88 -61.01
C ASP J 54 -1.03 -9.36 -61.20
N ALA J 55 -1.15 -8.58 -60.13
CA ALA J 55 -1.03 -7.13 -60.17
C ALA J 55 -2.04 -6.50 -61.11
N SER J 56 -3.16 -7.17 -61.34
CA SER J 56 -4.23 -6.61 -62.17
C SER J 56 -5.17 -5.71 -61.39
N GLU J 57 -5.01 -5.63 -60.07
CA GLU J 57 -5.78 -4.72 -59.22
C GLU J 57 -4.84 -4.13 -58.19
N LYS J 58 -4.91 -2.80 -58.02
CA LYS J 58 -4.07 -2.08 -57.06
C LYS J 58 -4.93 -1.12 -56.25
N TYR J 59 -4.73 -1.10 -54.94
CA TYR J 59 -5.52 -0.28 -54.04
C TYR J 59 -4.62 0.56 -53.13
N TYR J 60 -5.09 1.75 -52.78
CA TYR J 60 -4.25 2.71 -52.08
C TYR J 60 -5.05 3.37 -50.96
N LEU J 61 -4.33 4.14 -50.14
CA LEU J 61 -4.97 5.08 -49.25
C LEU J 61 -5.24 6.37 -50.01
N ASP J 62 -6.49 6.82 -50.00
CA ASP J 62 -6.85 8.00 -50.77
C ASP J 62 -6.16 9.26 -50.28
N SER J 63 -5.74 9.30 -49.00
CA SER J 63 -4.98 10.44 -48.50
C SER J 63 -3.74 10.69 -49.35
N LEU J 64 -3.18 9.62 -49.92
CA LEU J 64 -1.95 9.75 -50.68
C LEU J 64 -2.15 10.48 -52.00
N LYS J 65 -3.38 10.57 -52.50
CA LYS J 65 -3.69 11.36 -53.70
C LYS J 65 -2.87 10.92 -54.91
N GLY J 66 -2.77 9.62 -55.12
CA GLY J 66 -2.07 9.10 -56.28
C GLY J 66 -0.58 9.32 -56.30
N ARG J 67 0.03 9.66 -55.16
CA ARG J 67 1.47 9.87 -55.09
C ARG J 67 2.25 8.57 -55.03
N PHE J 68 1.60 7.46 -54.67
CA PHE J 68 2.28 6.17 -54.51
C PHE J 68 1.81 5.21 -55.59
N THR J 69 2.73 4.37 -56.07
CA THR J 69 2.41 3.34 -57.06
C THR J 69 3.00 2.01 -56.60
N ILE J 70 2.16 1.00 -56.43
CA ILE J 70 2.61 -0.31 -56.00
C ILE J 70 2.84 -1.19 -57.22
N SER J 71 3.85 -2.06 -57.15
CA SER J 71 4.16 -2.96 -58.25
C SER J 71 4.71 -4.25 -57.68
N ARG J 72 4.77 -5.29 -58.50
CA ARG J 72 5.36 -6.54 -58.06
C ARG J 72 5.85 -7.34 -59.27
N ASP J 73 7.04 -7.91 -59.12
CA ASP J 73 7.61 -8.82 -60.11
C ASP J 73 7.67 -10.21 -59.47
N ASN J 74 6.89 -11.15 -60.01
CA ASN J 74 6.83 -12.48 -59.43
C ASN J 74 8.02 -13.33 -59.81
N ALA J 75 8.60 -13.11 -61.00
CA ALA J 75 9.77 -13.87 -61.40
C ALA J 75 10.88 -13.74 -60.35
N LYS J 76 11.04 -12.55 -59.79
CA LYS J 76 12.08 -12.28 -58.81
C LYS J 76 11.57 -12.32 -57.37
N ASN J 77 10.31 -12.73 -57.15
CA ASN J 77 9.69 -12.77 -55.81
C ASN J 77 9.86 -11.44 -55.08
N SER J 78 9.44 -10.35 -55.74
CA SER J 78 9.76 -9.02 -55.25
C SER J 78 8.54 -8.10 -55.35
N LEU J 79 8.40 -7.23 -54.34
CA LEU J 79 7.39 -6.19 -54.29
C LEU J 79 8.08 -4.83 -54.33
N TYR J 80 7.43 -3.85 -54.94
CA TYR J 80 8.04 -2.53 -55.08
C TYR J 80 6.99 -1.46 -54.77
N LEU J 81 7.47 -0.34 -54.25
CA LEU J 81 6.62 0.81 -53.98
C LEU J 81 7.33 2.07 -54.45
N GLN J 82 6.79 2.74 -55.46
CA GLN J 82 7.35 3.98 -55.97
C GLN J 82 6.62 5.13 -55.28
N MET J 83 7.34 5.89 -54.46
CA MET J 83 6.79 7.01 -53.72
C MET J 83 7.20 8.30 -54.42
N ASN J 84 6.27 8.97 -55.06
CA ASN J 84 6.58 10.21 -55.78
C ASN J 84 6.07 11.43 -55.01
N SER J 85 6.70 12.57 -55.28
CA SER J 85 6.33 13.86 -54.69
C SER J 85 6.19 13.73 -53.17
N LEU J 86 7.30 13.33 -52.54
CA LEU J 86 7.27 12.96 -51.14
C LEU J 86 7.07 14.17 -50.23
N ARG J 87 6.25 14.00 -49.21
CA ARG J 87 5.97 15.04 -48.25
C ARG J 87 6.66 14.72 -46.93
N ALA J 88 6.89 15.75 -46.12
CA ALA J 88 7.57 15.57 -44.85
C ALA J 88 6.82 14.57 -43.97
N GLU J 89 5.49 14.60 -44.00
CA GLU J 89 4.67 13.67 -43.23
C GLU J 89 4.87 12.21 -43.67
N ASP J 90 5.59 11.96 -44.76
CA ASP J 90 5.83 10.58 -45.15
C ASP J 90 6.95 9.93 -44.36
N THR J 91 7.61 10.68 -43.47
CA THR J 91 8.71 10.14 -42.68
C THR J 91 8.21 9.01 -41.79
N ALA J 92 8.72 7.80 -42.02
CA ALA J 92 8.15 6.61 -41.39
C ALA J 92 9.02 5.40 -41.68
N VAL J 93 8.86 4.38 -40.83
CA VAL J 93 9.38 3.04 -41.11
C VAL J 93 8.34 2.30 -41.95
N TYR J 94 8.74 1.88 -43.14
CA TYR J 94 7.86 1.20 -44.08
C TYR J 94 8.09 -0.31 -44.02
N TYR J 95 7.02 -1.09 -43.87
CA TYR J 95 7.04 -2.54 -43.88
C TYR J 95 6.26 -3.07 -45.08
N CYS J 96 6.70 -4.20 -45.61
CA CYS J 96 5.90 -5.01 -46.52
C CYS J 96 5.37 -6.23 -45.79
N ALA J 97 4.17 -6.65 -46.16
CA ALA J 97 3.53 -7.80 -45.53
C ALA J 97 2.81 -8.63 -46.59
N ARG J 98 2.95 -9.95 -46.46
CA ARG J 98 2.14 -10.87 -47.24
C ARG J 98 0.68 -10.67 -46.88
N ASP J 99 -0.21 -10.71 -47.87
CA ASP J 99 -1.59 -10.27 -47.68
C ASP J 99 -2.59 -11.33 -48.15
N LEU J 100 -3.55 -11.65 -47.28
CA LEU J 100 -4.77 -12.33 -47.66
C LEU J 100 -5.91 -11.72 -46.85
N GLY J 101 -5.99 -10.39 -46.90
CA GLY J 101 -6.76 -9.64 -45.93
C GLY J 101 -5.99 -9.55 -44.63
N ILE J 102 -5.73 -10.71 -44.04
CA ILE J 102 -4.79 -10.78 -42.93
C ILE J 102 -3.41 -10.41 -43.43
N LEU J 103 -2.63 -9.76 -42.58
CA LEU J 103 -1.26 -9.39 -42.91
C LEU J 103 -0.30 -10.28 -42.16
N TRP J 104 0.60 -10.92 -42.88
CA TRP J 104 1.75 -11.59 -42.29
C TRP J 104 2.97 -10.71 -42.53
N PHE J 105 3.56 -10.19 -41.46
CA PHE J 105 4.79 -9.45 -41.60
C PHE J 105 5.99 -10.40 -41.59
N GLY J 106 7.17 -9.85 -41.87
CA GLY J 106 8.36 -10.68 -41.96
C GLY J 106 8.73 -11.25 -40.60
N ASP J 107 9.09 -12.53 -40.60
CA ASP J 107 9.53 -13.20 -39.38
C ASP J 107 10.89 -12.67 -38.93
N TYR J 108 11.15 -12.81 -37.63
CA TYR J 108 12.45 -12.43 -37.10
C TYR J 108 13.51 -13.41 -37.59
N PRO J 109 14.70 -12.92 -37.95
CA PRO J 109 15.16 -11.53 -37.88
C PRO J 109 14.97 -10.75 -39.18
N TRP J 110 14.35 -11.40 -40.18
CA TRP J 110 14.26 -10.89 -41.54
C TRP J 110 13.48 -9.58 -41.65
N GLY J 111 12.19 -9.61 -41.34
CA GLY J 111 11.34 -8.44 -41.50
C GLY J 111 11.54 -7.34 -40.48
N GLN J 112 12.02 -6.17 -40.93
CA GLN J 112 12.13 -5.05 -40.00
C GLN J 112 12.01 -3.69 -40.68
N GLY J 113 11.50 -3.61 -41.91
CA GLY J 113 11.20 -2.33 -42.52
C GLY J 113 12.39 -1.53 -43.02
N THR J 114 12.10 -0.42 -43.70
CA THR J 114 13.11 0.53 -44.14
C THR J 114 12.65 1.94 -43.79
N LEU J 115 13.58 2.77 -43.34
CA LEU J 115 13.23 4.06 -42.74
C LEU J 115 13.36 5.15 -43.79
N VAL J 116 12.23 5.75 -44.16
CA VAL J 116 12.20 6.90 -45.06
C VAL J 116 12.17 8.16 -44.21
N THR J 117 13.13 9.05 -44.40
CA THR J 117 13.20 10.30 -43.65
C THR J 117 13.16 11.46 -44.64
N VAL J 118 12.03 12.15 -44.70
CA VAL J 118 11.79 13.22 -45.66
C VAL J 118 12.02 14.54 -44.96
N SER J 119 13.04 15.27 -45.37
CA SER J 119 13.36 16.54 -44.71
C SER J 119 14.15 17.42 -45.66
N SER J 120 13.96 18.73 -45.48
CA SER J 120 14.67 19.73 -46.26
C SER J 120 16.01 20.10 -45.63
N ALA J 121 16.33 19.51 -44.49
CA ALA J 121 17.58 19.79 -43.81
C ALA J 121 18.69 18.90 -44.36
N SER J 122 19.87 19.48 -44.52
CA SER J 122 21.08 18.71 -44.78
C SER J 122 21.66 18.26 -43.44
N THR J 123 22.56 17.29 -43.51
CA THR J 123 23.05 16.67 -42.27
C THR J 123 23.90 17.67 -41.50
N LYS J 124 23.52 17.90 -40.24
CA LYS J 124 24.23 18.78 -39.31
C LYS J 124 24.61 18.01 -38.06
N GLY J 125 25.84 18.21 -37.60
CA GLY J 125 26.26 17.69 -36.32
C GLY J 125 25.69 18.50 -35.18
N PRO J 126 25.59 17.91 -34.01
CA PRO J 126 24.91 18.59 -32.89
C PRO J 126 25.81 19.59 -32.18
N SER J 127 25.16 20.47 -31.44
CA SER J 127 25.81 21.33 -30.46
C SER J 127 25.46 20.80 -29.08
N VAL J 128 26.48 20.54 -28.27
CA VAL J 128 26.29 20.01 -26.92
C VAL J 128 26.42 21.15 -25.94
N PHE J 129 25.42 21.29 -25.07
CA PHE J 129 25.40 22.34 -24.07
C PHE J 129 25.28 21.71 -22.68
N PRO J 130 26.00 22.23 -21.68
CA PRO J 130 25.96 21.61 -20.36
C PRO J 130 24.71 22.03 -19.61
N LEU J 131 23.98 21.05 -19.08
CA LEU J 131 22.94 21.29 -18.08
C LEU J 131 23.61 21.14 -16.73
N ALA J 132 24.07 22.25 -16.18
CA ALA J 132 24.91 22.23 -15.00
C ALA J 132 24.07 22.08 -13.75
N PRO J 133 24.52 21.27 -12.78
CA PRO J 133 23.81 21.18 -11.51
C PRO J 133 24.09 22.39 -10.64
N SER J 134 23.09 22.76 -9.84
CA SER J 134 23.25 23.85 -8.88
C SER J 134 23.11 23.32 -7.46
N SER J 135 23.77 24.00 -6.53
CA SER J 135 23.63 23.70 -5.11
C SER J 135 22.33 24.25 -4.52
N LYS J 136 21.55 24.99 -5.31
CA LYS J 136 20.29 25.59 -4.87
C LYS J 136 19.11 24.66 -5.09
N SER J 137 19.02 24.07 -6.28
CA SER J 137 17.91 23.18 -6.64
C SER J 137 18.32 21.72 -6.47
N THR J 138 18.74 21.39 -5.25
CA THR J 138 19.20 20.05 -4.89
C THR J 138 18.11 19.27 -4.18
N SER J 139 18.01 17.98 -4.49
CA SER J 139 16.96 17.10 -3.98
C SER J 139 17.58 15.99 -3.12
N GLY J 140 17.51 16.17 -1.80
CA GLY J 140 17.85 15.15 -0.82
C GLY J 140 19.11 14.33 -1.01
N GLY J 141 20.26 14.99 -1.10
CA GLY J 141 21.54 14.31 -1.18
C GLY J 141 21.93 13.83 -2.57
N THR J 142 21.06 13.98 -3.57
CA THR J 142 21.33 13.59 -4.93
C THR J 142 21.21 14.81 -5.82
N ALA J 143 22.12 14.96 -6.77
CA ALA J 143 22.12 16.10 -7.69
C ALA J 143 22.19 15.60 -9.12
N ALA J 144 21.46 16.25 -10.01
CA ALA J 144 21.37 15.86 -11.40
C ALA J 144 22.11 16.85 -12.29
N LEU J 145 22.79 16.32 -13.32
CA LEU J 145 23.44 17.14 -14.33
C LEU J 145 23.15 16.51 -15.69
N GLY J 146 23.55 17.19 -16.76
CA GLY J 146 23.26 16.61 -18.06
C GLY J 146 23.89 17.36 -19.21
N CYS J 147 23.51 16.92 -20.41
CA CYS J 147 23.94 17.51 -21.68
C CYS J 147 22.73 17.66 -22.59
N LEU J 148 22.62 18.82 -23.24
CA LEU J 148 21.59 19.09 -24.24
C LEU J 148 22.24 19.03 -25.61
N VAL J 149 21.88 18.00 -26.39
CA VAL J 149 22.41 17.76 -27.71
C VAL J 149 21.39 18.33 -28.69
N LYS J 150 21.64 19.55 -29.18
CA LYS J 150 20.66 20.33 -29.89
C LYS J 150 21.08 20.58 -31.33
N ASP J 151 20.09 20.67 -32.22
CA ASP J 151 20.26 21.16 -33.60
C ASP J 151 21.22 20.28 -34.39
N TYR J 152 20.73 19.06 -34.67
CA TYR J 152 21.48 18.09 -35.48
C TYR J 152 20.49 17.38 -36.40
N PHE J 153 21.04 16.77 -37.45
CA PHE J 153 20.26 16.01 -38.42
C PHE J 153 21.16 15.06 -39.18
N PRO J 154 20.73 13.81 -39.42
CA PRO J 154 19.51 13.20 -38.89
C PRO J 154 19.73 12.43 -37.58
N GLU J 155 18.87 11.45 -37.34
CA GLU J 155 19.03 10.54 -36.22
C GLU J 155 20.02 9.44 -36.57
N PRO J 156 20.71 8.87 -35.58
CA PRO J 156 20.67 9.28 -34.18
C PRO J 156 22.01 9.80 -33.67
N VAL J 157 22.00 10.26 -32.43
CA VAL J 157 23.23 10.43 -31.66
C VAL J 157 23.23 9.36 -30.59
N THR J 158 24.42 9.00 -30.13
CA THR J 158 24.59 8.15 -28.98
C THR J 158 25.31 8.98 -27.91
N VAL J 159 24.85 8.88 -26.67
CA VAL J 159 25.46 9.62 -25.58
C VAL J 159 25.82 8.65 -24.46
N SER J 160 27.08 8.68 -24.05
CA SER J 160 27.55 7.94 -22.88
C SER J 160 28.12 8.92 -21.88
N TRP J 161 28.43 8.42 -20.68
CA TRP J 161 29.02 9.24 -19.64
C TRP J 161 30.34 8.63 -19.18
N ASN J 162 31.37 9.45 -19.13
CA ASN J 162 32.71 9.04 -18.71
C ASN J 162 33.16 7.83 -19.51
N SER J 163 32.95 7.89 -20.83
CA SER J 163 33.37 6.86 -21.78
C SER J 163 32.87 5.49 -21.39
N GLY J 164 31.67 5.44 -20.78
CA GLY J 164 31.02 4.21 -20.42
C GLY J 164 31.07 3.85 -18.94
N ALA J 165 31.88 4.55 -18.15
CA ALA J 165 32.06 4.19 -16.76
C ALA J 165 30.84 4.53 -15.90
N LEU J 166 30.10 5.56 -16.29
CA LEU J 166 28.95 6.04 -15.51
C LEU J 166 27.68 5.55 -16.17
N THR J 167 27.10 4.49 -15.59
CA THR J 167 25.90 3.87 -16.14
C THR J 167 24.69 3.97 -15.21
N SER J 168 24.87 3.78 -13.90
CA SER J 168 23.74 3.79 -12.98
C SER J 168 23.12 5.18 -12.93
N GLY J 169 21.83 5.26 -13.26
CA GLY J 169 21.09 6.50 -13.19
C GLY J 169 21.18 7.39 -14.39
N VAL J 170 21.50 6.86 -15.56
CA VAL J 170 21.61 7.64 -16.78
C VAL J 170 20.28 7.57 -17.52
N HIS J 171 19.77 8.72 -17.94
CA HIS J 171 18.56 8.81 -18.77
C HIS J 171 18.90 9.59 -20.02
N THR J 172 18.93 8.90 -21.15
CA THR J 172 19.07 9.54 -22.47
C THR J 172 17.68 9.57 -23.10
N PHE J 173 17.15 10.77 -23.33
CA PHE J 173 15.76 10.96 -23.74
C PHE J 173 15.60 10.82 -25.25
N PRO J 174 14.39 10.45 -25.70
CA PRO J 174 14.11 10.41 -27.13
C PRO J 174 14.22 11.80 -27.76
N ALA J 175 14.73 11.83 -28.99
CA ALA J 175 14.89 13.08 -29.70
C ALA J 175 13.55 13.62 -30.17
N VAL J 176 13.44 14.95 -30.20
CA VAL J 176 12.25 15.64 -30.68
C VAL J 176 12.63 16.44 -31.91
N LEU J 177 11.72 16.50 -32.88
CA LEU J 177 11.96 17.23 -34.12
C LEU J 177 11.52 18.68 -33.91
N GLN J 178 12.48 19.59 -33.92
CA GLN J 178 12.18 20.99 -33.69
C GLN J 178 11.54 21.62 -34.93
N SER J 179 10.98 22.81 -34.74
CA SER J 179 10.37 23.52 -35.86
C SER J 179 11.40 23.83 -36.94
N SER J 180 12.66 23.98 -36.56
CA SER J 180 13.73 24.29 -37.50
C SER J 180 14.07 23.12 -38.41
N GLY J 181 13.41 21.97 -38.26
CA GLY J 181 13.76 20.78 -38.99
C GLY J 181 14.88 19.96 -38.38
N LEU J 182 15.50 20.45 -37.30
CA LEU J 182 16.60 19.77 -36.62
C LEU J 182 16.11 19.06 -35.36
N TYR J 183 16.81 18.00 -35.00
CA TYR J 183 16.50 17.21 -33.81
C TYR J 183 17.26 17.73 -32.60
N SER J 184 16.73 17.43 -31.42
CA SER J 184 17.49 17.66 -30.20
C SER J 184 17.01 16.70 -29.12
N LEU J 185 17.96 16.16 -28.37
CA LEU J 185 17.67 15.34 -27.20
C LEU J 185 18.53 15.82 -26.03
N SER J 186 18.42 15.12 -24.91
CA SER J 186 19.20 15.45 -23.74
C SER J 186 19.49 14.18 -22.95
N SER J 187 20.67 14.14 -22.33
CA SER J 187 21.04 13.03 -21.46
C SER J 187 21.32 13.57 -20.07
N VAL J 188 20.63 13.03 -19.07
CA VAL J 188 20.74 13.46 -17.69
C VAL J 188 21.27 12.29 -16.88
N VAL J 189 21.91 12.61 -15.75
CA VAL J 189 22.38 11.60 -14.81
C VAL J 189 22.39 12.20 -13.41
N THR J 190 21.94 11.40 -12.44
CA THR J 190 21.91 11.78 -11.04
C THR J 190 23.09 11.12 -10.30
N VAL J 191 23.78 11.91 -9.48
CA VAL J 191 24.98 11.45 -8.77
C VAL J 191 24.97 12.01 -7.35
N PRO J 192 25.68 11.36 -6.43
CA PRO J 192 25.80 11.91 -5.08
C PRO J 192 26.39 13.31 -5.11
N SER J 193 25.63 14.26 -4.55
CA SER J 193 26.09 15.64 -4.51
C SER J 193 27.31 15.82 -3.62
N SER J 194 27.57 14.86 -2.72
CA SER J 194 28.77 14.92 -1.90
C SER J 194 30.03 14.86 -2.75
N SER J 195 30.01 14.07 -3.82
CA SER J 195 31.17 13.90 -4.69
C SER J 195 31.00 14.72 -5.98
N LEU J 196 30.84 16.03 -5.82
CA LEU J 196 30.79 16.94 -6.96
C LEU J 196 32.17 17.47 -7.33
N GLY J 197 32.82 18.16 -6.39
CA GLY J 197 34.13 18.72 -6.65
C GLY J 197 35.21 17.69 -6.87
N THR J 198 34.98 16.44 -6.46
CA THR J 198 35.97 15.38 -6.62
C THR J 198 35.82 14.66 -7.97
N GLN J 199 34.60 14.29 -8.33
CA GLN J 199 34.34 13.51 -9.54
C GLN J 199 34.06 14.40 -10.74
N THR J 200 34.63 14.03 -11.88
CA THR J 200 34.44 14.75 -13.14
C THR J 200 33.43 14.00 -14.02
N TYR J 201 32.54 14.75 -14.66
CA TYR J 201 31.43 14.18 -15.44
C TYR J 201 31.51 14.72 -16.86
N ILE J 202 31.97 13.87 -17.79
CA ILE J 202 32.04 14.19 -19.21
C ILE J 202 30.98 13.36 -19.94
N CYS J 203 30.25 14.00 -20.83
CA CYS J 203 29.29 13.33 -21.70
C CYS J 203 29.90 13.21 -23.10
N ASN J 204 29.83 12.00 -23.65
CA ASN J 204 30.38 11.70 -24.97
C ASN J 204 29.19 11.58 -25.92
N VAL J 205 29.09 12.53 -26.85
CA VAL J 205 28.02 12.59 -27.84
C VAL J 205 28.61 12.24 -29.19
N ASN J 206 28.15 11.14 -29.77
CA ASN J 206 28.60 10.65 -31.06
C ASN J 206 27.46 10.80 -32.04
N HIS J 207 27.64 11.66 -33.04
CA HIS J 207 26.72 11.79 -34.17
C HIS J 207 27.45 11.16 -35.35
N LYS J 208 27.19 9.87 -35.55
CA LYS J 208 27.81 9.16 -36.66
C LYS J 208 27.40 9.70 -38.03
N PRO J 209 26.16 10.15 -38.27
CA PRO J 209 25.82 10.67 -39.61
C PRO J 209 26.70 11.80 -40.08
N SER J 210 26.99 12.79 -39.25
CA SER J 210 27.82 13.92 -39.67
C SER J 210 29.31 13.67 -39.45
N ASN J 211 29.69 12.47 -39.02
CA ASN J 211 31.06 12.12 -38.62
C ASN J 211 31.56 13.10 -37.55
N THR J 212 30.91 13.00 -36.39
CA THR J 212 31.21 13.90 -35.28
C THR J 212 31.22 13.14 -33.95
N LYS J 213 32.23 13.44 -33.14
CA LYS J 213 32.29 13.07 -31.73
C LYS J 213 32.55 14.35 -30.95
N VAL J 214 31.85 14.50 -29.82
CA VAL J 214 31.98 15.67 -28.95
C VAL J 214 32.07 15.18 -27.51
N ASP J 215 33.11 15.62 -26.79
CA ASP J 215 33.21 15.38 -25.36
C ASP J 215 32.95 16.70 -24.65
N LYS J 216 31.93 16.73 -23.80
CA LYS J 216 31.56 17.94 -23.07
C LYS J 216 31.63 17.67 -21.58
N LYS J 217 32.41 18.48 -20.87
CA LYS J 217 32.56 18.34 -19.42
C LYS J 217 31.58 19.29 -18.75
N VAL J 218 30.73 18.74 -17.87
CA VAL J 218 29.72 19.50 -17.17
C VAL J 218 30.23 19.80 -15.76
N GLU J 219 30.60 21.04 -15.52
CA GLU J 219 31.07 21.57 -14.26
C GLU J 219 29.93 22.25 -13.51
N PRO J 220 29.86 22.08 -12.18
CA PRO J 220 28.85 22.83 -11.41
C PRO J 220 29.14 24.32 -11.43
N LYS J 221 28.14 25.11 -11.81
CA LYS J 221 28.32 26.56 -11.91
C LYS J 221 28.52 27.20 -10.55
N ASP K 1 -12.62 5.12 -44.26
CA ASP K 1 -13.94 4.50 -44.32
C ASP K 1 -14.30 3.87 -42.97
N ILE K 2 -14.07 2.56 -42.85
CA ILE K 2 -14.38 1.86 -41.61
C ILE K 2 -13.45 2.36 -40.51
N GLN K 3 -14.02 2.78 -39.40
CA GLN K 3 -13.25 3.31 -38.28
C GLN K 3 -13.06 2.22 -37.25
N MET K 4 -11.87 2.15 -36.66
CA MET K 4 -11.59 1.23 -35.58
C MET K 4 -11.22 2.03 -34.33
N THR K 5 -11.80 1.66 -33.19
CA THR K 5 -11.55 2.35 -31.94
C THR K 5 -11.17 1.34 -30.86
N GLN K 6 -10.01 1.55 -30.24
CA GLN K 6 -9.47 0.66 -29.22
C GLN K 6 -9.59 1.28 -27.83
N SER K 7 -9.76 0.40 -26.85
CA SER K 7 -9.93 0.80 -25.47
C SER K 7 -9.21 -0.24 -24.61
N PRO K 8 -8.41 0.19 -23.63
CA PRO K 8 -8.03 1.58 -23.33
C PRO K 8 -6.73 2.01 -24.00
N SER K 9 -6.66 3.20 -24.59
CA SER K 9 -5.45 3.76 -25.20
C SER K 9 -4.15 3.26 -24.56
N SER K 10 -4.15 3.18 -23.23
CA SER K 10 -3.03 2.65 -22.45
C SER K 10 -3.56 1.87 -21.26
N LEU K 11 -3.05 0.65 -21.07
CA LEU K 11 -3.48 -0.20 -19.97
C LEU K 11 -2.27 -0.70 -19.20
N SER K 12 -2.26 -0.50 -17.89
CA SER K 12 -1.18 -0.95 -17.01
C SER K 12 -1.63 -2.15 -16.18
N ALA K 13 -0.72 -3.12 -16.00
CA ALA K 13 -1.05 -4.39 -15.36
C ALA K 13 0.21 -5.05 -14.82
N SER K 14 0.05 -6.22 -14.20
CA SER K 14 1.14 -6.96 -13.57
C SER K 14 1.28 -8.36 -14.18
N VAL K 15 2.37 -9.03 -13.83
CA VAL K 15 2.62 -10.38 -14.34
C VAL K 15 1.64 -11.37 -13.74
N GLY K 16 1.09 -12.23 -14.59
CA GLY K 16 0.06 -13.15 -14.14
C GLY K 16 -1.33 -12.59 -14.14
N ASP K 17 -1.49 -11.28 -14.29
CA ASP K 17 -2.81 -10.69 -14.38
C ASP K 17 -3.50 -11.12 -15.68
N ARG K 18 -4.82 -11.02 -15.67
CA ARG K 18 -5.63 -11.24 -16.85
C ARG K 18 -5.91 -9.89 -17.51
N VAL K 19 -5.65 -9.80 -18.81
CA VAL K 19 -5.67 -8.53 -19.53
C VAL K 19 -6.70 -8.62 -20.65
N THR K 20 -7.52 -7.58 -20.79
CA THR K 20 -8.50 -7.51 -21.87
C THR K 20 -8.46 -6.16 -22.56
N ILE K 21 -8.39 -6.18 -23.89
CA ILE K 21 -8.44 -5.00 -24.73
C ILE K 21 -9.66 -5.11 -25.65
N THR K 22 -10.33 -3.99 -25.88
CA THR K 22 -11.55 -3.96 -26.67
C THR K 22 -11.34 -3.15 -27.94
N CYS K 23 -11.99 -3.57 -29.03
CA CYS K 23 -11.86 -2.92 -30.33
C CYS K 23 -13.24 -2.92 -30.98
N ARG K 24 -13.75 -1.73 -31.30
CA ARG K 24 -15.07 -1.58 -31.88
C ARG K 24 -14.97 -0.89 -33.24
N ALA K 25 -15.83 -1.33 -34.16
CA ALA K 25 -15.81 -0.86 -35.54
C ALA K 25 -17.02 0.00 -35.84
N SER K 26 -16.83 1.02 -36.68
CA SER K 26 -17.88 1.94 -37.06
C SER K 26 -18.94 1.29 -37.95
N GLN K 27 -18.70 0.06 -38.42
CA GLN K 27 -19.69 -0.71 -39.15
C GLN K 27 -19.46 -2.18 -38.85
N GLY K 28 -20.47 -3.00 -39.13
CA GLY K 28 -20.32 -4.42 -38.97
C GLY K 28 -19.28 -4.96 -39.94
N ILE K 29 -18.55 -6.00 -39.49
CA ILE K 29 -17.48 -6.55 -40.32
C ILE K 29 -17.45 -8.07 -40.21
N SER K 30 -18.57 -8.67 -39.83
CA SER K 30 -18.66 -10.10 -39.49
C SER K 30 -17.48 -10.43 -38.58
N ASN K 31 -16.69 -11.47 -38.87
CA ASN K 31 -15.56 -11.84 -38.01
C ASN K 31 -14.23 -11.56 -38.68
N SER K 32 -14.19 -10.63 -39.63
CA SER K 32 -12.96 -10.34 -40.38
C SER K 32 -12.14 -9.30 -39.62
N LEU K 33 -11.57 -9.76 -38.50
CA LEU K 33 -10.75 -8.91 -37.67
C LEU K 33 -9.51 -9.70 -37.25
N ALA K 34 -8.40 -8.99 -37.08
CA ALA K 34 -7.13 -9.58 -36.71
C ALA K 34 -6.48 -8.74 -35.62
N TRP K 35 -5.66 -9.41 -34.81
CA TRP K 35 -4.97 -8.81 -33.68
C TRP K 35 -3.47 -9.02 -33.84
N TYR K 36 -2.72 -7.94 -33.69
CA TYR K 36 -1.27 -7.90 -33.86
C TYR K 36 -0.59 -7.36 -32.60
N GLN K 37 0.63 -7.82 -32.36
CA GLN K 37 1.47 -7.34 -31.27
C GLN K 37 2.72 -6.71 -31.84
N GLN K 38 3.09 -5.54 -31.34
CA GLN K 38 4.31 -4.85 -31.75
C GLN K 38 5.04 -4.43 -30.49
N LYS K 39 6.27 -4.96 -30.31
CA LYS K 39 7.22 -4.56 -29.29
C LYS K 39 8.00 -3.37 -29.78
N PRO K 40 8.59 -2.57 -28.88
CA PRO K 40 9.28 -1.35 -29.30
C PRO K 40 10.39 -1.66 -30.30
N GLY K 41 10.32 -0.99 -31.45
CA GLY K 41 11.36 -1.09 -32.45
C GLY K 41 11.26 -2.24 -33.43
N LYS K 42 10.66 -3.36 -33.04
CA LYS K 42 10.54 -4.50 -33.93
C LYS K 42 9.30 -4.35 -34.81
N ALA K 43 9.07 -5.33 -35.70
CA ALA K 43 7.95 -5.35 -36.63
C ALA K 43 6.73 -6.00 -36.00
N PRO K 44 5.52 -5.56 -36.38
CA PRO K 44 4.31 -6.17 -35.83
C PRO K 44 4.21 -7.65 -36.13
N LYS K 45 3.55 -8.38 -35.23
CA LYS K 45 3.41 -9.83 -35.35
C LYS K 45 1.95 -10.18 -35.20
N LEU K 46 1.45 -11.00 -36.13
CA LEU K 46 0.03 -11.36 -36.15
C LEU K 46 -0.27 -12.37 -35.04
N LEU K 47 -1.13 -12.00 -34.11
CA LEU K 47 -1.53 -12.85 -33.00
C LEU K 47 -2.78 -13.69 -33.30
N LEU K 48 -3.84 -13.04 -33.80
CA LEU K 48 -5.12 -13.72 -34.02
C LEU K 48 -5.75 -13.23 -35.31
N TYR K 49 -6.53 -14.09 -35.95
CA TYR K 49 -7.34 -13.68 -37.08
C TYR K 49 -8.70 -14.36 -36.99
N ALA K 50 -9.65 -13.88 -37.78
CA ALA K 50 -11.02 -14.39 -37.77
C ALA K 50 -11.61 -14.33 -36.35
N ALA K 51 -11.28 -13.26 -35.63
CA ALA K 51 -11.78 -12.99 -34.28
C ALA K 51 -11.38 -14.03 -33.24
N SER K 52 -11.17 -15.28 -33.65
CA SER K 52 -11.05 -16.38 -32.69
C SER K 52 -9.85 -17.29 -32.94
N THR K 53 -9.26 -17.29 -34.12
CA THR K 53 -8.27 -18.28 -34.49
C THR K 53 -6.86 -17.82 -34.10
N LEU K 54 -6.15 -18.67 -33.37
CA LEU K 54 -4.76 -18.39 -33.01
C LEU K 54 -3.86 -18.71 -34.19
N GLU K 55 -3.05 -17.74 -34.58
CA GLU K 55 -2.03 -18.02 -35.57
C GLU K 55 -1.01 -18.99 -34.98
N SER K 56 -0.57 -19.95 -35.79
CA SER K 56 0.32 -20.98 -35.28
C SER K 56 1.64 -20.39 -34.81
N GLY K 57 2.18 -20.94 -33.73
CA GLY K 57 3.34 -20.41 -33.06
C GLY K 57 3.04 -19.45 -31.93
N VAL K 58 1.81 -18.93 -31.87
CA VAL K 58 1.42 -17.95 -30.85
C VAL K 58 1.13 -18.70 -29.55
N PRO K 59 1.61 -18.19 -28.41
CA PRO K 59 1.29 -18.82 -27.12
C PRO K 59 -0.21 -18.84 -26.88
N SER K 60 -0.71 -19.97 -26.38
CA SER K 60 -2.15 -20.16 -26.23
C SER K 60 -2.79 -19.24 -25.20
N ARG K 61 -1.99 -18.54 -24.39
CA ARG K 61 -2.55 -17.57 -23.46
C ARG K 61 -3.25 -16.43 -24.19
N PHE K 62 -3.03 -16.26 -25.48
CA PHE K 62 -3.74 -15.26 -26.27
C PHE K 62 -5.03 -15.84 -26.81
N SER K 63 -6.11 -15.05 -26.73
CA SER K 63 -7.42 -15.51 -27.17
C SER K 63 -8.22 -14.32 -27.67
N GLY K 64 -9.18 -14.61 -28.54
CA GLY K 64 -10.01 -13.56 -29.10
C GLY K 64 -11.47 -13.94 -29.21
N SER K 65 -12.35 -12.99 -28.94
CA SER K 65 -13.79 -13.19 -29.09
C SER K 65 -14.38 -11.96 -29.78
N GLY K 66 -15.58 -12.12 -30.31
CA GLY K 66 -16.30 -10.99 -30.88
C GLY K 66 -16.84 -11.28 -32.27
N SER K 67 -17.63 -10.34 -32.74
CA SER K 67 -18.27 -10.40 -34.05
C SER K 67 -18.99 -9.06 -34.27
N GLY K 68 -19.56 -8.90 -35.46
CA GLY K 68 -20.31 -7.71 -35.76
C GLY K 68 -19.46 -6.46 -35.70
N THR K 69 -19.65 -5.66 -34.64
CA THR K 69 -18.88 -4.45 -34.41
C THR K 69 -17.98 -4.52 -33.19
N ASP K 70 -18.04 -5.58 -32.40
CA ASP K 70 -17.39 -5.61 -31.09
C ASP K 70 -16.42 -6.79 -30.99
N PHE K 71 -15.19 -6.51 -30.54
CA PHE K 71 -14.16 -7.53 -30.46
C PHE K 71 -13.32 -7.35 -29.19
N THR K 72 -12.86 -8.47 -28.65
CA THR K 72 -12.13 -8.54 -27.41
C THR K 72 -10.89 -9.42 -27.57
N LEU K 73 -9.74 -8.88 -27.19
CA LEU K 73 -8.51 -9.66 -27.08
C LEU K 73 -8.18 -9.87 -25.60
N THR K 74 -7.87 -11.10 -25.23
CA THR K 74 -7.66 -11.44 -23.83
C THR K 74 -6.40 -12.28 -23.68
N ILE K 75 -5.53 -11.85 -22.76
CA ILE K 75 -4.36 -12.62 -22.35
C ILE K 75 -4.67 -13.17 -20.96
N SER K 76 -4.60 -14.49 -20.82
CA SER K 76 -5.11 -15.15 -19.61
C SER K 76 -4.23 -14.88 -18.40
N SER K 77 -2.94 -15.22 -18.50
CA SER K 77 -1.96 -14.96 -17.44
C SER K 77 -0.78 -14.21 -18.06
N LEU K 78 -0.71 -12.91 -17.78
CA LEU K 78 0.31 -12.06 -18.38
C LEU K 78 1.70 -12.50 -17.98
N GLN K 79 2.60 -12.57 -18.97
CA GLN K 79 3.99 -12.91 -18.76
C GLN K 79 4.88 -11.73 -19.13
N PRO K 80 6.13 -11.70 -18.65
CA PRO K 80 6.94 -10.49 -18.86
C PRO K 80 7.17 -10.13 -20.31
N GLU K 81 7.20 -11.12 -21.20
CA GLU K 81 7.41 -10.86 -22.62
C GLU K 81 6.17 -10.34 -23.31
N ASP K 82 5.02 -10.26 -22.62
CA ASP K 82 3.77 -9.84 -23.21
C ASP K 82 3.52 -8.34 -23.11
N PHE K 83 4.35 -7.59 -22.40
CA PHE K 83 4.21 -6.14 -22.33
C PHE K 83 4.65 -5.53 -23.66
N ALA K 84 3.72 -4.93 -24.37
CA ALA K 84 3.98 -4.39 -25.71
C ALA K 84 2.78 -3.54 -26.10
N THR K 85 2.77 -3.04 -27.34
CA THR K 85 1.60 -2.38 -27.89
C THR K 85 0.83 -3.36 -28.77
N TYR K 86 -0.49 -3.28 -28.73
CA TYR K 86 -1.36 -4.18 -29.48
C TYR K 86 -2.26 -3.40 -30.42
N TYR K 87 -2.43 -3.91 -31.64
CA TYR K 87 -3.26 -3.28 -32.66
C TYR K 87 -4.30 -4.25 -33.18
N CYS K 88 -5.46 -3.72 -33.58
CA CYS K 88 -6.51 -4.50 -34.25
C CYS K 88 -6.70 -3.95 -35.65
N GLN K 89 -6.95 -4.85 -36.59
CA GLN K 89 -7.25 -4.46 -37.96
C GLN K 89 -8.46 -5.22 -38.45
N GLN K 90 -9.05 -4.71 -39.52
CA GLN K 90 -10.16 -5.35 -40.20
C GLN K 90 -9.71 -5.74 -41.60
N PHE K 91 -10.14 -6.92 -42.04
CA PHE K 91 -9.92 -7.27 -43.44
C PHE K 91 -11.28 -7.52 -44.08
N TYR K 92 -12.16 -6.53 -43.94
CA TYR K 92 -13.49 -6.55 -44.53
C TYR K 92 -13.60 -5.70 -45.78
N SER K 93 -12.84 -4.59 -45.86
CA SER K 93 -12.88 -3.69 -47.01
C SER K 93 -11.59 -2.87 -47.05
N THR K 94 -11.48 -2.03 -48.08
CA THR K 94 -10.40 -1.06 -48.24
C THR K 94 -10.96 0.36 -48.16
N PRO K 95 -10.18 1.33 -47.64
CA PRO K 95 -8.82 1.15 -47.12
C PRO K 95 -8.78 0.32 -45.85
N ARG K 96 -7.77 -0.56 -45.76
CA ARG K 96 -7.59 -1.37 -44.58
C ARG K 96 -7.13 -0.49 -43.42
N THR K 97 -7.76 -0.68 -42.26
CA THR K 97 -7.62 0.26 -41.15
C THR K 97 -7.27 -0.47 -39.87
N PHE K 98 -6.35 0.15 -39.11
CA PHE K 98 -5.87 -0.36 -37.82
C PHE K 98 -6.50 0.40 -36.66
N GLY K 99 -6.48 -0.22 -35.49
CA GLY K 99 -6.81 0.49 -34.27
C GLY K 99 -5.67 1.41 -33.83
N GLN K 100 -5.98 2.37 -32.95
CA GLN K 100 -4.93 3.30 -32.54
C GLN K 100 -3.89 2.64 -31.65
N GLY K 101 -4.16 1.45 -31.13
CA GLY K 101 -3.25 0.67 -30.32
C GLY K 101 -3.50 0.87 -28.84
N THR K 102 -3.21 -0.18 -28.07
CA THR K 102 -3.29 -0.10 -26.61
C THR K 102 -1.97 -0.60 -26.06
N LYS K 103 -1.29 0.25 -25.30
CA LYS K 103 0.01 -0.09 -24.71
C LYS K 103 -0.22 -0.80 -23.39
N VAL K 104 0.39 -1.98 -23.24
CA VAL K 104 0.33 -2.72 -21.98
C VAL K 104 1.58 -2.40 -21.18
N GLU K 105 1.38 -1.82 -20.01
CA GLU K 105 2.45 -1.33 -19.16
C GLU K 105 2.61 -2.28 -17.98
N ILE K 106 3.65 -2.03 -17.19
CA ILE K 106 3.88 -2.76 -15.95
C ILE K 106 3.28 -1.94 -14.81
N LYS K 107 2.52 -2.60 -13.94
CA LYS K 107 1.87 -1.92 -12.82
C LYS K 107 2.86 -1.78 -11.68
N ARG K 108 3.02 -0.56 -11.18
CA ARG K 108 3.84 -0.32 -10.00
C ARG K 108 3.11 0.64 -9.06
N THR K 109 3.63 0.76 -7.84
CA THR K 109 3.06 1.70 -6.88
C THR K 109 3.39 3.12 -7.30
N VAL K 110 2.53 4.06 -6.90
CA VAL K 110 2.71 5.45 -7.31
C VAL K 110 4.05 5.97 -6.81
N ALA K 111 4.67 6.85 -7.60
CA ALA K 111 5.95 7.43 -7.25
C ALA K 111 6.01 8.87 -7.73
N ALA K 112 6.38 9.76 -6.85
CA ALA K 112 6.44 11.16 -7.25
C ALA K 112 7.72 11.45 -8.02
N PRO K 113 7.68 12.36 -8.97
CA PRO K 113 8.89 12.71 -9.73
C PRO K 113 9.81 13.63 -8.95
N SER K 114 11.11 13.42 -9.18
CA SER K 114 12.13 14.35 -8.70
C SER K 114 12.25 15.49 -9.71
N VAL K 115 12.07 16.74 -9.27
CA VAL K 115 11.98 17.88 -10.18
C VAL K 115 13.29 18.65 -10.16
N PHE K 116 13.79 18.99 -11.36
CA PHE K 116 14.97 19.83 -11.50
C PHE K 116 14.77 20.85 -12.62
N ILE K 117 15.44 21.99 -12.49
CA ILE K 117 15.43 23.00 -13.53
C ILE K 117 16.86 23.39 -13.88
N PHE K 118 17.11 23.62 -15.16
CA PHE K 118 18.44 23.94 -15.69
C PHE K 118 18.34 25.20 -16.53
N PRO K 119 19.10 26.24 -16.22
CA PRO K 119 19.12 27.43 -17.05
C PRO K 119 19.93 27.18 -18.31
N PRO K 120 19.78 28.03 -19.33
CA PRO K 120 20.64 27.93 -20.50
C PRO K 120 22.08 28.24 -20.13
N SER K 121 23.01 27.49 -20.71
CA SER K 121 24.41 27.76 -20.50
C SER K 121 24.78 29.11 -21.09
N ASP K 122 25.88 29.67 -20.61
CA ASP K 122 26.38 30.93 -21.18
C ASP K 122 26.80 30.74 -22.63
N GLU K 123 27.27 29.54 -22.99
CA GLU K 123 27.66 29.27 -24.37
C GLU K 123 26.46 29.24 -25.30
N GLN K 124 25.35 28.65 -24.87
CA GLN K 124 24.16 28.65 -25.70
C GLN K 124 23.57 30.04 -25.83
N LEU K 125 23.60 30.84 -24.75
CA LEU K 125 23.18 32.23 -24.85
C LEU K 125 24.06 33.00 -25.81
N LYS K 126 25.37 32.73 -25.79
CA LYS K 126 26.28 33.27 -26.78
C LYS K 126 25.85 32.89 -28.20
N SER K 127 25.38 31.65 -28.39
CA SER K 127 24.96 31.19 -29.70
C SER K 127 23.71 31.95 -30.20
N GLY K 128 22.91 32.52 -29.31
CA GLY K 128 21.76 33.30 -29.70
C GLY K 128 20.42 32.70 -29.35
N THR K 129 20.37 31.50 -28.79
CA THR K 129 19.13 30.88 -28.35
C THR K 129 19.29 30.45 -26.90
N ALA K 130 18.16 30.36 -26.20
CA ALA K 130 18.15 29.94 -24.80
C ALA K 130 17.20 28.76 -24.67
N SER K 131 17.72 27.64 -24.15
CA SER K 131 16.91 26.46 -23.87
C SER K 131 16.91 26.22 -22.36
N VAL K 132 15.77 26.46 -21.73
CA VAL K 132 15.59 26.15 -20.31
C VAL K 132 15.03 24.75 -20.22
N VAL K 133 15.57 23.95 -19.30
CA VAL K 133 15.18 22.55 -19.22
C VAL K 133 14.53 22.28 -17.88
N CYS K 134 13.51 21.43 -17.88
CA CYS K 134 12.87 20.95 -16.66
C CYS K 134 12.78 19.44 -16.75
N LEU K 135 13.23 18.77 -15.68
CA LEU K 135 13.38 17.33 -15.65
C LEU K 135 12.52 16.76 -14.54
N LEU K 136 11.71 15.75 -14.89
CA LEU K 136 10.94 14.96 -13.94
C LEU K 136 11.55 13.55 -13.92
N ASN K 137 12.19 13.20 -12.81
CA ASN K 137 13.00 11.99 -12.74
C ASN K 137 12.26 10.89 -11.99
N ASN K 138 12.23 9.69 -12.59
CA ASN K 138 11.77 8.44 -11.98
C ASN K 138 10.40 8.54 -11.29
N PHE K 139 9.32 8.53 -12.06
CA PHE K 139 7.98 8.59 -11.51
C PHE K 139 7.11 7.47 -12.09
N TYR K 140 5.87 7.41 -11.59
CA TYR K 140 4.82 6.51 -12.06
C TYR K 140 3.51 7.06 -11.52
N PRO K 141 2.43 7.06 -12.31
CA PRO K 141 2.35 6.57 -13.69
C PRO K 141 2.92 7.53 -14.72
N ARG K 142 2.78 7.18 -16.00
CA ARG K 142 3.32 8.02 -17.07
C ARG K 142 2.64 9.39 -17.12
N GLU K 143 1.36 9.46 -16.75
CA GLU K 143 0.57 10.66 -16.97
C GLU K 143 1.00 11.75 -16.00
N ALA K 144 1.52 12.85 -16.54
CA ALA K 144 1.91 14.02 -15.76
C ALA K 144 1.57 15.28 -16.55
N LYS K 145 1.78 16.44 -15.93
CA LYS K 145 1.51 17.72 -16.56
C LYS K 145 2.62 18.70 -16.20
N VAL K 146 3.13 19.40 -17.20
CA VAL K 146 4.19 20.38 -17.03
C VAL K 146 3.69 21.74 -17.52
N GLN K 147 3.96 22.77 -16.74
CA GLN K 147 3.61 24.13 -17.08
C GLN K 147 4.81 25.02 -16.87
N TRP K 148 4.98 26.01 -17.75
CA TRP K 148 6.08 26.96 -17.67
C TRP K 148 5.56 28.32 -17.26
N LYS K 149 6.23 28.95 -16.30
CA LYS K 149 5.86 30.28 -15.82
C LYS K 149 7.07 31.20 -15.87
N VAL K 150 7.00 32.23 -16.70
CA VAL K 150 8.06 33.22 -16.83
C VAL K 150 7.55 34.48 -16.13
N ASP K 151 8.02 34.72 -14.91
CA ASP K 151 7.51 35.79 -14.05
C ASP K 151 6.00 35.63 -13.81
N ASN K 152 5.60 34.40 -13.47
CA ASN K 152 4.20 34.04 -13.26
C ASN K 152 3.34 34.34 -14.49
N ALA K 153 3.86 34.01 -15.67
CA ALA K 153 3.13 34.09 -16.93
C ALA K 153 3.07 32.70 -17.55
N LEU K 154 1.86 32.14 -17.61
CA LEU K 154 1.67 30.79 -18.13
C LEU K 154 2.03 30.74 -19.61
N GLN K 155 2.90 29.79 -19.98
CA GLN K 155 3.37 29.67 -21.35
C GLN K 155 2.57 28.63 -22.14
N SER K 156 2.67 28.74 -23.46
CA SER K 156 2.03 27.81 -24.39
C SER K 156 2.61 27.99 -25.80
N GLY K 157 2.99 26.88 -26.44
CA GLY K 157 3.49 26.90 -27.80
C GLY K 157 4.99 26.92 -27.97
N ASN K 158 5.75 27.14 -26.90
CA ASN K 158 7.21 27.23 -26.99
C ASN K 158 7.90 26.16 -26.15
N SER K 159 7.21 25.06 -25.85
CA SER K 159 7.76 23.96 -25.07
C SER K 159 7.59 22.64 -25.81
N GLN K 160 8.58 21.76 -25.68
CA GLN K 160 8.52 20.43 -26.26
C GLN K 160 8.99 19.42 -25.23
N GLU K 161 8.30 18.29 -25.12
CA GLU K 161 8.64 17.30 -24.11
C GLU K 161 8.84 15.93 -24.75
N SER K 162 9.69 15.12 -24.12
CA SER K 162 9.83 13.72 -24.49
C SER K 162 9.98 12.88 -23.22
N VAL K 163 9.46 11.66 -23.30
CA VAL K 163 9.44 10.76 -22.16
C VAL K 163 10.17 9.48 -22.53
N THR K 164 10.74 8.83 -21.53
CA THR K 164 11.43 7.58 -21.74
C THR K 164 10.43 6.44 -21.77
N GLU K 165 10.95 5.24 -22.03
CA GLU K 165 10.16 4.03 -21.86
C GLU K 165 10.28 3.58 -20.40
N GLN K 166 9.35 2.72 -20.00
CA GLN K 166 9.36 2.22 -18.64
C GLN K 166 10.66 1.47 -18.38
N ASP K 167 11.27 1.74 -17.23
CA ASP K 167 12.61 1.23 -16.94
C ASP K 167 12.62 -0.28 -16.74
N SER K 168 13.74 -0.89 -17.13
CA SER K 168 13.88 -2.34 -17.09
C SER K 168 13.91 -2.90 -15.68
N LYS K 169 14.21 -2.09 -14.68
CA LYS K 169 14.44 -2.60 -13.33
C LYS K 169 13.49 -2.05 -12.29
N ASP K 170 13.10 -0.78 -12.35
CA ASP K 170 12.18 -0.23 -11.37
C ASP K 170 10.89 0.32 -11.97
N SER K 171 10.68 0.19 -13.29
CA SER K 171 9.39 0.43 -13.92
C SER K 171 8.90 1.87 -13.75
N THR K 172 9.81 2.83 -13.71
CA THR K 172 9.43 4.24 -13.62
C THR K 172 9.70 4.93 -14.95
N TYR K 173 9.19 6.15 -15.05
CA TYR K 173 9.40 7.00 -16.20
C TYR K 173 10.16 8.25 -15.79
N SER K 174 10.82 8.86 -16.78
CA SER K 174 11.45 10.17 -16.60
C SER K 174 11.18 10.99 -17.84
N LEU K 175 10.86 12.27 -17.64
CA LEU K 175 10.37 13.12 -18.69
C LEU K 175 11.21 14.39 -18.73
N SER K 176 11.46 14.88 -19.94
CA SER K 176 12.23 16.09 -20.15
C SER K 176 11.36 17.08 -20.91
N SER K 177 11.29 18.31 -20.42
CA SER K 177 10.57 19.39 -21.08
C SER K 177 11.56 20.51 -21.34
N THR K 178 11.61 20.98 -22.59
CA THR K 178 12.54 22.01 -23.02
C THR K 178 11.75 23.21 -23.53
N LEU K 179 12.07 24.37 -22.96
CA LEU K 179 11.47 25.64 -23.33
C LEU K 179 12.50 26.40 -24.16
N THR K 180 12.13 26.79 -25.37
CA THR K 180 13.03 27.44 -26.32
C THR K 180 12.63 28.90 -26.50
N LEU K 181 13.57 29.81 -26.29
CA LEU K 181 13.34 31.24 -26.46
C LEU K 181 14.54 31.88 -27.16
N SER K 182 14.31 33.06 -27.73
CA SER K 182 15.42 33.83 -28.24
C SER K 182 16.22 34.40 -27.06
N LYS K 183 17.49 34.72 -27.32
CA LYS K 183 18.29 35.35 -26.28
C LYS K 183 17.64 36.63 -25.77
N ALA K 184 16.94 37.35 -26.65
CA ALA K 184 16.25 38.56 -26.27
C ALA K 184 15.15 38.27 -25.25
N ASP K 185 14.18 37.43 -25.63
CA ASP K 185 13.08 37.13 -24.72
C ASP K 185 13.58 36.52 -23.41
N TYR K 186 14.71 35.82 -23.44
CA TYR K 186 15.27 35.28 -22.22
C TYR K 186 15.80 36.39 -21.33
N GLU K 187 16.55 37.33 -21.91
CA GLU K 187 17.11 38.42 -21.14
C GLU K 187 16.08 39.49 -20.77
N LYS K 188 14.81 39.31 -21.15
CA LYS K 188 13.76 40.24 -20.78
C LYS K 188 13.12 39.92 -19.44
N HIS K 189 13.45 38.78 -18.83
CA HIS K 189 12.76 38.34 -17.63
C HIS K 189 13.76 37.77 -16.64
N LYS K 190 13.29 37.57 -15.40
CA LYS K 190 14.15 37.14 -14.31
C LYS K 190 13.77 35.76 -13.78
N VAL K 191 12.52 35.56 -13.35
CA VAL K 191 12.12 34.36 -12.66
C VAL K 191 11.58 33.34 -13.65
N TYR K 192 12.25 32.19 -13.74
CA TYR K 192 11.83 31.07 -14.58
C TYR K 192 11.40 29.92 -13.69
N ALA K 193 10.14 29.48 -13.84
CA ALA K 193 9.56 28.48 -12.96
C ALA K 193 8.94 27.36 -13.78
N CYS K 194 9.04 26.14 -13.24
CA CYS K 194 8.47 24.94 -13.84
C CYS K 194 7.52 24.29 -12.84
N GLU K 195 6.25 24.16 -13.23
CA GLU K 195 5.16 23.66 -12.40
C GLU K 195 4.79 22.24 -12.84
N VAL K 196 4.85 21.30 -11.90
CA VAL K 196 4.64 19.88 -12.17
C VAL K 196 3.39 19.42 -11.43
N THR K 197 2.41 18.90 -12.18
CA THR K 197 1.21 18.29 -11.62
C THR K 197 1.27 16.79 -11.89
N HIS K 198 1.32 15.99 -10.82
CA HIS K 198 1.41 14.55 -10.96
C HIS K 198 0.58 13.87 -9.88
N GLN K 199 0.16 12.64 -10.17
CA GLN K 199 -0.66 11.87 -9.23
C GLN K 199 0.06 11.70 -7.89
N GLY K 200 1.34 11.37 -7.93
CA GLY K 200 2.11 11.19 -6.71
C GLY K 200 2.48 12.46 -5.99
N LEU K 201 1.88 13.59 -6.40
CA LEU K 201 2.03 14.86 -5.72
C LEU K 201 0.68 15.31 -5.19
N SER K 202 0.64 15.70 -3.92
CA SER K 202 -0.58 16.26 -3.35
C SER K 202 -0.92 17.61 -3.97
N SER K 203 0.10 18.39 -4.30
CA SER K 203 -0.04 19.72 -4.86
C SER K 203 1.03 19.95 -5.89
N PRO K 204 0.82 20.85 -6.85
CA PRO K 204 1.81 21.11 -7.90
C PRO K 204 3.13 21.61 -7.33
N VAL K 205 4.23 20.97 -7.75
CA VAL K 205 5.56 21.36 -7.30
C VAL K 205 6.17 22.33 -8.30
N THR K 206 6.62 23.47 -7.83
CA THR K 206 7.26 24.47 -8.68
C THR K 206 8.73 24.59 -8.32
N LYS K 207 9.60 24.51 -9.33
CA LYS K 207 11.02 24.77 -9.17
C LYS K 207 11.40 25.96 -10.04
N SER K 208 12.04 26.95 -9.44
CA SER K 208 12.30 28.21 -10.12
C SER K 208 13.73 28.68 -9.86
N PHE K 209 14.18 29.58 -10.73
CA PHE K 209 15.46 30.27 -10.55
C PHE K 209 15.32 31.68 -11.11
N ASN K 210 16.34 32.49 -10.89
CA ASN K 210 16.39 33.87 -11.38
C ASN K 210 17.53 34.04 -12.37
N ARG K 211 17.33 34.92 -13.34
CA ARG K 211 18.26 35.04 -14.46
C ARG K 211 19.64 35.45 -13.98
N GLY K 212 20.65 34.65 -14.31
CA GLY K 212 22.02 34.89 -13.92
C GLY K 212 22.28 34.81 -12.44
N GLU K 213 21.25 34.54 -11.63
CA GLU K 213 21.41 34.47 -10.18
C GLU K 213 22.06 33.17 -9.74
N CYS K 214 21.88 32.10 -10.51
CA CYS K 214 22.19 30.74 -10.11
C CYS K 214 21.31 30.36 -8.91
N CYS L 18 -0.66 -56.88 -35.84
CA CYS L 18 -1.17 -55.66 -36.45
C CYS L 18 -0.09 -54.94 -37.26
N PRO L 19 -0.49 -54.30 -38.36
CA PRO L 19 0.49 -53.60 -39.24
C PRO L 19 0.67 -52.13 -38.85
N PHE L 20 1.32 -51.91 -37.70
CA PHE L 20 1.65 -50.55 -37.30
C PHE L 20 2.77 -49.96 -38.16
N GLY L 21 3.59 -50.81 -38.77
CA GLY L 21 4.62 -50.35 -39.70
C GLY L 21 4.09 -49.79 -41.00
N GLU L 22 2.81 -50.02 -41.31
CA GLU L 22 2.22 -49.44 -42.51
C GLU L 22 1.86 -47.97 -42.34
N VAL L 23 1.65 -47.51 -41.12
CA VAL L 23 1.32 -46.11 -40.88
C VAL L 23 2.57 -45.30 -40.54
N PHE L 24 3.38 -45.78 -39.59
CA PHE L 24 4.51 -45.01 -39.11
C PHE L 24 5.68 -45.07 -40.07
N ASN L 25 6.09 -46.27 -40.48
CA ASN L 25 7.18 -46.40 -41.45
C ASN L 25 6.64 -46.21 -42.86
N ALA L 26 5.54 -45.47 -42.99
CA ALA L 26 4.94 -45.25 -44.29
C ALA L 26 5.78 -44.28 -45.12
N THR L 27 5.54 -44.30 -46.43
CA THR L 27 6.34 -43.49 -47.35
C THR L 27 5.83 -42.06 -47.43
N ARG L 28 4.57 -41.89 -47.80
CA ARG L 28 3.99 -40.56 -47.97
C ARG L 28 2.86 -40.36 -46.98
N PHE L 29 2.82 -39.17 -46.38
CA PHE L 29 1.72 -38.75 -45.52
C PHE L 29 0.88 -37.70 -46.22
N ALA L 30 -0.37 -37.59 -45.80
CA ALA L 30 -1.29 -36.60 -46.35
C ALA L 30 -1.18 -35.29 -45.58
N SER L 31 -1.53 -34.19 -46.25
CA SER L 31 -1.58 -32.93 -45.55
C SER L 31 -2.76 -32.91 -44.57
N VAL L 32 -2.69 -32.00 -43.61
CA VAL L 32 -3.59 -32.08 -42.46
C VAL L 32 -5.04 -31.81 -42.86
N TYR L 33 -5.28 -30.95 -43.85
CA TYR L 33 -6.66 -30.64 -44.22
C TYR L 33 -7.37 -31.88 -44.71
N ALA L 34 -6.65 -32.79 -45.35
CA ALA L 34 -7.19 -34.08 -45.75
C ALA L 34 -6.46 -35.20 -45.04
N TRP L 35 -6.47 -35.17 -43.70
CA TRP L 35 -5.76 -36.16 -42.91
C TRP L 35 -6.29 -37.56 -43.19
N ASN L 36 -5.40 -38.54 -43.13
CA ASN L 36 -5.67 -39.89 -43.61
C ASN L 36 -6.03 -40.80 -42.45
N ARG L 37 -7.26 -41.32 -42.45
CA ARG L 37 -7.71 -42.25 -41.42
C ARG L 37 -7.56 -43.69 -41.94
N LYS L 38 -7.02 -44.56 -41.09
CA LYS L 38 -6.85 -45.97 -41.42
C LYS L 38 -7.46 -46.82 -40.31
N ARG L 39 -8.25 -47.83 -40.71
CA ARG L 39 -8.92 -48.71 -39.76
C ARG L 39 -8.06 -49.91 -39.41
N ILE L 40 -8.10 -50.32 -38.14
CA ILE L 40 -7.37 -51.47 -37.64
C ILE L 40 -8.31 -52.31 -36.80
N SER L 41 -8.42 -53.59 -37.17
CA SER L 41 -9.29 -54.53 -36.50
C SER L 41 -8.81 -55.96 -36.78
N ASN L 42 -9.11 -56.87 -35.86
CA ASN L 42 -8.83 -58.29 -35.99
C ASN L 42 -7.32 -58.58 -36.02
N CYS L 43 -6.63 -58.14 -34.96
CA CYS L 43 -5.21 -58.44 -34.79
C CYS L 43 -4.79 -58.08 -33.38
N VAL L 44 -3.59 -58.54 -33.00
CA VAL L 44 -3.01 -58.30 -31.68
C VAL L 44 -1.96 -57.21 -31.80
N ALA L 45 -2.00 -56.23 -30.90
CA ALA L 45 -1.16 -55.06 -30.95
C ALA L 45 -0.26 -54.98 -29.71
N ASP L 46 1.02 -54.73 -29.93
CA ASP L 46 2.00 -54.54 -28.85
C ASP L 46 2.43 -53.07 -28.84
N TYR L 47 1.85 -52.29 -27.92
CA TYR L 47 2.17 -50.88 -27.82
C TYR L 47 3.54 -50.62 -27.20
N SER L 48 3.97 -51.48 -26.25
CA SER L 48 5.19 -51.22 -25.51
C SER L 48 6.44 -51.21 -26.39
N VAL L 49 6.35 -51.71 -27.61
CA VAL L 49 7.47 -51.64 -28.55
C VAL L 49 7.79 -50.19 -28.89
N LEU L 50 6.78 -49.33 -28.92
CA LEU L 50 6.92 -47.95 -29.41
C LEU L 50 7.24 -46.95 -28.31
N TYR L 51 6.54 -47.00 -27.19
CA TYR L 51 6.72 -46.00 -26.14
C TYR L 51 8.13 -46.06 -25.55
N ASN L 52 8.67 -47.28 -25.37
CA ASN L 52 10.04 -47.44 -24.92
C ASN L 52 11.04 -47.42 -26.06
N SER L 53 10.60 -47.17 -27.30
CA SER L 53 11.50 -47.11 -28.44
C SER L 53 12.34 -45.83 -28.44
N ALA L 54 11.86 -44.76 -27.79
CA ALA L 54 12.54 -43.46 -27.74
C ALA L 54 12.83 -42.89 -29.12
N SER L 55 12.08 -43.29 -30.14
CA SER L 55 12.29 -42.85 -31.51
C SER L 55 11.39 -41.71 -31.91
N PHE L 56 10.58 -41.18 -30.99
CA PHE L 56 9.66 -40.10 -31.25
C PHE L 56 9.98 -38.91 -30.35
N SER L 57 9.44 -37.76 -30.71
CA SER L 57 9.58 -36.56 -29.89
C SER L 57 8.33 -36.24 -29.08
N THR L 58 7.15 -36.62 -29.56
CA THR L 58 5.91 -36.47 -28.81
C THR L 58 5.19 -37.81 -28.74
N PHE L 59 4.88 -38.26 -27.52
CA PHE L 59 4.12 -39.50 -27.33
C PHE L 59 3.29 -39.30 -26.06
N LYS L 60 2.07 -38.80 -26.23
CA LYS L 60 1.20 -38.47 -25.11
C LYS L 60 -0.11 -39.23 -25.23
N CYS L 61 -0.53 -39.87 -24.14
CA CYS L 61 -1.76 -40.64 -24.14
C CYS L 61 -2.74 -40.07 -23.13
N TYR L 62 -4.01 -39.98 -23.53
CA TYR L 62 -5.06 -39.33 -22.78
C TYR L 62 -6.17 -40.34 -22.49
N GLY L 63 -6.60 -40.38 -21.23
CA GLY L 63 -7.62 -41.32 -20.81
C GLY L 63 -7.02 -42.61 -20.27
N VAL L 64 -6.52 -43.44 -21.17
CA VAL L 64 -5.83 -44.66 -20.75
C VAL L 64 -4.38 -44.35 -20.40
N SER L 65 -3.78 -45.20 -19.57
CA SER L 65 -2.39 -45.00 -19.17
C SER L 65 -1.45 -45.54 -20.23
N PRO L 66 -0.44 -44.77 -20.64
CA PRO L 66 0.50 -45.29 -21.65
C PRO L 66 1.42 -46.38 -21.14
N THR L 67 1.61 -46.49 -19.83
CA THR L 67 2.60 -47.40 -19.25
C THR L 67 1.98 -48.78 -19.09
N LYS L 68 2.04 -49.55 -20.17
CA LYS L 68 1.71 -50.98 -20.19
C LYS L 68 0.25 -51.22 -19.78
N LEU L 69 -0.66 -50.60 -20.51
CA LEU L 69 -2.09 -50.87 -20.34
C LEU L 69 -2.71 -51.36 -21.64
N ASN L 70 -2.07 -52.32 -22.30
CA ASN L 70 -2.64 -53.00 -23.46
C ASN L 70 -3.52 -54.18 -23.09
N ASP L 71 -3.81 -54.39 -21.80
CA ASP L 71 -4.71 -55.45 -21.39
C ASP L 71 -6.18 -55.05 -21.50
N LEU L 72 -6.56 -54.47 -22.63
CA LEU L 72 -7.94 -54.07 -22.88
C LEU L 72 -8.34 -54.44 -24.29
N CYS L 73 -9.65 -54.56 -24.51
CA CYS L 73 -10.20 -54.98 -25.80
C CYS L 73 -11.20 -53.93 -26.29
N PHE L 74 -10.83 -53.21 -27.33
CA PHE L 74 -11.70 -52.22 -27.96
C PHE L 74 -12.25 -52.76 -29.28
N THR L 75 -13.34 -52.15 -29.73
CA THR L 75 -13.98 -52.61 -30.97
C THR L 75 -13.11 -52.32 -32.19
N ASN L 76 -12.65 -51.07 -32.35
CA ASN L 76 -11.83 -50.71 -33.49
C ASN L 76 -10.70 -49.78 -33.05
N VAL L 77 -9.65 -49.70 -33.87
CA VAL L 77 -8.54 -48.79 -33.62
C VAL L 77 -8.29 -47.98 -34.88
N TYR L 78 -8.49 -46.67 -34.81
CA TYR L 78 -8.35 -45.79 -35.95
C TYR L 78 -7.07 -44.96 -35.84
N ALA L 79 -6.27 -44.96 -36.90
CA ALA L 79 -5.02 -44.21 -36.94
C ALA L 79 -5.15 -43.09 -37.96
N ASP L 80 -5.15 -41.85 -37.48
CA ASP L 80 -5.17 -40.67 -38.35
C ASP L 80 -3.75 -40.14 -38.50
N SER L 81 -3.32 -39.97 -39.73
CA SER L 81 -1.95 -39.57 -40.04
C SER L 81 -1.96 -38.31 -40.90
N PHE L 82 -1.05 -37.39 -40.59
CA PHE L 82 -0.92 -36.16 -41.36
C PHE L 82 0.42 -35.50 -41.02
N VAL L 83 0.63 -34.30 -41.55
CA VAL L 83 1.88 -33.55 -41.41
C VAL L 83 1.55 -32.09 -41.11
N ILE L 84 2.20 -31.53 -40.09
CA ILE L 84 2.05 -30.11 -39.75
C ILE L 84 3.44 -29.55 -39.46
N ARG L 85 3.54 -28.39 -38.84
CA ARG L 85 4.83 -27.90 -38.36
C ARG L 85 4.90 -28.02 -36.84
N GLY L 86 6.10 -27.79 -36.30
CA GLY L 86 6.31 -27.93 -34.88
C GLY L 86 5.46 -26.97 -34.06
N ASP L 87 5.41 -25.70 -34.47
CA ASP L 87 4.60 -24.69 -33.79
C ASP L 87 3.20 -25.17 -33.47
N GLU L 88 2.68 -26.12 -34.25
CA GLU L 88 1.28 -26.53 -34.19
C GLU L 88 1.07 -27.84 -33.46
N VAL L 89 2.14 -28.53 -33.05
CA VAL L 89 1.99 -29.86 -32.47
C VAL L 89 1.16 -29.81 -31.20
N ARG L 90 1.31 -28.74 -30.42
CA ARG L 90 0.52 -28.58 -29.20
C ARG L 90 -0.97 -28.55 -29.45
N GLN L 91 -1.40 -28.25 -30.68
CA GLN L 91 -2.82 -28.14 -31.00
C GLN L 91 -3.52 -29.49 -31.18
N ILE L 92 -2.76 -30.58 -31.33
CA ILE L 92 -3.36 -31.90 -31.47
C ILE L 92 -3.51 -32.50 -30.09
N ALA L 93 -4.42 -31.93 -29.29
CA ALA L 93 -4.62 -32.34 -27.91
C ALA L 93 -6.04 -31.97 -27.51
N PRO L 94 -6.59 -32.60 -26.47
CA PRO L 94 -7.94 -32.24 -26.03
C PRO L 94 -8.00 -30.79 -25.55
N GLY L 95 -9.08 -30.10 -25.94
CA GLY L 95 -9.33 -28.75 -25.50
C GLY L 95 -8.26 -27.75 -25.91
N GLN L 96 -7.95 -27.71 -27.21
CA GLN L 96 -6.98 -26.77 -27.75
C GLN L 96 -7.59 -26.04 -28.93
N THR L 97 -7.30 -24.74 -29.04
CA THR L 97 -7.78 -23.91 -30.14
C THR L 97 -6.60 -23.35 -30.92
N GLY L 98 -6.88 -22.89 -32.14
CA GLY L 98 -5.85 -22.43 -33.05
C GLY L 98 -6.18 -22.80 -34.48
N LYS L 99 -5.42 -22.31 -35.46
CA LYS L 99 -5.73 -22.57 -36.86
C LYS L 99 -5.93 -24.06 -37.13
N ILE L 100 -5.02 -24.90 -36.63
CA ILE L 100 -5.11 -26.33 -36.90
C ILE L 100 -6.35 -26.92 -36.26
N ALA L 101 -6.53 -26.69 -34.96
CA ALA L 101 -7.68 -27.26 -34.28
C ALA L 101 -9.00 -26.68 -34.79
N ASP L 102 -9.01 -25.36 -35.06
CA ASP L 102 -10.25 -24.72 -35.50
C ASP L 102 -10.66 -25.16 -36.91
N TYR L 103 -9.68 -25.32 -37.81
CA TYR L 103 -9.99 -25.44 -39.23
C TYR L 103 -9.44 -26.71 -39.89
N ASN L 104 -8.74 -27.58 -39.17
CA ASN L 104 -8.01 -28.65 -39.84
C ASN L 104 -8.21 -30.03 -39.24
N TYR L 105 -8.02 -30.17 -37.93
CA TYR L 105 -8.18 -31.47 -37.27
C TYR L 105 -8.43 -31.19 -35.80
N LYS L 106 -9.56 -31.68 -35.27
CA LYS L 106 -9.94 -31.42 -33.90
C LYS L 106 -10.20 -32.73 -33.16
N LEU L 107 -9.73 -32.79 -31.90
CA LEU L 107 -9.93 -33.87 -30.95
C LEU L 107 -10.95 -33.45 -29.89
N PRO L 108 -11.85 -34.35 -29.50
CA PRO L 108 -12.85 -34.00 -28.48
C PRO L 108 -12.21 -33.84 -27.11
N ASP L 109 -12.91 -33.12 -26.24
CA ASP L 109 -12.40 -32.95 -24.88
C ASP L 109 -12.36 -34.27 -24.13
N ASP L 110 -13.28 -35.18 -24.45
CA ASP L 110 -13.30 -36.54 -23.90
C ASP L 110 -12.45 -37.50 -24.71
N PHE L 111 -11.24 -37.10 -25.10
CA PHE L 111 -10.40 -37.92 -25.96
C PHE L 111 -9.72 -39.00 -25.13
N THR L 112 -9.94 -40.26 -25.51
CA THR L 112 -9.30 -41.41 -24.87
C THR L 112 -8.49 -42.14 -25.94
N GLY L 113 -7.29 -41.66 -26.18
CA GLY L 113 -6.43 -42.22 -27.21
C GLY L 113 -4.99 -41.81 -26.99
N CYS L 114 -4.22 -41.78 -28.07
CA CYS L 114 -2.82 -41.37 -27.99
C CYS L 114 -2.47 -40.52 -29.19
N VAL L 115 -1.47 -39.66 -29.02
CA VAL L 115 -0.97 -38.79 -30.06
C VAL L 115 0.54 -38.95 -30.13
N ILE L 116 1.05 -39.29 -31.30
CA ILE L 116 2.46 -39.54 -31.54
C ILE L 116 2.91 -38.59 -32.65
N ALA L 117 4.07 -37.97 -32.46
CA ALA L 117 4.58 -37.03 -33.45
C ALA L 117 6.09 -37.11 -33.48
N TRP L 118 6.65 -37.06 -34.68
CA TRP L 118 8.10 -37.05 -34.84
C TRP L 118 8.50 -36.09 -35.96
N ASN L 119 9.72 -35.56 -35.84
CA ASN L 119 10.24 -34.61 -36.82
C ASN L 119 10.55 -35.30 -38.13
N SER L 120 10.22 -34.64 -39.23
CA SER L 120 10.50 -35.19 -40.57
C SER L 120 11.17 -34.13 -41.44
N ASN L 121 12.03 -33.32 -40.86
CA ASN L 121 12.77 -32.33 -41.64
C ASN L 121 13.69 -33.00 -42.65
N ASN L 122 14.19 -34.18 -42.31
CA ASN L 122 15.05 -34.94 -43.22
C ASN L 122 14.29 -35.52 -44.40
N LEU L 123 12.96 -35.62 -44.31
CA LEU L 123 12.17 -36.25 -45.35
C LEU L 123 11.18 -35.31 -46.05
N ASP L 124 10.72 -34.25 -45.39
CA ASP L 124 9.69 -33.39 -45.96
C ASP L 124 10.17 -31.96 -46.22
N SER L 125 11.46 -31.69 -46.08
CA SER L 125 12.03 -30.41 -46.47
C SER L 125 12.68 -30.54 -47.85
N LYS L 126 12.84 -29.39 -48.51
CA LYS L 126 13.49 -29.33 -49.81
C LYS L 126 14.10 -27.95 -49.97
N VAL L 127 15.32 -27.90 -50.49
CA VAL L 127 16.01 -26.62 -50.64
C VAL L 127 15.19 -25.70 -51.53
N GLY L 128 15.07 -24.44 -51.12
CA GLY L 128 14.19 -23.50 -51.77
C GLY L 128 12.74 -23.60 -51.37
N GLY L 129 12.32 -24.73 -50.82
CA GLY L 129 10.97 -24.89 -50.31
C GLY L 129 10.27 -26.13 -50.82
N ASN L 130 9.51 -26.78 -49.94
CA ASN L 130 8.58 -27.85 -50.29
C ASN L 130 7.17 -27.34 -49.99
N TYR L 131 6.37 -27.16 -51.04
CA TYR L 131 5.03 -26.61 -50.91
C TYR L 131 3.95 -27.65 -51.21
N ASN L 132 4.27 -28.94 -51.02
CA ASN L 132 3.29 -29.99 -51.23
C ASN L 132 2.34 -30.17 -50.06
N TYR L 133 2.72 -29.76 -48.85
CA TYR L 133 1.85 -29.88 -47.69
C TYR L 133 0.99 -28.64 -47.53
N LEU L 134 -0.33 -28.85 -47.44
CA LEU L 134 -1.30 -27.77 -47.35
C LEU L 134 -1.97 -27.76 -45.98
N TYR L 135 -2.53 -26.60 -45.63
CA TYR L 135 -3.32 -26.41 -44.43
C TYR L 135 -4.45 -25.45 -44.77
N ARG L 136 -5.58 -25.60 -44.07
CA ARG L 136 -6.70 -24.70 -44.27
C ARG L 136 -6.51 -23.43 -43.44
N LEU L 137 -6.69 -22.28 -44.07
CA LEU L 137 -6.52 -20.99 -43.42
C LEU L 137 -7.83 -20.33 -43.05
N PHE L 138 -8.88 -20.52 -43.84
CA PHE L 138 -10.18 -19.91 -43.60
C PHE L 138 -11.25 -20.97 -43.46
N ARG L 139 -12.20 -20.73 -42.56
CA ARG L 139 -13.41 -21.53 -42.50
C ARG L 139 -14.47 -20.75 -41.74
N LYS L 140 -15.72 -20.84 -42.20
CA LYS L 140 -16.82 -20.10 -41.59
C LYS L 140 -17.14 -20.61 -40.18
N SER L 141 -16.88 -21.88 -39.91
CA SER L 141 -17.13 -22.47 -38.60
C SER L 141 -15.99 -23.41 -38.24
N ASN L 142 -15.92 -23.78 -36.96
CA ASN L 142 -14.91 -24.74 -36.55
C ASN L 142 -15.37 -26.16 -36.78
N LEU L 143 -14.40 -27.07 -36.84
CA LEU L 143 -14.67 -28.47 -37.15
C LEU L 143 -15.23 -29.18 -35.93
N LYS L 144 -16.26 -29.98 -36.16
CA LYS L 144 -16.69 -30.91 -35.13
C LYS L 144 -15.58 -31.95 -34.92
N PRO L 145 -15.50 -32.53 -33.72
CA PRO L 145 -14.45 -33.54 -33.47
C PRO L 145 -14.43 -34.63 -34.54
N PHE L 146 -13.23 -34.93 -35.02
CA PHE L 146 -12.96 -35.94 -36.03
C PHE L 146 -13.60 -35.61 -37.38
N GLU L 147 -14.03 -34.37 -37.59
CA GLU L 147 -14.51 -33.99 -38.91
C GLU L 147 -13.33 -33.82 -39.86
N ARG L 148 -13.61 -33.94 -41.16
CA ARG L 148 -12.62 -33.76 -42.21
C ARG L 148 -13.24 -32.91 -43.30
N ASP L 149 -12.54 -31.86 -43.73
CA ASP L 149 -13.02 -30.96 -44.77
C ASP L 149 -12.07 -30.98 -45.95
N ILE L 150 -12.64 -31.11 -47.15
CA ILE L 150 -11.91 -31.02 -48.41
C ILE L 150 -12.38 -29.85 -49.26
N SER L 151 -13.38 -29.10 -48.81
CA SER L 151 -14.02 -28.10 -49.66
C SER L 151 -13.05 -26.97 -49.97
N THR L 152 -12.80 -26.74 -51.26
CA THR L 152 -11.97 -25.64 -51.72
C THR L 152 -12.83 -24.47 -52.21
N GLU L 153 -13.74 -24.01 -51.36
CA GLU L 153 -14.65 -22.93 -51.69
C GLU L 153 -14.05 -21.59 -51.33
N ILE L 154 -14.21 -20.60 -52.23
CA ILE L 154 -13.63 -19.30 -51.98
C ILE L 154 -14.23 -18.71 -50.72
N TYR L 155 -13.37 -18.39 -49.75
CA TYR L 155 -13.82 -17.84 -48.48
C TYR L 155 -14.19 -16.37 -48.67
N GLN L 156 -15.35 -15.99 -48.16
CA GLN L 156 -15.80 -14.60 -48.23
C GLN L 156 -15.38 -13.88 -46.95
N ALA L 157 -14.41 -12.98 -47.07
CA ALA L 157 -14.00 -12.13 -45.96
C ALA L 157 -14.61 -10.74 -46.04
N GLY L 158 -15.33 -10.43 -47.11
CA GLY L 158 -15.95 -9.12 -47.24
C GLY L 158 -17.45 -9.18 -47.35
N SER L 159 -18.06 -8.09 -47.80
CA SER L 159 -19.52 -8.00 -47.90
C SER L 159 -20.05 -8.51 -49.23
N THR L 160 -19.20 -8.60 -50.25
CA THR L 160 -19.68 -9.03 -51.55
C THR L 160 -19.37 -10.51 -51.76
N PRO L 161 -20.29 -11.26 -52.38
CA PRO L 161 -20.04 -12.69 -52.57
C PRO L 161 -18.92 -12.92 -53.58
N CYS L 162 -18.36 -14.12 -53.51
CA CYS L 162 -17.21 -14.50 -54.32
C CYS L 162 -17.60 -15.05 -55.68
N ASN L 163 -18.66 -15.86 -55.73
CA ASN L 163 -19.13 -16.47 -56.96
C ASN L 163 -18.08 -17.39 -57.57
N GLY L 164 -17.30 -18.07 -56.72
CA GLY L 164 -16.34 -19.05 -57.16
C GLY L 164 -15.00 -18.51 -57.59
N VAL L 165 -14.86 -17.22 -57.78
CA VAL L 165 -13.65 -16.63 -58.32
C VAL L 165 -12.85 -16.00 -57.19
N GLU L 166 -11.53 -16.22 -57.22
CA GLU L 166 -10.63 -15.51 -56.32
C GLU L 166 -10.55 -14.04 -56.73
N GLY L 167 -10.46 -13.16 -55.74
CA GLY L 167 -10.38 -11.75 -56.03
C GLY L 167 -10.33 -10.94 -54.77
N PHE L 168 -10.63 -9.66 -54.92
CA PHE L 168 -10.70 -8.71 -53.82
C PHE L 168 -11.57 -9.24 -52.68
N ASN L 169 -10.95 -9.51 -51.53
CA ASN L 169 -11.66 -10.00 -50.34
C ASN L 169 -12.33 -11.34 -50.59
N CYS L 170 -11.70 -12.19 -51.40
CA CYS L 170 -12.23 -13.52 -51.72
C CYS L 170 -11.06 -14.48 -51.91
N TYR L 171 -10.59 -15.03 -50.79
CA TYR L 171 -9.32 -15.74 -50.72
C TYR L 171 -9.52 -17.25 -50.76
N PHE L 172 -8.61 -17.93 -51.44
CA PHE L 172 -8.66 -19.38 -51.54
C PHE L 172 -8.38 -20.01 -50.17
N PRO L 173 -9.24 -20.90 -49.68
CA PRO L 173 -9.12 -21.35 -48.28
C PRO L 173 -7.86 -22.13 -47.96
N LEU L 174 -7.38 -22.98 -48.88
CA LEU L 174 -6.21 -23.80 -48.61
C LEU L 174 -4.93 -23.02 -48.95
N GLN L 175 -3.94 -23.13 -48.07
CA GLN L 175 -2.66 -22.48 -48.26
C GLN L 175 -1.54 -23.47 -47.99
N SER L 176 -0.32 -23.08 -48.33
CA SER L 176 0.81 -24.00 -48.42
C SER L 176 1.82 -23.76 -47.31
N TYR L 177 2.37 -24.86 -46.79
CA TYR L 177 3.52 -24.81 -45.89
C TYR L 177 4.80 -24.59 -46.68
N GLY L 178 5.72 -23.82 -46.11
CA GLY L 178 6.98 -23.56 -46.78
C GLY L 178 8.15 -24.22 -46.09
N PHE L 179 8.33 -25.53 -46.31
CA PHE L 179 9.31 -26.34 -45.60
C PHE L 179 10.65 -26.30 -46.31
N GLN L 180 11.51 -25.43 -45.86
CA GLN L 180 12.91 -25.35 -46.24
C GLN L 180 13.76 -26.06 -45.19
N PRO L 181 14.86 -26.71 -45.59
CA PRO L 181 15.67 -27.43 -44.60
C PRO L 181 16.34 -26.54 -43.58
N THR L 182 16.71 -25.31 -43.93
CA THR L 182 17.35 -24.39 -42.99
C THR L 182 16.35 -23.56 -42.20
N ASN L 183 15.29 -24.19 -41.73
CA ASN L 183 14.29 -23.53 -40.89
C ASN L 183 14.53 -23.84 -39.42
N GLY L 184 14.01 -22.96 -38.56
CA GLY L 184 13.97 -23.24 -37.14
C GLY L 184 13.06 -24.42 -36.84
N VAL L 185 13.20 -24.91 -35.60
CA VAL L 185 12.53 -26.16 -35.22
C VAL L 185 11.02 -26.02 -35.30
N GLY L 186 10.46 -24.92 -34.80
CA GLY L 186 9.02 -24.75 -34.86
C GLY L 186 8.47 -24.58 -36.27
N TYR L 187 9.34 -24.30 -37.25
CA TYR L 187 8.93 -24.13 -38.65
C TYR L 187 9.23 -25.35 -39.49
N GLN L 188 9.67 -26.45 -38.89
CA GLN L 188 10.03 -27.67 -39.60
C GLN L 188 8.88 -28.67 -39.59
N PRO L 189 8.83 -29.57 -40.57
CA PRO L 189 7.69 -30.49 -40.67
C PRO L 189 7.76 -31.60 -39.63
N TYR L 190 6.59 -31.93 -39.10
CA TYR L 190 6.41 -33.02 -38.16
C TYR L 190 5.27 -33.92 -38.64
N ARG L 191 5.52 -35.22 -38.59
CA ARG L 191 4.50 -36.21 -38.93
C ARG L 191 3.78 -36.64 -37.66
N VAL L 192 2.45 -36.70 -37.73
CA VAL L 192 1.60 -36.92 -36.57
C VAL L 192 0.66 -38.08 -36.87
N VAL L 193 0.55 -38.99 -35.90
CA VAL L 193 -0.36 -40.13 -35.94
C VAL L 193 -1.15 -40.14 -34.65
N VAL L 194 -2.47 -40.10 -34.76
CA VAL L 194 -3.38 -40.12 -33.62
C VAL L 194 -4.10 -41.46 -33.62
N LEU L 195 -4.02 -42.15 -32.49
CA LEU L 195 -4.62 -43.46 -32.31
C LEU L 195 -5.87 -43.30 -31.46
N SER L 196 -7.02 -43.69 -32.00
CA SER L 196 -8.29 -43.63 -31.30
C SER L 196 -8.81 -45.04 -31.09
N PHE L 197 -9.36 -45.29 -29.90
CA PHE L 197 -9.86 -46.60 -29.50
C PHE L 197 -11.37 -46.52 -29.37
N GLU L 198 -12.09 -47.23 -30.23
CA GLU L 198 -13.55 -47.26 -30.20
C GLU L 198 -14.01 -48.55 -29.54
N LEU L 199 -14.82 -48.42 -28.49
CA LEU L 199 -15.40 -49.54 -27.76
C LEU L 199 -16.92 -49.39 -27.82
N LEU L 200 -17.52 -49.94 -28.87
CA LEU L 200 -18.97 -49.96 -29.03
C LEU L 200 -19.54 -51.26 -28.47
N HIS L 201 -20.87 -51.39 -28.53
CA HIS L 201 -21.56 -52.63 -28.18
C HIS L 201 -21.42 -53.64 -29.32
N ALA L 202 -20.18 -54.07 -29.52
CA ALA L 202 -19.81 -54.93 -30.63
C ALA L 202 -18.74 -55.90 -30.14
N PRO L 203 -18.51 -57.00 -30.88
CA PRO L 203 -17.44 -57.94 -30.48
C PRO L 203 -16.07 -57.28 -30.44
N ALA L 204 -15.55 -57.04 -29.24
CA ALA L 204 -14.22 -56.46 -29.12
C ALA L 204 -13.17 -57.49 -29.51
N THR L 205 -12.37 -57.15 -30.52
CA THR L 205 -11.42 -58.08 -31.12
C THR L 205 -9.98 -57.61 -31.09
N VAL L 206 -9.73 -56.33 -30.89
CA VAL L 206 -8.38 -55.79 -30.87
C VAL L 206 -7.96 -55.67 -29.42
N CYS L 207 -7.10 -56.60 -28.98
CA CYS L 207 -6.58 -56.63 -27.62
C CYS L 207 -5.06 -56.70 -27.69
N GLY L 208 -4.42 -56.71 -26.53
CA GLY L 208 -2.98 -56.77 -26.44
C GLY L 208 -2.43 -58.17 -26.59
C1 NAG M . -50.38 -40.97 -13.24
C2 NAG M . -50.27 -42.32 -13.96
C3 NAG M . -51.09 -42.33 -15.25
C4 NAG M . -52.54 -41.89 -14.96
C5 NAG M . -52.54 -40.54 -14.28
C6 NAG M . -53.92 -40.06 -13.90
C7 NAG M . -48.08 -41.99 -15.04
C8 NAG M . -46.68 -42.53 -15.19
N2 NAG M . -48.89 -42.68 -14.23
O3 NAG M . -51.08 -43.63 -15.80
O4 NAG M . -53.27 -41.82 -16.17
O5 NAG M . -51.78 -40.61 -13.07
O6 NAG M . -54.92 -40.66 -14.71
O7 NAG M . -48.43 -40.97 -15.62
C1 NAG N . 46.74 42.20 3.32
C2 NAG N . 45.63 43.19 2.95
C3 NAG N . 45.37 43.14 1.45
C4 NAG N . 46.65 43.38 0.67
C5 NAG N . 47.73 42.40 1.12
C6 NAG N . 49.08 42.67 0.49
C7 NAG N . 44.11 43.56 4.83
C8 NAG N . 42.81 43.17 5.48
N2 NAG N . 44.41 42.92 3.70
O3 NAG N . 44.39 44.12 1.10
O4 NAG N . 46.42 43.23 -0.72
O5 NAG N . 47.92 42.50 2.54
O6 NAG N . 50.10 42.84 1.45
O7 NAG N . 44.84 44.42 5.31
C1 NAG O . -6.38 47.69 49.15
C2 NAG O . -5.07 48.14 49.80
C3 NAG O . -5.09 47.86 51.30
C4 NAG O . -6.32 48.50 51.94
C5 NAG O . -7.59 48.05 51.23
C6 NAG O . -8.84 48.73 51.74
C7 NAG O . -3.37 47.89 48.03
C8 NAG O . -2.21 47.09 47.54
N2 NAG O . -3.93 47.48 49.18
O3 NAG O . -3.91 48.38 51.91
O4 NAG O . -6.39 48.15 53.32
O5 NAG O . -7.50 48.33 49.83
O6 NAG O . -10.02 48.11 51.24
O7 NAG O . -3.81 48.86 47.41
C1 NAG P . 10.36 -49.04 -38.72
C2 NAG P . 9.92 -49.95 -37.57
C3 NAG P . 11.04 -50.07 -36.53
C4 NAG P . 12.33 -50.54 -37.21
C5 NAG P . 12.69 -49.60 -38.37
C6 NAG P . 13.90 -50.06 -39.14
C7 NAG P . 7.50 -49.99 -37.19
C8 NAG P . 6.35 -49.36 -36.46
N2 NAG P . 8.71 -49.46 -36.96
O3 NAG P . 10.65 -51.00 -35.52
O4 NAG P . 13.40 -50.56 -36.27
O5 NAG P . 11.60 -49.53 -39.29
O6 NAG P . 15.00 -50.29 -38.27
O7 NAG P . 7.35 -50.94 -37.94
#